data_2QAD
#
_entry.id   2QAD
#
_cell.length_a   109.600
_cell.length_b   53.021
_cell.length_c   225.326
_cell.angle_alpha   90.00
_cell.angle_beta   104.64
_cell.angle_gamma   90.00
#
_symmetry.space_group_name_H-M   'P 1 21 1'
#
loop_
_entity.id
_entity.type
_entity.pdbx_description
1 polymer 'Envelope glycoprotein gp160'
2 polymer 'T-cell surface glycoprotein CD4'
3 polymer 'anti-HIV-1 antibody 412d light chain'
4 polymer 'anti-HIV-1 antibody 412d heavy chain'
5 non-polymer 2-acetamido-2-deoxy-beta-D-glucopyranose
6 non-polymer 'MALONIC ACID'
7 non-polymer 1,2-ETHANEDIOL
#
loop_
_entity_poly.entity_id
_entity_poly.type
_entity_poly.pdbx_seq_one_letter_code
_entity_poly.pdbx_strand_id
1 'polypeptide(L)'
;VTENFNMWKNNMVEQMHEDIISLWDQSLKPCVKLTGGSVITQACPKVSFEPIPIHYCAPAGFAILKCNDKKFNGTGPCTN
VSTVQCTHGIRPVVSTQLLLNGSLAEEEIVIRSENFTNNAKTIIVQLNESVVINCTRPNNNTRKSINIGPGRALYTTGEI
IGDIRQAHCNLSKTQWENTLEQIAIKLKEQFGNNKTIIFNPSSGGDPEIVTHSFNCGGEFFYCNSTQLFTWNDTRKLNNT
GRNITLPCRIKQIINMWQEVGKAMYAPPIRGQIRCSSNITGLLLTRDGGKDTNGTEIFRPGGGDMRDNWRSELYKYKVVK
IE
;
A,E
2 'polypeptide(L)'
;KKVVLGKKGDTVELTCTASQKKSIQFHWKNSNQIKILGNQGSFLTKGPSKLNDRADSRRSLWDQGNFPLIIKNLKIEDSD
TYICEVEDQKEEVQLLVFGLTANSDTHLLQGQSLTLTLESPPGSSPSVQCRSPRGKNIQGGKTLSVSQLELQDSGTWTCT
VLQNQKKVEFKIDIVVLAFQK
;
B,F
3 'polypeptide(L)'
;DIQMTQSPSTLSASVGDRVTITCRASQSISNWLAWYQQKPGRAPKLLMYKASSLKSGVPSRFSGSGSGTEFTLTISSLQS
DDFATYYCQQHDSSPYTFGQGTKLEIKRTVAAPSVFIFPPSDEQLKSGTASVVCLLNNFYPREAKVQWKVDNALQSGNSQ
ESVTEQDSKDSTYSLSSTLTLSKADYEKHKLYACEVTHQGLSSPVTKSFNRGEC
;
C,G
4 'polypeptide(L)'
;EVQLVQSGAEVKKPGSSVKVSCKASGGTFSNYAINWVRQAPGQGLEWMGGIIPIFNIAHYAQRFQGRVSITADESTSTAY
MELSSLRSEDTAVFYCASPYPND(TYS)ND(TYS)APEEGMSWYFDLWGRGTLVTVSPASTKGPSVFPLAPSSKSTSGGT
AALGCLVKDYFPEPVTVSWNSGALTSGVHTFPAVLQSSGLYSLSSVVTVPSSSLGTQTYICNVNHKPSNTKVDKKVEPK
;
D,H
#
# COMPACT_ATOMS: atom_id res chain seq x y z
N THR A 2 40.12 -12.62 42.71
CA THR A 2 39.13 -13.64 42.37
C THR A 2 37.86 -13.01 41.81
N GLU A 3 37.31 -13.63 40.76
CA GLU A 3 36.11 -13.13 40.12
C GLU A 3 35.18 -14.25 39.69
N ASN A 4 34.17 -14.52 40.51
CA ASN A 4 33.24 -15.61 40.27
C ASN A 4 32.17 -15.26 39.24
N PHE A 5 31.91 -16.20 38.33
CA PHE A 5 30.86 -16.05 37.34
C PHE A 5 29.72 -17.02 37.60
N ASN A 6 28.50 -16.59 37.32
CA ASN A 6 27.36 -17.50 37.40
C ASN A 6 26.31 -17.18 36.34
N MET A 7 26.29 -18.00 35.30
CA MET A 7 25.39 -17.79 34.17
C MET A 7 23.93 -18.05 34.51
N TRP A 8 23.69 -18.88 35.53
CA TRP A 8 22.32 -19.25 35.88
C TRP A 8 21.65 -18.24 36.79
N LYS A 9 22.45 -17.55 37.61
CA LYS A 9 21.96 -16.44 38.40
C LYS A 9 22.51 -15.14 37.83
N ASN A 10 22.35 -14.97 36.53
CA ASN A 10 22.75 -13.73 35.85
C ASN A 10 21.59 -12.74 35.87
N ASN A 11 21.86 -11.51 35.47
CA ASN A 11 20.85 -10.48 35.51
C ASN A 11 20.71 -9.77 34.17
N MET A 12 21.69 -9.99 33.30
CA MET A 12 21.58 -9.51 31.92
C MET A 12 20.52 -10.35 31.25
N VAL A 13 20.49 -11.63 31.65
CA VAL A 13 19.55 -12.59 31.09
C VAL A 13 18.11 -12.16 31.33
N GLU A 14 17.85 -11.60 32.50
CA GLU A 14 16.54 -11.08 32.83
C GLU A 14 16.31 -9.73 32.16
N GLN A 15 17.35 -8.93 32.07
CA GLN A 15 17.23 -7.62 31.44
C GLN A 15 16.90 -7.75 29.96
N MET A 16 17.73 -8.51 29.24
CA MET A 16 17.50 -8.76 27.82
C MET A 16 16.13 -9.38 27.54
N HIS A 17 15.73 -10.33 28.37
CA HIS A 17 14.43 -10.97 28.23
C HIS A 17 13.32 -9.93 28.18
N GLU A 18 13.28 -9.06 29.19
CA GLU A 18 12.22 -8.05 29.26
C GLU A 18 12.32 -7.00 28.16
N ASP A 19 13.49 -6.89 27.54
CA ASP A 19 13.68 -5.97 26.44
C ASP A 19 13.18 -6.57 25.12
N ILE A 20 13.61 -7.81 24.84
CA ILE A 20 13.20 -8.53 23.65
C ILE A 20 11.68 -8.70 23.55
N ILE A 21 11.03 -8.92 24.68
CA ILE A 21 9.58 -8.98 24.74
C ILE A 21 9.00 -7.63 24.36
N SER A 22 9.64 -6.57 24.84
CA SER A 22 9.19 -5.22 24.55
C SER A 22 9.29 -4.91 23.06
N LEU A 23 10.27 -5.49 22.38
CA LEU A 23 10.40 -5.29 20.93
C LEU A 23 9.18 -5.84 20.22
N TRP A 24 8.83 -7.07 20.55
CA TRP A 24 7.69 -7.72 19.94
C TRP A 24 6.42 -6.91 20.09
N ASP A 25 6.16 -6.45 21.32
CA ASP A 25 4.91 -5.74 21.59
C ASP A 25 4.91 -4.30 21.05
N GLN A 26 5.60 -4.10 19.94
CA GLN A 26 5.61 -2.82 19.24
C GLN A 26 5.79 -3.06 17.75
N SER A 27 6.27 -4.25 17.40
CA SER A 27 6.63 -4.58 16.02
C SER A 27 5.99 -5.88 15.53
N LEU A 28 4.87 -6.26 16.15
CA LEU A 28 4.27 -7.56 15.87
C LEU A 28 2.94 -7.75 16.60
N LYS A 29 1.90 -7.06 16.14
CA LYS A 29 0.60 -7.08 16.80
C LYS A 29 -0.32 -8.22 16.35
N PRO A 30 -0.87 -8.96 17.32
CA PRO A 30 -1.77 -10.10 17.11
C PRO A 30 -3.17 -9.62 16.81
N CYS A 31 -3.91 -10.44 16.07
CA CYS A 31 -5.27 -10.12 15.64
C CYS A 31 -6.24 -10.29 16.79
N VAL A 32 -5.76 -10.95 17.84
CA VAL A 32 -6.52 -11.17 19.04
C VAL A 32 -5.64 -11.90 20.05
N LYS A 33 -5.48 -11.30 21.23
CA LYS A 33 -4.69 -11.91 22.29
C LYS A 33 -5.61 -12.32 23.41
N LEU A 34 -5.25 -13.38 24.10
CA LEU A 34 -6.07 -13.93 25.18
C LEU A 34 -5.27 -14.08 26.46
N THR A 35 -5.32 -13.06 27.31
CA THR A 35 -4.60 -13.08 28.57
C THR A 35 -5.45 -12.58 29.72
N GLY A 36 -5.32 -13.25 30.86
CA GLY A 36 -6.06 -12.88 32.06
C GLY A 36 -7.56 -12.95 31.85
N GLY A 37 -8.00 -13.97 31.13
CA GLY A 37 -9.41 -14.19 30.92
C GLY A 37 -10.03 -13.26 29.89
N SER A 38 -9.82 -11.96 30.07
CA SER A 38 -10.35 -10.96 29.13
C SER A 38 -9.70 -11.07 27.77
N VAL A 39 -10.43 -10.70 26.73
CA VAL A 39 -9.92 -10.87 25.37
C VAL A 39 -10.02 -9.58 24.53
N ILE A 40 -8.95 -9.31 23.77
CA ILE A 40 -8.87 -8.14 22.91
C ILE A 40 -8.62 -8.57 21.47
N THR A 41 -9.39 -8.01 20.54
CA THR A 41 -9.19 -8.27 19.12
C THR A 41 -8.88 -6.99 18.39
N GLN A 42 -7.93 -7.04 17.48
CA GLN A 42 -7.57 -5.87 16.70
C GLN A 42 -7.10 -6.26 15.30
N ALA A 43 -7.21 -5.33 14.36
CA ALA A 43 -6.68 -5.54 13.02
C ALA A 43 -5.20 -5.86 13.11
N CYS A 44 -4.71 -6.67 12.17
CA CYS A 44 -3.32 -7.14 12.22
C CYS A 44 -2.63 -7.17 10.87
N PRO A 45 -2.22 -6.00 10.38
CA PRO A 45 -1.55 -5.92 9.09
C PRO A 45 -0.29 -6.76 9.06
N LYS A 46 -0.23 -7.75 8.17
CA LYS A 46 0.94 -8.63 8.11
C LYS A 46 2.23 -7.84 7.87
N VAL A 47 3.30 -8.23 8.56
CA VAL A 47 4.59 -7.58 8.40
C VAL A 47 5.72 -8.60 8.42
N SER A 48 6.79 -8.32 7.69
CA SER A 48 7.94 -9.21 7.60
C SER A 48 8.92 -8.98 8.74
N PHE A 49 8.63 -9.61 9.87
CA PHE A 49 9.50 -9.55 11.04
C PHE A 49 10.74 -10.40 10.79
N GLU A 50 11.92 -9.85 11.11
CA GLU A 50 13.17 -10.58 10.94
C GLU A 50 14.13 -10.37 12.12
N PRO A 51 14.71 -11.47 12.65
CA PRO A 51 15.66 -11.45 13.76
C PRO A 51 16.83 -10.49 13.49
N ILE A 52 16.81 -9.36 14.18
CA ILE A 52 17.77 -8.28 13.95
C ILE A 52 18.75 -8.15 15.12
N PRO A 53 20.06 -8.32 14.83
CA PRO A 53 21.20 -8.32 15.75
C PRO A 53 21.11 -7.31 16.89
N ILE A 54 21.67 -7.68 18.05
CA ILE A 54 21.55 -6.87 19.26
C ILE A 54 22.85 -6.85 20.04
N HIS A 55 23.20 -5.67 20.56
CA HIS A 55 24.35 -5.55 21.43
C HIS A 55 23.88 -5.16 22.81
N TYR A 56 24.21 -5.96 23.81
CA TYR A 56 23.92 -5.60 25.19
C TYR A 56 24.95 -4.60 25.68
N CYS A 57 24.48 -3.45 26.14
CA CYS A 57 25.37 -2.37 26.53
C CYS A 57 25.06 -1.84 27.93
N ALA A 58 26.03 -1.99 28.82
CA ALA A 58 25.95 -1.46 30.17
C ALA A 58 25.82 0.06 30.13
N PRO A 59 25.16 0.65 31.13
CA PRO A 59 24.93 2.09 31.21
C PRO A 59 26.17 2.86 31.65
N ALA A 60 26.07 4.19 31.65
CA ALA A 60 27.16 5.06 32.03
C ALA A 60 27.68 4.72 33.41
N GLY A 61 28.91 4.21 33.47
CA GLY A 61 29.53 3.92 34.74
C GLY A 61 29.71 2.44 35.01
N PHE A 62 29.23 1.60 34.09
CA PHE A 62 29.35 0.16 34.25
C PHE A 62 30.11 -0.47 33.09
N ALA A 63 30.62 -1.67 33.32
CA ALA A 63 31.35 -2.40 32.29
C ALA A 63 30.95 -3.86 32.28
N ILE A 64 31.02 -4.48 31.12
CA ILE A 64 30.76 -5.90 30.99
C ILE A 64 32.09 -6.63 30.95
N LEU A 65 32.10 -7.87 31.42
CA LEU A 65 33.33 -8.65 31.47
C LEU A 65 33.19 -9.97 30.74
N LYS A 66 34.03 -10.16 29.72
CA LYS A 66 34.02 -11.38 28.94
C LYS A 66 35.11 -12.31 29.44
N CYS A 67 34.76 -13.58 29.63
CA CYS A 67 35.74 -14.59 30.03
C CYS A 67 36.15 -15.42 28.82
N ASN A 68 37.42 -15.35 28.46
CA ASN A 68 37.91 -16.08 27.30
C ASN A 68 38.80 -17.27 27.67
N ASP A 69 38.18 -18.27 28.29
CA ASP A 69 38.88 -19.49 28.67
C ASP A 69 38.36 -20.70 27.89
N LYS A 70 39.28 -21.50 27.38
CA LYS A 70 38.92 -22.71 26.64
C LYS A 70 38.23 -23.71 27.55
N LYS A 71 37.10 -24.25 27.08
CA LYS A 71 36.28 -25.16 27.88
C LYS A 71 35.90 -24.53 29.22
N PHE A 72 35.03 -23.53 29.16
CA PHE A 72 34.61 -22.80 30.34
C PHE A 72 33.48 -23.50 31.07
N ASN A 73 33.61 -23.63 32.40
CA ASN A 73 32.59 -24.25 33.22
C ASN A 73 31.22 -23.63 32.99
N GLY A 74 31.20 -22.33 32.75
CA GLY A 74 29.97 -21.57 32.62
C GLY A 74 29.71 -20.85 33.92
N THR A 75 30.38 -21.33 34.97
CA THR A 75 30.23 -20.78 36.30
C THR A 75 31.53 -21.06 37.08
N GLY A 76 31.89 -20.15 37.98
CA GLY A 76 33.12 -20.30 38.73
C GLY A 76 34.22 -19.41 38.19
N PRO A 77 35.07 -18.88 39.08
CA PRO A 77 36.16 -17.94 38.79
C PRO A 77 36.90 -18.22 37.48
N CYS A 78 37.04 -17.18 36.66
CA CYS A 78 37.78 -17.25 35.40
C CYS A 78 39.14 -16.61 35.62
N THR A 79 40.07 -16.81 34.68
CA THR A 79 41.42 -16.28 34.83
C THR A 79 41.79 -15.29 33.73
N ASN A 80 41.43 -15.61 32.49
CA ASN A 80 41.71 -14.75 31.35
C ASN A 80 40.53 -13.87 30.96
N VAL A 81 40.08 -13.04 31.90
CA VAL A 81 38.94 -12.16 31.69
C VAL A 81 39.35 -10.88 30.95
N SER A 82 38.37 -10.18 30.40
CA SER A 82 38.62 -8.93 29.68
C SER A 82 37.41 -8.01 29.81
N THR A 83 37.65 -6.71 29.78
CA THR A 83 36.56 -5.75 29.89
C THR A 83 36.07 -5.35 28.52
N VAL A 84 34.80 -4.97 28.45
CA VAL A 84 34.20 -4.46 27.22
C VAL A 84 33.25 -3.34 27.58
N GLN A 85 32.46 -2.91 26.60
CA GLN A 85 31.43 -1.92 26.83
C GLN A 85 30.12 -2.53 26.37
N CYS A 86 30.16 -3.18 25.21
CA CYS A 86 28.99 -3.87 24.65
C CYS A 86 29.35 -5.30 24.24
N THR A 87 28.34 -6.15 24.13
CA THR A 87 28.54 -7.53 23.72
C THR A 87 28.52 -7.68 22.20
N HIS A 88 29.26 -8.66 21.69
CA HIS A 88 29.26 -8.93 20.26
C HIS A 88 27.83 -9.22 19.81
N GLY A 89 27.44 -8.69 18.65
CA GLY A 89 26.08 -8.83 18.14
C GLY A 89 25.49 -10.21 18.31
N ILE A 90 24.26 -10.25 18.82
CA ILE A 90 23.57 -11.51 19.06
C ILE A 90 22.26 -11.50 18.28
N ARG A 91 21.86 -12.66 17.76
CA ARG A 91 20.57 -12.78 17.10
C ARG A 91 19.54 -13.40 18.04
N PRO A 92 18.50 -12.61 18.39
CA PRO A 92 17.43 -12.99 19.31
C PRO A 92 16.47 -14.02 18.73
N VAL A 93 16.94 -15.26 18.62
CA VAL A 93 16.14 -16.32 18.03
C VAL A 93 15.20 -16.96 19.05
N VAL A 94 13.90 -16.67 18.92
CA VAL A 94 12.89 -17.30 19.75
C VAL A 94 12.47 -18.65 19.14
N SER A 95 12.97 -19.73 19.73
CA SER A 95 12.78 -21.07 19.17
C SER A 95 12.91 -22.12 20.26
N THR A 96 12.35 -23.30 20.01
CA THR A 96 12.43 -24.39 20.98
C THR A 96 13.20 -25.55 20.39
N GLN A 97 13.61 -26.48 21.25
CA GLN A 97 14.31 -27.69 20.85
C GLN A 97 15.67 -27.46 20.18
N LEU A 98 15.78 -26.36 19.43
CA LEU A 98 17.01 -26.05 18.74
C LEU A 98 17.27 -24.55 18.83
N LEU A 99 18.50 -24.20 19.22
CA LEU A 99 18.93 -22.81 19.23
C LEU A 99 19.56 -22.50 17.89
N LEU A 100 19.23 -21.33 17.34
CA LEU A 100 19.62 -21.00 15.98
C LEU A 100 20.47 -19.74 15.88
N ASN A 101 21.25 -19.64 14.81
CA ASN A 101 22.04 -18.45 14.50
C ASN A 101 22.73 -17.86 15.73
N GLY A 102 23.51 -18.70 16.42
CA GLY A 102 24.28 -18.26 17.57
C GLY A 102 25.75 -18.60 17.47
N SER A 103 26.54 -18.17 18.45
CA SER A 103 27.98 -18.45 18.47
C SER A 103 28.28 -19.88 18.91
N LEU A 104 29.38 -20.42 18.39
CA LEU A 104 29.76 -21.82 18.66
C LEU A 104 31.08 -21.92 19.39
N ALA A 105 31.45 -23.16 19.72
CA ALA A 105 32.72 -23.43 20.36
C ALA A 105 33.82 -23.59 19.32
N GLU A 106 35.00 -23.08 19.63
CA GLU A 106 36.12 -23.17 18.72
C GLU A 106 36.69 -24.59 18.70
N GLU A 107 36.68 -25.22 19.86
CA GLU A 107 37.24 -26.57 20.01
C GLU A 107 36.20 -27.65 19.76
N GLU A 108 35.80 -28.33 20.83
CA GLU A 108 34.86 -29.43 20.75
C GLU A 108 33.47 -29.02 21.24
N ILE A 109 32.57 -29.99 21.35
CA ILE A 109 31.23 -29.74 21.86
C ILE A 109 31.29 -29.44 23.35
N VAL A 110 30.39 -28.60 23.83
CA VAL A 110 30.36 -28.24 25.24
C VAL A 110 28.96 -28.34 25.84
N ILE A 111 28.76 -29.34 26.69
CA ILE A 111 27.49 -29.44 27.42
C ILE A 111 27.61 -28.71 28.74
N ARG A 112 26.70 -27.77 28.97
CA ARG A 112 26.65 -27.06 30.25
C ARG A 112 25.30 -27.25 30.89
N SER A 113 25.28 -27.24 32.22
CA SER A 113 24.04 -27.36 32.97
C SER A 113 24.12 -26.64 34.30
N GLU A 114 22.97 -26.43 34.92
CA GLU A 114 22.88 -25.86 36.25
C GLU A 114 23.15 -26.97 37.25
N ASN A 115 22.50 -28.10 37.03
CA ASN A 115 22.72 -29.30 37.84
C ASN A 115 22.58 -30.53 36.95
N PHE A 116 23.68 -31.25 36.74
CA PHE A 116 23.65 -32.44 35.89
C PHE A 116 22.81 -33.53 36.51
N THR A 117 22.96 -33.72 37.81
CA THR A 117 22.28 -34.81 38.52
C THR A 117 20.78 -34.54 38.65
N ASN A 118 20.41 -33.27 38.68
CA ASN A 118 19.01 -32.89 38.66
C ASN A 118 18.43 -33.12 37.27
N ASN A 119 17.52 -34.08 37.16
CA ASN A 119 16.95 -34.42 35.86
C ASN A 119 15.84 -33.47 35.45
N ALA A 120 15.50 -32.53 36.32
CA ALA A 120 14.50 -31.52 36.03
C ALA A 120 15.14 -30.29 35.38
N LYS A 121 16.47 -30.26 35.36
CA LYS A 121 17.21 -29.13 34.79
C LYS A 121 17.68 -29.42 33.37
N THR A 122 17.49 -28.44 32.50
CA THR A 122 17.82 -28.59 31.07
C THR A 122 19.33 -28.61 30.82
N ILE A 123 19.73 -29.21 29.72
CA ILE A 123 21.13 -29.34 29.37
C ILE A 123 21.45 -28.55 28.10
N ILE A 124 22.09 -27.40 28.25
CA ILE A 124 22.49 -26.57 27.12
C ILE A 124 23.66 -27.21 26.38
N VAL A 125 23.40 -27.71 25.19
CA VAL A 125 24.44 -28.32 24.37
C VAL A 125 24.84 -27.35 23.26
N GLN A 126 26.06 -26.82 23.37
CA GLN A 126 26.60 -25.90 22.37
C GLN A 126 27.49 -26.66 21.39
N LEU A 127 27.17 -26.54 20.10
CA LEU A 127 27.92 -27.24 19.06
C LEU A 127 29.21 -26.53 18.69
N ASN A 128 30.14 -27.25 18.10
CA ASN A 128 31.37 -26.66 17.60
C ASN A 128 31.33 -26.51 16.08
N GLU A 129 30.35 -27.14 15.46
CA GLU A 129 30.18 -27.10 14.01
C GLU A 129 28.70 -27.00 13.65
N SER A 130 28.29 -25.83 13.16
CA SER A 130 26.88 -25.57 12.88
C SER A 130 26.32 -26.46 11.77
N VAL A 131 25.18 -27.08 12.05
CA VAL A 131 24.45 -27.87 11.05
C VAL A 131 23.41 -26.98 10.38
N VAL A 132 23.30 -27.08 9.06
CA VAL A 132 22.42 -26.18 8.31
C VAL A 132 21.02 -26.76 8.11
N ILE A 133 20.01 -25.95 8.39
CA ILE A 133 18.61 -26.37 8.22
C ILE A 133 17.88 -25.45 7.22
N ASN A 134 17.17 -26.05 6.28
CA ASN A 134 16.44 -25.29 5.26
C ASN A 134 14.94 -25.47 5.36
N CYS A 135 14.27 -24.48 5.94
CA CYS A 135 12.81 -24.50 6.07
C CYS A 135 12.18 -23.60 5.03
N THR A 136 10.99 -23.96 4.56
CA THR A 136 10.34 -23.24 3.47
C THR A 136 8.89 -23.69 3.24
N ARG A 137 8.00 -22.72 3.05
CA ARG A 137 6.67 -23.03 2.53
C ARG A 137 6.63 -22.82 1.03
N PRO A 138 6.47 -23.91 0.28
CA PRO A 138 6.43 -23.92 -1.18
C PRO A 138 5.39 -22.96 -1.76
N ASN A 139 5.60 -22.58 -3.01
CA ASN A 139 4.66 -21.77 -3.77
C ASN A 139 3.77 -22.69 -4.63
N ASN A 140 3.49 -23.86 -4.09
CA ASN A 140 2.78 -24.92 -4.82
C ASN A 140 1.30 -24.63 -5.04
N ASN A 141 0.76 -23.73 -4.23
CA ASN A 141 -0.68 -23.74 -3.96
C ASN A 141 -1.62 -23.15 -5.02
N THR A 142 -1.41 -21.91 -5.43
CA THR A 142 -2.26 -21.31 -6.45
C THR A 142 -1.91 -21.82 -7.86
N ARG A 143 -2.90 -22.34 -8.56
CA ARG A 143 -2.71 -22.76 -9.94
C ARG A 143 -3.31 -21.72 -10.88
N LYS A 144 -2.48 -20.76 -11.28
CA LYS A 144 -2.84 -19.78 -12.28
C LYS A 144 -2.38 -20.24 -13.66
N SER A 145 -3.01 -19.72 -14.69
CA SER A 145 -2.60 -19.97 -16.06
C SER A 145 -3.35 -19.02 -17.00
N ILE A 146 -2.87 -18.92 -18.22
CA ILE A 146 -3.46 -18.02 -19.20
C ILE A 146 -3.52 -18.68 -20.55
N ASN A 147 -4.68 -18.60 -21.20
CA ASN A 147 -4.84 -19.11 -22.54
C ASN A 147 -4.23 -18.16 -23.56
N ILE A 148 -3.31 -18.68 -24.35
CA ILE A 148 -2.72 -17.95 -25.46
C ILE A 148 -3.21 -18.54 -26.76
N GLY A 149 -3.63 -17.68 -27.67
CA GLY A 149 -4.04 -18.16 -28.98
C GLY A 149 -4.48 -17.00 -29.85
N PRO A 150 -4.83 -17.31 -31.10
CA PRO A 150 -5.43 -16.33 -32.01
C PRO A 150 -6.81 -15.91 -31.51
N GLY A 151 -7.06 -14.60 -31.49
CA GLY A 151 -8.34 -14.08 -31.07
C GLY A 151 -8.59 -14.22 -29.59
N ARG A 152 -7.58 -14.69 -28.87
CA ARG A 152 -7.69 -14.94 -27.44
C ARG A 152 -7.48 -13.67 -26.63
N ALA A 153 -8.37 -13.41 -25.68
CA ALA A 153 -8.15 -12.35 -24.70
C ALA A 153 -7.32 -12.90 -23.55
N LEU A 154 -6.76 -12.01 -22.73
CA LEU A 154 -5.78 -12.44 -21.74
C LEU A 154 -6.25 -12.28 -20.29
N TYR A 155 -7.04 -13.24 -19.84
CA TYR A 155 -7.44 -13.31 -18.44
C TYR A 155 -6.61 -14.37 -17.75
N THR A 156 -6.70 -14.42 -16.43
CA THR A 156 -5.92 -15.36 -15.63
C THR A 156 -6.83 -16.12 -14.66
N THR A 157 -6.70 -17.45 -14.64
CA THR A 157 -7.56 -18.28 -13.79
C THR A 157 -6.90 -18.65 -12.46
N GLY A 158 -7.37 -18.03 -11.37
CA GLY A 158 -6.78 -18.25 -10.06
C GLY A 158 -7.62 -19.12 -9.14
N GLU A 159 -7.14 -20.31 -8.85
CA GLU A 159 -7.81 -21.23 -7.93
C GLU A 159 -6.78 -22.02 -7.13
N ILE A 160 -6.97 -22.07 -5.81
CA ILE A 160 -6.03 -22.73 -4.90
C ILE A 160 -6.34 -24.21 -4.72
N ILE A 161 -5.30 -25.04 -4.71
CA ILE A 161 -5.49 -26.49 -4.72
C ILE A 161 -4.72 -27.25 -3.62
N GLY A 162 -3.84 -26.55 -2.90
CA GLY A 162 -3.04 -27.18 -1.85
C GLY A 162 -3.16 -26.48 -0.50
N ASP A 163 -2.63 -27.12 0.55
CA ASP A 163 -2.67 -26.57 1.90
C ASP A 163 -1.68 -25.43 2.07
N ILE A 164 -2.19 -24.20 2.09
CA ILE A 164 -1.34 -23.02 2.12
C ILE A 164 -0.57 -22.87 3.44
N ARG A 165 -0.70 -23.85 4.32
CA ARG A 165 -0.07 -23.80 5.63
C ARG A 165 1.00 -24.86 5.82
N GLN A 166 1.19 -25.71 4.82
CA GLN A 166 2.06 -26.86 4.96
C GLN A 166 3.45 -26.61 4.40
N ALA A 167 4.46 -26.76 5.25
CA ALA A 167 5.84 -26.59 4.83
C ALA A 167 6.69 -27.80 5.19
N HIS A 168 8.00 -27.59 5.21
CA HIS A 168 8.97 -28.66 5.45
C HIS A 168 10.38 -28.07 5.60
N CYS A 169 11.26 -28.79 6.29
CA CYS A 169 12.66 -28.36 6.40
C CYS A 169 13.60 -29.48 5.96
N ASN A 170 14.81 -29.11 5.56
CA ASN A 170 15.80 -30.09 5.17
C ASN A 170 17.06 -30.03 6.02
N LEU A 171 17.64 -31.20 6.28
CA LEU A 171 18.87 -31.30 7.07
C LEU A 171 19.78 -32.35 6.46
N SER A 172 21.08 -32.12 6.52
CA SER A 172 22.03 -33.10 6.04
C SER A 172 22.06 -34.31 6.96
N LYS A 173 21.51 -35.42 6.48
CA LYS A 173 21.47 -36.65 7.25
C LYS A 173 22.82 -36.95 7.86
N THR A 174 23.85 -36.90 7.03
CA THR A 174 25.20 -37.24 7.46
C THR A 174 25.74 -36.31 8.55
N GLN A 175 25.55 -35.01 8.37
CA GLN A 175 26.00 -34.04 9.37
C GLN A 175 25.36 -34.31 10.72
N TRP A 176 24.03 -34.39 10.73
CA TRP A 176 23.28 -34.53 11.96
C TRP A 176 23.63 -35.80 12.72
N GLU A 177 23.86 -36.89 11.99
CA GLU A 177 24.22 -38.15 12.61
C GLU A 177 25.56 -38.03 13.32
N ASN A 178 26.56 -37.52 12.60
CA ASN A 178 27.88 -37.31 13.17
C ASN A 178 27.85 -36.29 14.31
N THR A 179 26.78 -35.50 14.36
CA THR A 179 26.60 -34.51 15.41
C THR A 179 26.09 -35.14 16.70
N LEU A 180 25.08 -35.99 16.58
CA LEU A 180 24.52 -36.69 17.72
C LEU A 180 25.59 -37.56 18.37
N GLU A 181 26.25 -38.36 17.54
CA GLU A 181 27.30 -39.26 18.00
C GLU A 181 28.41 -38.52 18.73
N GLN A 182 28.48 -37.22 18.53
CA GLN A 182 29.48 -36.39 19.21
C GLN A 182 28.96 -35.88 20.56
N ILE A 183 27.66 -35.63 20.64
CA ILE A 183 27.07 -35.19 21.91
C ILE A 183 27.06 -36.37 22.88
N ALA A 184 26.75 -37.54 22.36
CA ALA A 184 26.74 -38.77 23.16
C ALA A 184 28.12 -39.06 23.75
N ILE A 185 29.16 -38.64 23.04
CA ILE A 185 30.52 -38.82 23.52
C ILE A 185 30.78 -37.93 24.73
N LYS A 186 30.35 -36.68 24.64
CA LYS A 186 30.52 -35.74 25.75
C LYS A 186 29.63 -36.06 26.94
N LEU A 187 28.50 -36.72 26.68
CA LEU A 187 27.60 -37.14 27.74
C LEU A 187 28.17 -38.33 28.49
N LYS A 188 28.71 -39.29 27.74
CA LYS A 188 29.37 -40.44 28.33
C LYS A 188 30.56 -40.01 29.17
N GLU A 189 31.19 -38.90 28.78
CA GLU A 189 32.28 -38.32 29.55
C GLU A 189 31.72 -37.29 30.52
N GLN A 190 30.61 -37.62 31.16
CA GLN A 190 29.98 -36.73 32.12
C GLN A 190 29.13 -37.52 33.13
N PHE A 191 28.49 -38.58 32.64
CA PHE A 191 27.67 -39.46 33.47
C PHE A 191 28.30 -40.85 33.65
N GLY A 192 29.26 -41.18 32.78
CA GLY A 192 29.96 -42.45 32.86
C GLY A 192 30.11 -43.14 31.51
N ASN A 193 31.27 -43.77 31.29
CA ASN A 193 31.51 -44.52 30.06
C ASN A 193 30.70 -45.81 30.01
N ASN A 194 30.44 -46.38 31.17
CA ASN A 194 29.67 -47.61 31.29
C ASN A 194 28.18 -47.36 31.00
N LYS A 195 27.78 -46.10 31.04
CA LYS A 195 26.40 -45.74 30.76
C LYS A 195 26.12 -45.85 29.27
N THR A 196 24.86 -46.09 28.91
CA THR A 196 24.46 -46.12 27.51
C THR A 196 23.62 -44.88 27.17
N ILE A 197 23.80 -44.36 25.97
CA ILE A 197 23.09 -43.14 25.56
C ILE A 197 21.97 -43.40 24.56
N ILE A 198 20.86 -42.70 24.75
CA ILE A 198 19.70 -42.82 23.89
C ILE A 198 18.99 -41.49 23.75
N PHE A 199 18.59 -41.16 22.54
CA PHE A 199 17.79 -39.97 22.32
C PHE A 199 16.37 -40.40 21.96
N ASN A 200 15.41 -39.67 22.52
CA ASN A 200 14.00 -39.97 22.37
C ASN A 200 13.27 -38.63 22.27
N PRO A 201 12.19 -38.58 21.46
CA PRO A 201 11.35 -37.40 21.25
C PRO A 201 10.80 -36.77 22.53
N SER A 202 10.18 -35.60 22.40
CA SER A 202 9.63 -34.88 23.56
C SER A 202 8.47 -35.65 24.20
N SER A 203 8.37 -35.55 25.52
CA SER A 203 7.36 -36.29 26.27
C SER A 203 5.93 -35.87 25.94
N GLY A 204 5.67 -34.57 26.02
CA GLY A 204 4.35 -34.04 25.74
C GLY A 204 4.26 -32.58 26.12
N GLY A 205 3.06 -32.01 26.07
CA GLY A 205 2.88 -30.63 26.47
C GLY A 205 2.38 -29.74 25.36
N ASP A 206 2.42 -28.42 25.59
CA ASP A 206 2.01 -27.44 24.59
C ASP A 206 2.71 -27.70 23.26
N PRO A 207 2.00 -27.47 22.15
CA PRO A 207 2.54 -27.67 20.81
C PRO A 207 3.97 -27.14 20.67
N GLU A 208 4.20 -25.92 21.14
CA GLU A 208 5.48 -25.25 20.95
C GLU A 208 6.67 -26.07 21.45
N ILE A 209 6.42 -26.94 22.42
CA ILE A 209 7.49 -27.72 23.04
C ILE A 209 7.68 -29.09 22.40
N VAL A 210 6.56 -29.78 22.15
CA VAL A 210 6.57 -31.10 21.54
C VAL A 210 7.23 -31.08 20.17
N THR A 211 7.15 -29.93 19.51
CA THR A 211 7.61 -29.79 18.14
C THR A 211 8.46 -28.53 18.00
N HIS A 212 9.65 -28.67 17.39
CA HIS A 212 10.57 -27.56 17.21
C HIS A 212 9.90 -26.39 16.51
N SER A 213 9.45 -25.41 17.29
CA SER A 213 8.79 -24.25 16.74
C SER A 213 9.79 -23.12 16.52
N PHE A 214 9.35 -22.08 15.80
CA PHE A 214 10.17 -20.89 15.57
C PHE A 214 9.46 -19.94 14.62
N ASN A 215 10.01 -18.73 14.48
CA ASN A 215 9.41 -17.73 13.62
C ASN A 215 10.27 -17.50 12.39
N CYS A 216 9.63 -17.40 11.24
CA CYS A 216 10.32 -17.08 10.00
C CYS A 216 9.41 -16.33 9.02
N GLY A 217 9.83 -15.12 8.63
CA GLY A 217 9.05 -14.34 7.67
C GLY A 217 7.71 -13.89 8.20
N GLY A 218 7.63 -13.67 9.51
CA GLY A 218 6.40 -13.23 10.14
C GLY A 218 5.40 -14.35 10.35
N GLU A 219 5.85 -15.58 10.09
CA GLU A 219 5.00 -16.77 10.23
C GLU A 219 5.55 -17.73 11.28
N PHE A 220 4.64 -18.45 11.95
CA PHE A 220 5.02 -19.35 13.03
C PHE A 220 5.02 -20.82 12.63
N PHE A 221 6.20 -21.43 12.65
CA PHE A 221 6.38 -22.82 12.23
C PHE A 221 6.35 -23.81 13.39
N TYR A 222 5.99 -25.05 13.07
CA TYR A 222 5.95 -26.14 14.03
C TYR A 222 6.43 -27.40 13.34
N CYS A 223 7.64 -27.86 13.66
CA CYS A 223 8.25 -28.93 12.89
C CYS A 223 8.43 -30.24 13.65
N ASN A 224 7.68 -31.25 13.20
CA ASN A 224 7.72 -32.60 13.77
C ASN A 224 9.13 -33.20 13.76
N SER A 225 9.88 -32.92 14.82
CA SER A 225 11.30 -33.26 14.89
C SER A 225 11.54 -34.68 15.39
N THR A 226 10.70 -35.62 14.98
CA THR A 226 10.84 -36.98 15.48
C THR A 226 12.04 -37.68 14.86
N GLN A 227 12.28 -37.46 13.57
CA GLN A 227 13.42 -38.08 12.90
C GLN A 227 14.70 -37.60 13.55
N LEU A 228 14.70 -36.35 14.00
CA LEU A 228 15.88 -35.74 14.59
C LEU A 228 16.40 -36.52 15.79
N PHE A 229 15.54 -36.72 16.79
CA PHE A 229 15.97 -37.27 18.06
C PHE A 229 15.57 -38.73 18.26
N THR A 230 15.81 -39.55 17.25
CA THR A 230 15.64 -40.98 17.40
C THR A 230 16.93 -41.66 16.98
N TRP A 231 17.72 -42.05 17.97
CA TRP A 231 19.05 -42.61 17.72
C TRP A 231 19.48 -43.46 18.89
N ASN A 232 19.72 -44.74 18.62
CA ASN A 232 20.06 -45.69 19.67
C ASN A 232 21.48 -46.21 19.54
N ASP A 233 22.34 -45.44 18.88
CA ASP A 233 23.75 -45.79 18.70
C ASP A 233 23.94 -46.90 17.65
N THR A 234 23.09 -47.91 17.71
CA THR A 234 23.19 -49.07 16.83
C THR A 234 22.10 -49.07 15.75
N ARG A 235 21.33 -47.99 15.68
CA ARG A 235 20.21 -47.92 14.74
C ARG A 235 20.34 -46.80 13.70
N ASN A 238 17.62 -44.10 5.03
CA ASN A 238 18.34 -43.01 4.39
C ASN A 238 19.74 -43.16 4.95
N ASN A 239 20.14 -44.41 5.11
CA ASN A 239 21.27 -44.83 5.93
C ASN A 239 22.60 -44.11 5.72
N THR A 240 23.08 -44.09 4.47
CA THR A 240 24.40 -43.53 4.18
C THR A 240 24.42 -42.00 4.05
N GLY A 241 24.28 -41.49 2.83
CA GLY A 241 24.40 -40.06 2.60
C GLY A 241 23.22 -39.43 1.89
N ARG A 242 22.13 -39.23 2.62
CA ARG A 242 20.92 -38.64 2.04
C ARG A 242 20.53 -37.33 2.72
N ASN A 243 19.22 -37.08 2.77
CA ASN A 243 18.70 -35.78 3.20
C ASN A 243 17.48 -35.91 4.11
N ILE A 244 17.69 -35.79 5.42
CA ILE A 244 16.60 -35.77 6.40
C ILE A 244 15.62 -34.64 6.12
N THR A 245 14.34 -34.97 5.99
CA THR A 245 13.30 -33.95 5.82
C THR A 245 12.17 -34.14 6.83
N LEU A 246 11.79 -33.06 7.50
CA LEU A 246 10.73 -33.14 8.51
C LEU A 246 9.54 -32.23 8.19
N PRO A 247 8.33 -32.70 8.52
CA PRO A 247 7.06 -32.02 8.28
C PRO A 247 6.88 -30.80 9.18
N CYS A 248 6.30 -29.74 8.64
CA CYS A 248 6.01 -28.55 9.43
C CYS A 248 4.68 -27.96 9.03
N ARG A 249 4.19 -27.04 9.84
CA ARG A 249 2.93 -26.37 9.56
C ARG A 249 2.92 -24.99 10.18
N ILE A 250 2.49 -24.00 9.41
CA ILE A 250 2.25 -22.67 9.92
C ILE A 250 0.96 -22.69 10.72
N LYS A 251 0.97 -22.10 11.92
CA LYS A 251 -0.24 -22.01 12.72
C LYS A 251 -0.64 -20.58 12.96
N GLN A 252 -1.94 -20.36 13.12
CA GLN A 252 -2.45 -19.04 13.46
C GLN A 252 -2.57 -18.91 14.97
N ILE A 253 -3.00 -19.99 15.64
CA ILE A 253 -3.23 -19.96 17.08
C ILE A 253 -2.03 -20.49 17.87
N ILE A 254 -1.23 -19.57 18.38
CA ILE A 254 -0.04 -19.94 19.13
C ILE A 254 -0.15 -19.51 20.59
N ASN A 255 0.52 -20.23 21.48
CA ASN A 255 0.57 -19.86 22.89
C ASN A 255 1.72 -18.93 23.14
N MET A 256 1.42 -17.74 23.64
CA MET A 256 2.44 -16.73 23.86
C MET A 256 3.54 -17.27 24.76
N TRP A 257 4.78 -16.87 24.46
CA TRP A 257 5.95 -17.23 25.25
C TRP A 257 6.23 -16.12 26.24
N GLN A 258 5.92 -14.90 25.82
CA GLN A 258 6.05 -13.69 26.63
C GLN A 258 5.39 -13.84 28.02
N GLU A 259 4.07 -14.08 28.02
CA GLU A 259 3.35 -14.39 29.24
C GLU A 259 2.52 -15.63 28.99
N VAL A 260 1.74 -16.04 30.00
CA VAL A 260 0.91 -17.22 29.86
C VAL A 260 -0.39 -16.85 29.17
N GLY A 261 -0.63 -17.43 27.99
CA GLY A 261 -1.86 -17.17 27.25
C GLY A 261 -1.72 -17.55 25.79
N LYS A 262 -2.80 -17.35 25.02
CA LYS A 262 -2.80 -17.64 23.59
C LYS A 262 -2.93 -16.36 22.75
N ALA A 263 -2.58 -16.45 21.47
CA ALA A 263 -2.77 -15.36 20.53
C ALA A 263 -3.06 -15.91 19.14
N MET A 264 -3.79 -15.16 18.34
CA MET A 264 -4.11 -15.60 16.98
C MET A 264 -3.68 -14.55 15.95
N TYR A 265 -2.94 -14.98 14.94
CA TYR A 265 -2.46 -14.07 13.90
C TYR A 265 -3.13 -14.30 12.55
N ALA A 266 -2.86 -13.41 11.61
CA ALA A 266 -3.47 -13.48 10.28
C ALA A 266 -2.92 -14.67 9.52
N PRO A 267 -3.72 -15.18 8.55
CA PRO A 267 -3.32 -16.32 7.71
C PRO A 267 -2.02 -16.02 6.95
N PRO A 268 -1.41 -17.05 6.37
CA PRO A 268 -0.14 -16.86 5.65
C PRO A 268 -0.27 -15.84 4.54
N ILE A 269 0.86 -15.33 4.07
CA ILE A 269 0.86 -14.37 2.98
C ILE A 269 1.24 -15.06 1.68
N ARG A 270 0.72 -14.54 0.58
CA ARG A 270 1.01 -15.13 -0.73
C ARG A 270 2.50 -15.14 -1.02
N GLY A 271 2.91 -16.05 -1.90
CA GLY A 271 4.28 -16.08 -2.35
C GLY A 271 5.05 -17.26 -1.79
N GLN A 272 6.27 -17.01 -1.35
CA GLN A 272 7.08 -18.07 -0.76
C GLN A 272 7.64 -17.60 0.56
N ILE A 273 7.92 -18.56 1.43
CA ILE A 273 8.49 -18.28 2.74
C ILE A 273 9.66 -19.23 2.98
N ARG A 274 10.88 -18.69 2.99
CA ARG A 274 12.08 -19.49 3.14
C ARG A 274 13.08 -18.89 4.12
N CYS A 275 13.63 -19.74 4.98
CA CYS A 275 14.65 -19.37 5.95
C CYS A 275 15.74 -20.43 6.01
N SER A 276 16.99 -20.02 5.84
CA SER A 276 18.11 -20.92 6.07
C SER A 276 18.83 -20.47 7.34
N SER A 277 18.98 -21.37 8.31
CA SER A 277 19.55 -21.02 9.61
C SER A 277 20.58 -22.05 10.09
N ASN A 278 21.49 -21.61 10.96
CA ASN A 278 22.46 -22.54 11.55
C ASN A 278 21.92 -23.14 12.85
N ILE A 279 22.01 -24.45 12.95
CA ILE A 279 21.73 -25.10 14.22
C ILE A 279 22.98 -24.96 15.07
N THR A 280 22.93 -24.01 15.99
CA THR A 280 24.07 -23.68 16.83
C THR A 280 24.12 -24.56 18.07
N GLY A 281 22.96 -24.97 18.55
CA GLY A 281 22.90 -25.83 19.71
C GLY A 281 21.51 -26.40 19.90
N LEU A 282 21.36 -27.28 20.88
CA LEU A 282 20.06 -27.85 21.20
C LEU A 282 19.80 -27.78 22.71
N LEU A 283 18.55 -27.52 23.07
CA LEU A 283 18.13 -27.59 24.46
C LEU A 283 17.74 -29.03 24.72
N LEU A 284 18.43 -29.68 25.65
CA LEU A 284 18.11 -31.05 26.01
C LEU A 284 17.46 -31.13 27.40
N THR A 285 17.01 -32.33 27.73
CA THR A 285 16.50 -32.62 29.06
C THR A 285 16.71 -34.11 29.33
N ARG A 286 16.93 -34.45 30.60
CA ARG A 286 17.26 -35.81 30.99
C ARG A 286 16.09 -36.40 31.78
N ASP A 287 16.19 -37.67 32.13
CA ASP A 287 15.14 -38.32 32.92
C ASP A 287 15.61 -39.61 33.60
N GLY A 288 15.95 -39.52 34.88
CA GLY A 288 16.38 -40.67 35.64
C GLY A 288 15.40 -40.99 36.77
N GLY A 289 15.06 -42.27 36.92
CA GLY A 289 14.08 -42.66 37.90
C GLY A 289 14.59 -43.67 38.92
N LYS A 290 15.36 -43.19 39.88
CA LYS A 290 15.93 -44.05 40.92
C LYS A 290 16.72 -45.18 40.25
N ASP A 291 17.67 -44.82 39.40
CA ASP A 291 18.50 -45.79 38.68
C ASP A 291 17.67 -46.62 37.69
N THR A 292 17.81 -46.31 36.40
CA THR A 292 17.05 -46.98 35.35
C THR A 292 17.83 -48.14 34.73
N ASN A 293 18.27 -49.08 35.56
CA ASN A 293 18.97 -50.27 35.10
C ASN A 293 20.43 -49.99 34.70
N GLY A 294 20.60 -49.14 33.69
CA GLY A 294 21.92 -48.80 33.20
C GLY A 294 21.86 -48.17 31.82
N THR A 295 21.02 -47.14 31.70
CA THR A 295 20.80 -46.47 30.42
C THR A 295 20.05 -45.14 30.58
N GLU A 296 20.61 -44.07 30.03
CA GLU A 296 20.01 -42.74 30.15
C GLU A 296 19.39 -42.28 28.84
N ILE A 297 18.16 -41.77 28.92
CA ILE A 297 17.47 -41.25 27.75
C ILE A 297 17.47 -39.73 27.75
N PHE A 298 17.47 -39.13 26.56
CA PHE A 298 17.47 -37.68 26.45
C PHE A 298 16.42 -37.17 25.47
N ARG A 299 15.65 -36.20 25.92
CA ARG A 299 14.62 -35.61 25.08
C ARG A 299 14.94 -34.16 24.76
N PRO A 300 14.26 -33.59 23.76
CA PRO A 300 14.33 -32.16 23.45
C PRO A 300 13.66 -31.35 24.56
N GLY A 301 14.23 -30.20 24.90
CA GLY A 301 13.64 -29.32 25.87
C GLY A 301 13.27 -27.99 25.25
N GLY A 302 13.39 -26.92 26.03
CA GLY A 302 13.09 -25.59 25.52
C GLY A 302 11.72 -25.12 25.97
N GLY A 303 11.45 -23.84 25.76
CA GLY A 303 10.19 -23.26 26.19
C GLY A 303 10.42 -22.02 27.03
N ASP A 304 11.48 -22.03 27.82
CA ASP A 304 11.90 -20.84 28.56
C ASP A 304 12.95 -20.11 27.74
N MET A 305 12.68 -18.83 27.43
CA MET A 305 13.54 -18.09 26.54
C MET A 305 14.78 -17.53 27.26
N ARG A 306 14.74 -17.56 28.58
CA ARG A 306 15.90 -17.22 29.38
C ARG A 306 17.03 -18.20 29.06
N ASP A 307 16.66 -19.41 28.67
CA ASP A 307 17.65 -20.42 28.28
C ASP A 307 18.28 -20.02 26.96
N ASN A 308 17.43 -19.64 26.02
CA ASN A 308 17.90 -19.20 24.71
C ASN A 308 18.87 -18.04 24.85
N TRP A 309 18.63 -17.16 25.82
CA TRP A 309 19.53 -16.04 26.06
C TRP A 309 20.81 -16.50 26.73
N ARG A 310 20.65 -17.23 27.84
CA ARG A 310 21.79 -17.72 28.61
C ARG A 310 22.85 -18.43 27.78
N SER A 311 22.43 -19.10 26.71
CA SER A 311 23.37 -19.83 25.88
C SER A 311 24.39 -18.90 25.23
N GLU A 312 24.01 -17.63 25.09
CA GLU A 312 24.84 -16.64 24.42
C GLU A 312 25.33 -15.52 25.34
N LEU A 313 25.09 -15.69 26.64
CA LEU A 313 25.51 -14.68 27.62
C LEU A 313 26.27 -15.35 28.74
N TYR A 314 26.75 -16.56 28.48
CA TYR A 314 27.35 -17.36 29.52
C TYR A 314 28.76 -16.87 29.90
N LYS A 315 29.37 -16.09 29.01
CA LYS A 315 30.72 -15.58 29.23
C LYS A 315 30.71 -14.17 29.78
N TYR A 316 29.53 -13.56 29.83
CA TYR A 316 29.44 -12.17 30.22
C TYR A 316 28.93 -11.94 31.64
N LYS A 317 29.44 -10.87 32.24
CA LYS A 317 29.03 -10.44 33.57
C LYS A 317 29.14 -8.93 33.65
N VAL A 318 28.05 -8.27 34.02
CA VAL A 318 28.06 -6.82 34.14
C VAL A 318 28.48 -6.42 35.54
N VAL A 319 29.29 -5.37 35.65
CA VAL A 319 29.86 -4.98 36.93
C VAL A 319 30.08 -3.46 37.02
N LYS A 320 30.14 -2.96 38.25
CA LYS A 320 30.31 -1.53 38.50
C LYS A 320 31.79 -1.16 38.49
N ILE A 321 32.11 -0.03 37.86
CA ILE A 321 33.48 0.44 37.79
C ILE A 321 33.68 1.62 38.75
N GLU A 322 33.66 1.29 40.05
CA GLU A 322 33.83 2.25 41.12
C GLU A 322 35.30 2.59 41.34
N LYS B 1 4.48 -34.10 55.11
CA LYS B 1 3.75 -34.79 54.04
C LYS B 1 2.24 -34.67 54.21
N LYS B 2 1.60 -33.91 53.33
CA LYS B 2 0.14 -33.83 53.30
C LYS B 2 -0.45 -35.13 52.76
N VAL B 3 -1.78 -35.24 52.78
CA VAL B 3 -2.47 -36.42 52.25
C VAL B 3 -3.79 -36.01 51.60
N VAL B 4 -4.17 -36.73 50.53
CA VAL B 4 -5.43 -36.48 49.85
C VAL B 4 -6.08 -37.79 49.39
N LEU B 5 -7.36 -37.93 49.65
CA LEU B 5 -8.09 -39.13 49.24
C LEU B 5 -8.84 -38.90 47.93
N GLY B 6 -8.70 -39.85 47.01
CA GLY B 6 -9.33 -39.76 45.71
C GLY B 6 -10.12 -41.01 45.37
N LYS B 7 -11.25 -40.83 44.70
CA LYS B 7 -12.13 -41.93 44.35
C LYS B 7 -11.80 -42.50 42.97
N LYS B 8 -11.65 -43.82 42.90
CA LYS B 8 -11.34 -44.48 41.63
C LYS B 8 -12.24 -44.00 40.51
N GLY B 9 -11.63 -43.50 39.44
CA GLY B 9 -12.37 -42.97 38.31
C GLY B 9 -12.96 -41.60 38.61
N ASP B 10 -12.11 -40.67 39.04
CA ASP B 10 -12.58 -39.34 39.42
C ASP B 10 -11.44 -38.34 39.36
N THR B 11 -11.77 -37.06 39.24
CA THR B 11 -10.77 -36.02 39.12
C THR B 11 -10.36 -35.46 40.49
N VAL B 12 -9.07 -35.22 40.66
CA VAL B 12 -8.53 -34.68 41.90
C VAL B 12 -7.59 -33.53 41.57
N GLU B 13 -7.24 -32.73 42.58
CA GLU B 13 -6.41 -31.56 42.35
C GLU B 13 -5.36 -31.33 43.43
N LEU B 14 -4.14 -31.79 43.18
CA LEU B 14 -3.02 -31.53 44.08
C LEU B 14 -2.59 -30.07 43.98
N THR B 15 -2.36 -29.44 45.13
CA THR B 15 -1.99 -28.02 45.15
C THR B 15 -0.54 -27.81 45.56
N CYS B 16 -0.02 -26.64 45.24
CA CYS B 16 1.38 -26.31 45.50
C CYS B 16 1.56 -24.81 45.36
N THR B 17 2.01 -24.15 46.42
CA THR B 17 2.08 -22.69 46.42
C THR B 17 3.47 -22.16 46.74
N ALA B 18 3.93 -21.23 45.91
CA ALA B 18 5.14 -20.47 46.22
C ALA B 18 4.73 -19.20 46.94
N SER B 19 5.69 -18.57 47.62
CA SER B 19 5.40 -17.38 48.41
C SER B 19 4.73 -16.27 47.60
N GLN B 20 5.54 -15.52 46.85
CA GLN B 20 5.05 -14.38 46.08
C GLN B 20 4.10 -14.79 44.96
N LYS B 21 3.24 -13.86 44.54
CA LYS B 21 2.32 -14.11 43.43
C LYS B 21 3.02 -13.87 42.09
N LYS B 22 3.87 -14.82 41.71
CA LYS B 22 4.65 -14.73 40.48
C LYS B 22 4.75 -16.10 39.84
N SER B 23 4.81 -16.13 38.50
CA SER B 23 4.97 -17.39 37.77
C SER B 23 6.45 -17.78 37.63
N ILE B 24 6.85 -18.83 38.33
CA ILE B 24 8.23 -19.33 38.27
C ILE B 24 8.24 -20.82 37.97
N GLN B 25 9.41 -21.36 37.66
CA GLN B 25 9.52 -22.76 37.25
C GLN B 25 9.26 -23.75 38.38
N PHE B 26 8.30 -24.64 38.17
CA PHE B 26 8.00 -25.72 39.11
C PHE B 26 8.20 -27.10 38.51
N HIS B 27 7.82 -28.12 39.26
CA HIS B 27 7.89 -29.50 38.81
C HIS B 27 7.06 -30.43 39.70
N TRP B 28 6.85 -31.65 39.23
CA TRP B 28 6.16 -32.66 40.00
C TRP B 28 6.81 -34.01 39.73
N LYS B 29 7.33 -34.64 40.78
CA LYS B 29 7.97 -35.94 40.66
C LYS B 29 7.27 -36.94 41.56
N ASN B 30 7.33 -38.22 41.21
CA ASN B 30 6.71 -39.25 42.03
C ASN B 30 7.67 -39.85 43.05
N SER B 31 7.38 -41.07 43.49
CA SER B 31 8.21 -41.76 44.47
C SER B 31 9.61 -42.02 43.89
N ASN B 32 9.65 -42.47 42.66
CA ASN B 32 10.91 -42.75 41.96
C ASN B 32 11.55 -41.46 41.46
N GLN B 33 10.94 -40.33 41.79
CA GLN B 33 11.43 -39.03 41.37
C GLN B 33 11.51 -38.89 39.85
N ILE B 34 10.37 -39.09 39.19
CA ILE B 34 10.26 -39.01 37.73
C ILE B 34 9.37 -37.84 37.33
N LYS B 35 9.80 -37.08 36.33
CA LYS B 35 9.02 -35.94 35.87
C LYS B 35 7.61 -36.35 35.45
N ILE B 36 6.63 -35.56 35.88
CA ILE B 36 5.23 -35.83 35.63
C ILE B 36 4.61 -34.62 34.98
N LEU B 37 5.13 -33.45 35.38
CA LEU B 37 4.59 -32.18 34.93
C LEU B 37 5.62 -31.12 35.28
N GLY B 38 5.82 -30.17 34.38
CA GLY B 38 6.73 -29.07 34.64
C GLY B 38 6.26 -27.82 33.94
N ASN B 39 7.15 -26.85 33.83
CA ASN B 39 6.85 -25.69 33.00
C ASN B 39 8.10 -24.96 32.51
N GLN B 40 8.40 -25.12 31.23
CA GLN B 40 9.44 -24.35 30.60
C GLN B 40 8.89 -22.96 30.33
N GLY B 41 9.28 -22.00 31.15
CA GLY B 41 8.80 -20.63 31.04
C GLY B 41 7.31 -20.50 31.26
N SER B 42 6.58 -20.14 30.22
CA SER B 42 5.14 -19.98 30.30
C SER B 42 4.46 -21.06 29.46
N PHE B 43 5.19 -22.12 29.19
CA PHE B 43 4.66 -23.29 28.51
C PHE B 43 4.58 -24.47 29.46
N LEU B 44 3.65 -25.37 29.19
CA LEU B 44 3.48 -26.57 30.00
C LEU B 44 4.28 -27.72 29.38
N THR B 45 4.93 -28.52 30.21
CA THR B 45 5.64 -29.71 29.74
C THR B 45 4.95 -30.97 30.27
N LYS B 46 5.56 -32.12 29.99
CA LYS B 46 5.09 -33.38 30.55
C LYS B 46 6.30 -34.25 30.88
N GLY B 47 6.05 -35.52 31.16
CA GLY B 47 7.11 -36.46 31.49
C GLY B 47 6.77 -37.87 31.06
N PRO B 48 7.72 -38.79 31.26
CA PRO B 48 7.60 -40.22 30.96
C PRO B 48 6.64 -40.95 31.90
N SER B 49 5.99 -40.19 32.78
CA SER B 49 5.09 -40.72 33.79
C SER B 49 4.04 -41.67 33.23
N LYS B 50 3.51 -42.54 34.09
CA LYS B 50 2.45 -43.45 33.70
C LYS B 50 1.19 -42.68 33.33
N LEU B 51 0.88 -41.66 34.12
CA LEU B 51 -0.21 -40.75 33.82
C LEU B 51 0.27 -39.65 32.88
N ASN B 52 0.87 -40.08 31.77
CA ASN B 52 1.49 -39.20 30.80
C ASN B 52 0.56 -38.10 30.27
N ASP B 53 -0.72 -38.42 30.16
CA ASP B 53 -1.68 -37.50 29.56
C ASP B 53 -2.83 -37.18 30.50
N ARG B 54 -2.91 -37.91 31.60
CA ARG B 54 -4.00 -37.70 32.55
C ARG B 54 -3.77 -36.48 33.44
N ALA B 55 -2.53 -36.02 33.52
CA ALA B 55 -2.21 -34.82 34.29
C ALA B 55 -2.61 -33.54 33.56
N ASP B 56 -2.63 -32.42 34.28
CA ASP B 56 -2.90 -31.11 33.68
C ASP B 56 -2.54 -29.99 34.66
N SER B 57 -3.18 -28.83 34.50
CA SER B 57 -2.96 -27.69 35.39
C SER B 57 -3.75 -26.48 34.91
N ARG B 58 -4.25 -25.69 35.86
CA ARG B 58 -4.96 -24.47 35.53
C ARG B 58 -3.96 -23.34 35.35
N ARG B 59 -3.57 -23.11 34.10
CA ARG B 59 -2.54 -22.12 33.81
C ARG B 59 -2.96 -20.70 34.12
N SER B 60 -4.27 -20.50 34.31
CA SER B 60 -4.79 -19.19 34.64
C SER B 60 -4.30 -18.70 36.01
N LEU B 61 -4.01 -19.65 36.90
CA LEU B 61 -3.66 -19.36 38.29
C LEU B 61 -2.16 -19.28 38.51
N TRP B 62 -1.40 -19.62 37.49
CA TRP B 62 0.07 -19.55 37.54
C TRP B 62 0.51 -18.12 37.80
N ASP B 63 -0.31 -17.17 37.37
CA ASP B 63 0.00 -15.75 37.49
C ASP B 63 -0.13 -15.30 38.93
N GLN B 64 -0.89 -16.05 39.71
CA GLN B 64 -1.13 -15.73 41.11
C GLN B 64 -0.26 -16.59 42.03
N GLY B 65 0.61 -17.39 41.42
CA GLY B 65 1.56 -18.18 42.16
C GLY B 65 0.98 -19.47 42.74
N ASN B 66 -0.02 -20.03 42.06
CA ASN B 66 -0.55 -21.33 42.47
C ASN B 66 -0.41 -22.35 41.34
N PHE B 67 0.38 -23.39 41.60
CA PHE B 67 0.75 -24.35 40.56
C PHE B 67 0.17 -25.74 40.79
N PRO B 68 -1.14 -25.89 40.55
CA PRO B 68 -1.88 -27.14 40.77
C PRO B 68 -1.35 -28.30 39.94
N LEU B 69 -1.93 -29.48 40.15
CA LEU B 69 -1.64 -30.67 39.36
C LEU B 69 -2.92 -31.49 39.31
N ILE B 70 -3.68 -31.34 38.24
CA ILE B 70 -5.00 -31.94 38.18
C ILE B 70 -5.02 -33.29 37.48
N ILE B 71 -5.11 -34.36 38.28
CA ILE B 71 -5.22 -35.72 37.73
C ILE B 71 -6.67 -36.14 37.59
N LYS B 72 -7.01 -36.74 36.46
CA LYS B 72 -8.39 -37.10 36.18
C LYS B 72 -8.53 -38.57 35.79
N ASN B 73 -9.70 -39.13 36.05
CA ASN B 73 -10.00 -40.54 35.78
C ASN B 73 -9.01 -41.50 36.42
N LEU B 74 -8.50 -41.15 37.60
CA LEU B 74 -7.43 -41.90 38.24
C LEU B 74 -7.79 -43.35 38.57
N LYS B 75 -6.86 -44.25 38.29
CA LYS B 75 -6.96 -45.63 38.74
C LYS B 75 -6.42 -45.70 40.16
N ILE B 76 -5.78 -46.81 40.50
CA ILE B 76 -5.31 -46.99 41.87
C ILE B 76 -3.79 -47.16 41.94
N GLU B 77 -3.19 -47.62 40.84
CA GLU B 77 -1.74 -47.83 40.81
C GLU B 77 -0.98 -46.53 41.03
N ASP B 78 -1.63 -45.41 40.72
CA ASP B 78 -0.97 -44.10 40.72
C ASP B 78 -0.77 -43.52 42.11
N SER B 79 -1.64 -43.88 43.03
CA SER B 79 -1.55 -43.37 44.39
C SER B 79 -0.13 -43.57 44.92
N ASP B 80 0.58 -42.48 45.07
CA ASP B 80 1.98 -42.51 45.47
C ASP B 80 2.31 -41.28 46.30
N THR B 81 3.60 -40.98 46.40
CA THR B 81 4.04 -39.78 47.06
C THR B 81 4.57 -38.80 46.02
N TYR B 82 3.83 -37.72 45.81
CA TYR B 82 4.19 -36.73 44.81
C TYR B 82 4.98 -35.57 45.39
N ILE B 83 5.95 -35.08 44.63
CA ILE B 83 6.83 -34.01 45.08
C ILE B 83 6.69 -32.82 44.16
N CYS B 84 6.62 -31.61 44.72
CA CYS B 84 6.51 -30.41 43.93
C CYS B 84 7.76 -29.56 44.13
N GLU B 85 8.84 -29.90 43.42
CA GLU B 85 10.09 -29.17 43.58
C GLU B 85 10.01 -27.79 42.93
N VAL B 86 9.62 -26.80 43.71
CA VAL B 86 9.49 -25.44 43.21
C VAL B 86 10.49 -24.50 43.86
N GLU B 87 11.48 -24.05 43.08
CA GLU B 87 12.43 -23.06 43.55
C GLU B 87 13.18 -23.56 44.79
N ASP B 88 13.70 -24.78 44.72
CA ASP B 88 14.48 -25.39 45.81
C ASP B 88 13.62 -25.90 46.98
N GLN B 89 12.66 -25.09 47.42
CA GLN B 89 11.80 -25.46 48.54
C GLN B 89 10.73 -26.47 48.13
N LYS B 90 11.13 -27.73 47.97
CA LYS B 90 10.23 -28.78 47.52
C LYS B 90 9.17 -29.14 48.57
N GLU B 91 8.04 -29.66 48.11
CA GLU B 91 6.95 -30.07 49.00
C GLU B 91 6.38 -31.42 48.58
N GLU B 92 6.02 -32.25 49.55
CA GLU B 92 5.48 -33.57 49.25
C GLU B 92 4.00 -33.71 49.62
N VAL B 93 3.32 -34.61 48.92
CA VAL B 93 1.91 -34.89 49.18
C VAL B 93 1.60 -36.35 48.87
N GLN B 94 0.88 -37.01 49.76
CA GLN B 94 0.54 -38.41 49.60
C GLN B 94 -0.81 -38.57 48.92
N LEU B 95 -0.87 -39.42 47.90
CA LEU B 95 -2.12 -39.67 47.21
C LEU B 95 -2.63 -41.07 47.53
N LEU B 96 -3.89 -41.15 47.95
CA LEU B 96 -4.55 -42.43 48.19
C LEU B 96 -5.79 -42.55 47.32
N VAL B 97 -5.95 -43.69 46.66
CA VAL B 97 -7.10 -43.89 45.78
C VAL B 97 -7.94 -45.10 46.18
N PHE B 98 -9.12 -44.84 46.74
CA PHE B 98 -10.02 -45.91 47.19
C PHE B 98 -11.22 -46.04 46.27
N GLY B 99 -11.92 -47.17 46.38
CA GLY B 99 -13.11 -47.40 45.59
C GLY B 99 -13.93 -48.55 46.14
N LEU B 100 -15.26 -48.45 46.05
CA LEU B 100 -16.16 -49.49 46.53
C LEU B 100 -17.11 -50.02 45.46
N THR B 101 -17.57 -51.25 45.64
CA THR B 101 -18.50 -51.88 44.72
C THR B 101 -19.16 -53.09 45.35
N ALA B 102 -20.22 -53.59 44.72
CA ALA B 102 -20.88 -54.81 45.17
C ALA B 102 -20.66 -55.92 44.17
N ASN B 103 -20.48 -57.15 44.68
CA ASN B 103 -20.36 -58.33 43.84
C ASN B 103 -21.71 -59.03 43.69
N SER B 104 -22.77 -58.23 43.73
CA SER B 104 -24.13 -58.71 43.55
C SER B 104 -25.04 -57.53 43.22
N ASP B 105 -25.95 -57.74 42.27
CA ASP B 105 -26.89 -56.70 41.85
C ASP B 105 -27.58 -56.05 43.04
N THR B 106 -27.64 -54.72 43.04
CA THR B 106 -28.20 -53.95 44.15
C THR B 106 -29.70 -54.17 44.33
N HIS B 107 -30.35 -54.75 43.32
CA HIS B 107 -31.75 -55.08 43.40
C HIS B 107 -31.92 -56.43 44.11
N LEU B 108 -31.85 -56.41 45.43
CA LEU B 108 -31.91 -57.64 46.22
C LEU B 108 -33.29 -57.89 46.83
N LEU B 109 -33.54 -59.15 47.17
CA LEU B 109 -34.78 -59.54 47.82
C LEU B 109 -34.64 -59.33 49.33
N GLN B 110 -35.79 -59.27 50.03
CA GLN B 110 -35.81 -59.02 51.46
C GLN B 110 -35.10 -60.12 52.27
N GLY B 111 -34.03 -59.74 52.97
CA GLY B 111 -33.32 -60.64 53.85
C GLY B 111 -31.94 -61.04 53.34
N GLN B 112 -31.82 -61.16 52.02
CA GLN B 112 -30.56 -61.59 51.41
C GLN B 112 -29.38 -60.69 51.79
N SER B 113 -28.18 -61.24 51.75
CA SER B 113 -26.99 -60.50 52.11
C SER B 113 -26.39 -59.77 50.92
N LEU B 114 -25.70 -58.67 51.22
CA LEU B 114 -25.07 -57.85 50.18
C LEU B 114 -23.61 -57.59 50.54
N THR B 115 -22.70 -58.12 49.73
CA THR B 115 -21.27 -58.04 50.01
C THR B 115 -20.58 -56.90 49.26
N LEU B 116 -20.24 -55.85 50.00
CA LEU B 116 -19.50 -54.73 49.43
C LEU B 116 -18.00 -54.99 49.46
N THR B 117 -17.44 -55.26 48.29
CA THR B 117 -16.00 -55.49 48.16
C THR B 117 -15.25 -54.18 47.86
N LEU B 118 -14.22 -53.89 48.64
CA LEU B 118 -13.48 -52.65 48.50
C LEU B 118 -12.15 -52.85 47.78
N GLU B 119 -11.76 -51.84 46.99
CA GLU B 119 -10.49 -51.88 46.27
C GLU B 119 -9.49 -50.91 46.91
N SER B 120 -8.52 -51.48 47.64
CA SER B 120 -7.55 -50.69 48.37
C SER B 120 -6.18 -50.75 47.72
N PRO B 121 -5.41 -49.66 47.82
CA PRO B 121 -4.02 -49.60 47.33
C PRO B 121 -3.10 -50.35 48.27
N PRO B 122 -2.03 -50.95 47.73
CA PRO B 122 -1.04 -51.69 48.53
C PRO B 122 -0.23 -50.74 49.42
N GLY B 123 -0.75 -50.41 50.60
CA GLY B 123 -0.06 -49.48 51.49
C GLY B 123 -0.78 -49.23 52.80
N SER B 124 -1.92 -48.55 52.73
CA SER B 124 -2.68 -48.21 53.93
C SER B 124 -3.90 -49.11 54.10
N SER B 125 -4.34 -49.26 55.35
CA SER B 125 -5.53 -50.05 55.65
C SER B 125 -6.74 -49.14 55.89
N PRO B 126 -7.69 -49.16 54.96
CA PRO B 126 -8.92 -48.36 54.99
C PRO B 126 -9.79 -48.66 56.20
N SER B 127 -10.71 -47.76 56.52
CA SER B 127 -11.63 -47.96 57.64
C SER B 127 -13.07 -47.74 57.18
N VAL B 128 -13.71 -48.81 56.71
CA VAL B 128 -15.07 -48.72 56.17
C VAL B 128 -16.11 -48.44 57.26
N GLN B 129 -17.14 -47.66 56.90
CA GLN B 129 -18.17 -47.25 57.86
C GLN B 129 -19.46 -46.87 57.15
N CYS B 130 -20.26 -47.86 56.77
CA CYS B 130 -21.48 -47.63 56.03
C CYS B 130 -22.59 -47.00 56.87
N ARG B 131 -23.62 -46.48 56.20
CA ARG B 131 -24.75 -45.85 56.87
C ARG B 131 -25.98 -45.77 55.98
N SER B 132 -27.05 -46.44 56.39
CA SER B 132 -28.29 -46.48 55.62
C SER B 132 -29.08 -45.18 55.71
N PRO B 133 -30.19 -45.07 54.95
CA PRO B 133 -31.07 -43.91 55.08
C PRO B 133 -31.56 -43.78 56.51
N ARG B 134 -31.51 -44.89 57.24
CA ARG B 134 -31.83 -44.92 58.65
C ARG B 134 -30.66 -44.39 59.47
N GLY B 135 -29.52 -45.04 59.31
CA GLY B 135 -28.29 -44.60 59.96
C GLY B 135 -27.53 -45.67 60.70
N LYS B 136 -27.88 -46.93 60.47
CA LYS B 136 -27.21 -48.04 61.13
C LYS B 136 -25.75 -48.20 60.68
N ASN B 137 -24.84 -47.64 61.46
CA ASN B 137 -23.42 -47.72 61.13
C ASN B 137 -22.86 -49.11 61.34
N ILE B 138 -22.07 -49.57 60.37
CA ILE B 138 -21.36 -50.83 60.46
C ILE B 138 -19.90 -50.58 60.12
N GLN B 139 -19.00 -51.00 61.00
CA GLN B 139 -17.56 -50.80 60.78
C GLN B 139 -16.86 -52.07 60.33
N GLY B 140 -15.88 -51.92 59.43
CA GLY B 140 -15.12 -53.04 58.93
C GLY B 140 -13.70 -52.64 58.53
N GLY B 141 -13.15 -53.35 57.56
CA GLY B 141 -11.80 -53.08 57.07
C GLY B 141 -11.68 -53.35 55.59
N LYS B 142 -11.46 -54.61 55.23
CA LYS B 142 -11.32 -55.01 53.83
C LYS B 142 -12.69 -55.16 53.18
N THR B 143 -13.64 -55.71 53.92
CA THR B 143 -15.01 -55.87 53.42
C THR B 143 -16.02 -55.44 54.47
N LEU B 144 -17.27 -55.32 54.04
CA LEU B 144 -18.37 -54.98 54.93
C LEU B 144 -19.67 -55.52 54.35
N SER B 145 -20.32 -56.43 55.07
CA SER B 145 -21.57 -57.02 54.62
C SER B 145 -22.72 -56.74 55.58
N VAL B 146 -23.93 -56.68 55.04
CA VAL B 146 -25.14 -56.46 55.84
C VAL B 146 -25.97 -57.74 55.95
N SER B 147 -26.24 -58.16 57.17
CA SER B 147 -26.98 -59.39 57.43
C SER B 147 -28.43 -59.28 56.98
N GLN B 148 -29.33 -59.04 57.94
CA GLN B 148 -30.75 -58.85 57.63
C GLN B 148 -30.98 -57.54 56.88
N LEU B 149 -31.53 -57.65 55.68
CA LEU B 149 -31.84 -56.48 54.87
C LEU B 149 -33.34 -56.26 54.81
N GLU B 150 -33.83 -55.35 55.64
CA GLU B 150 -35.27 -55.09 55.75
C GLU B 150 -35.81 -54.29 54.57
N LEU B 151 -37.12 -54.07 54.57
CA LEU B 151 -37.81 -53.38 53.48
C LEU B 151 -37.63 -51.87 53.56
N GLN B 152 -37.57 -51.35 54.78
CA GLN B 152 -37.43 -49.91 55.00
C GLN B 152 -35.98 -49.46 54.81
N ASP B 153 -35.16 -50.34 54.23
CA ASP B 153 -33.77 -50.01 53.94
C ASP B 153 -33.62 -49.44 52.53
N SER B 154 -34.71 -49.48 51.77
CA SER B 154 -34.71 -48.96 50.40
C SER B 154 -34.38 -47.47 50.36
N GLY B 155 -33.58 -47.08 49.37
CA GLY B 155 -33.14 -45.72 49.23
C GLY B 155 -31.67 -45.66 48.84
N THR B 156 -30.97 -44.67 49.35
CA THR B 156 -29.54 -44.54 49.08
C THR B 156 -28.72 -44.62 50.36
N TRP B 157 -27.60 -45.35 50.30
CA TRP B 157 -26.72 -45.54 51.45
C TRP B 157 -25.46 -44.70 51.34
N THR B 158 -24.97 -44.22 52.47
CA THR B 158 -23.76 -43.40 52.52
C THR B 158 -22.63 -44.14 53.21
N CYS B 159 -21.85 -44.90 52.44
CA CYS B 159 -20.71 -45.60 52.99
C CYS B 159 -19.44 -44.75 52.91
N THR B 160 -19.05 -44.15 54.04
CA THR B 160 -17.90 -43.26 54.10
C THR B 160 -16.63 -43.99 54.54
N VAL B 161 -15.58 -43.90 53.72
CA VAL B 161 -14.31 -44.50 54.05
C VAL B 161 -13.36 -43.44 54.61
N LEU B 162 -12.98 -43.58 55.87
CA LEU B 162 -12.07 -42.63 56.49
C LEU B 162 -10.65 -43.16 56.49
N GLN B 163 -9.69 -42.25 56.60
CA GLN B 163 -8.27 -42.61 56.67
C GLN B 163 -7.42 -41.37 56.87
N ASN B 164 -6.87 -41.24 58.08
CA ASN B 164 -6.00 -40.10 58.43
C ASN B 164 -6.75 -38.79 58.58
N GLN B 165 -7.83 -38.81 59.37
CA GLN B 165 -8.64 -37.62 59.63
C GLN B 165 -9.19 -36.97 58.36
N LYS B 166 -9.21 -37.73 57.26
CA LYS B 166 -9.81 -37.28 56.02
C LYS B 166 -10.70 -38.38 55.46
N LYS B 167 -11.84 -38.01 54.90
CA LYS B 167 -12.81 -38.99 54.42
C LYS B 167 -13.35 -38.65 53.04
N VAL B 168 -13.88 -39.66 52.35
CA VAL B 168 -14.50 -39.48 51.04
C VAL B 168 -15.82 -40.24 50.97
N GLU B 169 -16.91 -39.51 51.18
CA GLU B 169 -18.24 -40.12 51.19
C GLU B 169 -18.61 -40.70 49.83
N PHE B 170 -19.20 -41.90 49.85
CA PHE B 170 -19.69 -42.53 48.63
C PHE B 170 -21.22 -42.44 48.58
N LYS B 171 -21.80 -43.04 47.55
CA LYS B 171 -23.26 -43.06 47.40
C LYS B 171 -23.72 -44.29 46.62
N ILE B 172 -24.16 -45.31 47.34
CA ILE B 172 -24.65 -46.53 46.71
C ILE B 172 -26.17 -46.54 46.72
N ASP B 173 -26.76 -47.26 45.75
CA ASP B 173 -28.20 -47.41 45.69
C ASP B 173 -28.61 -48.81 46.12
N ILE B 174 -29.65 -48.89 46.94
CA ILE B 174 -30.14 -50.17 47.43
C ILE B 174 -31.65 -50.29 47.26
N VAL B 175 -32.09 -51.32 46.54
CA VAL B 175 -33.51 -51.54 46.32
C VAL B 175 -33.94 -52.87 46.92
N VAL B 176 -34.85 -52.81 47.89
CA VAL B 176 -35.40 -54.01 48.50
C VAL B 176 -36.89 -54.08 48.21
N LEU B 177 -37.31 -55.15 47.55
CA LEU B 177 -38.70 -55.29 47.15
C LEU B 177 -39.10 -56.76 47.00
N ALA B 178 -40.37 -57.05 47.27
CA ALA B 178 -40.92 -58.40 47.09
C ALA B 178 -42.40 -58.40 47.44
N ASP C 1 -11.13 3.80 25.12
CA ASP C 1 -12.14 3.48 24.12
C ASP C 1 -12.25 4.61 23.10
N ILE C 2 -12.72 4.28 21.90
CA ILE C 2 -12.73 5.26 20.80
C ILE C 2 -14.07 5.96 20.65
N GLN C 3 -14.04 7.28 20.53
CA GLN C 3 -15.24 8.06 20.34
C GLN C 3 -15.36 8.53 18.89
N MET C 4 -16.51 8.25 18.27
CA MET C 4 -16.75 8.65 16.89
C MET C 4 -17.64 9.89 16.84
N THR C 5 -17.45 10.70 15.82
CA THR C 5 -18.22 11.93 15.66
C THR C 5 -18.35 12.29 14.19
N GLN C 6 -19.59 12.43 13.71
CA GLN C 6 -19.83 12.77 12.31
C GLN C 6 -20.21 14.25 12.13
N SER C 7 -20.25 14.68 10.87
CA SER C 7 -20.59 16.07 10.56
C SER C 7 -21.01 16.23 9.09
N PRO C 8 -22.12 16.94 8.86
CA PRO C 8 -22.96 17.47 9.94
C PRO C 8 -23.98 16.43 10.38
N SER C 9 -24.76 16.74 11.41
CA SER C 9 -25.83 15.83 11.84
C SER C 9 -26.93 15.78 10.78
N THR C 10 -27.56 16.93 10.55
CA THR C 10 -28.54 17.07 9.47
C THR C 10 -27.84 17.61 8.24
N LEU C 11 -28.31 17.22 7.05
CA LEU C 11 -27.68 17.68 5.81
C LEU C 11 -28.67 18.03 4.71
N SER C 12 -29.00 19.32 4.62
CA SER C 12 -29.91 19.81 3.60
C SER C 12 -29.21 19.90 2.24
N ALA C 13 -29.10 18.75 1.57
CA ALA C 13 -28.37 18.67 0.31
C ALA C 13 -29.29 18.68 -0.91
N SER C 14 -28.82 19.27 -2.00
CA SER C 14 -29.56 19.31 -3.26
C SER C 14 -29.27 18.04 -4.08
N VAL C 15 -29.77 18.02 -5.31
CA VAL C 15 -29.56 16.88 -6.20
C VAL C 15 -28.41 17.14 -7.17
N GLY C 16 -27.53 16.16 -7.33
CA GLY C 16 -26.39 16.28 -8.22
C GLY C 16 -25.19 16.96 -7.57
N ASP C 17 -25.45 17.69 -6.49
CA ASP C 17 -24.40 18.45 -5.81
C ASP C 17 -23.38 17.55 -5.13
N ARG C 18 -22.10 17.87 -5.31
CA ARG C 18 -21.02 17.10 -4.72
C ARG C 18 -20.90 17.38 -3.23
N VAL C 19 -21.02 16.32 -2.42
CA VAL C 19 -21.04 16.48 -0.97
C VAL C 19 -20.04 15.57 -0.26
N THR C 20 -19.53 16.04 0.87
CA THR C 20 -18.52 15.31 1.64
C THR C 20 -18.91 15.20 3.11
N ILE C 21 -18.78 14.00 3.68
CA ILE C 21 -19.07 13.77 5.09
C ILE C 21 -17.79 13.48 5.86
N THR C 22 -17.73 13.91 7.11
CA THR C 22 -16.55 13.70 7.92
C THR C 22 -16.81 12.78 9.11
N CYS C 23 -15.73 12.32 9.72
CA CYS C 23 -15.78 11.45 10.89
C CYS C 23 -14.40 11.51 11.53
N ARG C 24 -14.34 11.90 12.80
CA ARG C 24 -13.06 12.02 13.50
C ARG C 24 -12.99 11.09 14.71
N ALA C 25 -11.80 10.53 14.95
CA ALA C 25 -11.61 9.52 15.99
C ALA C 25 -11.08 10.08 17.30
N SER C 26 -10.89 9.19 18.28
CA SER C 26 -10.34 9.57 19.57
C SER C 26 -8.84 9.32 19.62
N GLN C 27 -8.34 8.55 18.64
CA GLN C 27 -6.93 8.21 18.56
C GLN C 27 -6.57 7.78 17.15
N SER C 28 -5.27 7.65 16.89
CA SER C 28 -4.80 7.22 15.57
C SER C 28 -5.16 5.75 15.32
N ILE C 29 -6.02 5.52 14.33
CA ILE C 29 -6.51 4.19 14.03
C ILE C 29 -6.12 3.75 12.62
N SER C 30 -5.08 4.38 12.08
CA SER C 30 -4.58 4.02 10.75
C SER C 30 -5.64 4.30 9.69
N ASN C 31 -5.80 3.37 8.75
CA ASN C 31 -6.81 3.48 7.71
C ASN C 31 -7.86 2.39 7.83
N TRP C 32 -8.30 2.13 9.06
CA TRP C 32 -9.29 1.09 9.31
C TRP C 32 -10.65 1.70 9.63
N LEU C 33 -11.39 2.04 8.59
CA LEU C 33 -12.70 2.63 8.73
C LEU C 33 -13.64 2.03 7.71
N ALA C 34 -14.93 2.23 7.89
CA ALA C 34 -15.91 1.70 6.96
C ALA C 34 -17.15 2.57 6.96
N TRP C 35 -17.75 2.74 5.78
CA TRP C 35 -18.94 3.57 5.68
C TRP C 35 -20.16 2.73 5.34
N TYR C 36 -21.23 2.94 6.10
CA TYR C 36 -22.46 2.20 5.90
C TYR C 36 -23.59 3.09 5.47
N GLN C 37 -24.37 2.61 4.50
CA GLN C 37 -25.60 3.29 4.13
C GLN C 37 -26.77 2.51 4.72
N GLN C 38 -27.80 3.22 5.16
CA GLN C 38 -29.01 2.58 5.64
C GLN C 38 -30.26 3.38 5.29
N LYS C 39 -31.10 2.78 4.46
CA LYS C 39 -32.38 3.38 4.11
C LYS C 39 -33.38 3.15 5.25
N PRO C 40 -34.39 4.01 5.36
CA PRO C 40 -35.44 3.93 6.38
C PRO C 40 -36.03 2.53 6.55
N GLY C 41 -36.09 2.07 7.80
CA GLY C 41 -36.65 0.76 8.12
C GLY C 41 -36.01 -0.38 7.35
N ARG C 42 -34.68 -0.35 7.24
CA ARG C 42 -33.95 -1.35 6.47
C ARG C 42 -32.55 -1.59 7.02
N ALA C 43 -32.00 -2.77 6.73
CA ALA C 43 -30.69 -3.17 7.25
C ALA C 43 -29.57 -2.40 6.57
N PRO C 44 -28.60 -1.92 7.36
CA PRO C 44 -27.44 -1.19 6.85
C PRO C 44 -26.61 -2.08 5.90
N LYS C 45 -26.01 -1.47 4.88
CA LYS C 45 -25.19 -2.20 3.91
C LYS C 45 -23.86 -1.50 3.67
N LEU C 46 -22.79 -2.28 3.60
CA LEU C 46 -21.43 -1.75 3.52
C LEU C 46 -21.07 -1.27 2.11
N LEU C 47 -20.44 -0.11 2.04
CA LEU C 47 -19.98 0.41 0.76
C LEU C 47 -18.46 0.52 0.73
N MET C 48 -17.90 1.17 1.74
CA MET C 48 -16.47 1.46 1.79
C MET C 48 -15.82 0.82 3.01
N TYR C 49 -14.84 -0.04 2.79
CA TYR C 49 -14.05 -0.59 3.88
C TYR C 49 -12.59 -0.28 3.64
N LYS C 50 -11.75 -0.49 4.66
CA LYS C 50 -10.34 -0.16 4.54
C LYS C 50 -10.14 1.35 4.39
N ALA C 51 -11.08 2.11 4.93
CA ALA C 51 -11.03 3.58 4.92
C ALA C 51 -11.33 4.22 3.56
N SER C 52 -10.99 3.53 2.48
CA SER C 52 -11.14 4.13 1.15
C SER C 52 -11.40 3.10 0.06
N SER C 53 -11.23 1.82 0.38
CA SER C 53 -11.40 0.77 -0.61
C SER C 53 -12.87 0.46 -0.88
N LEU C 54 -13.25 0.44 -2.15
CA LEU C 54 -14.62 0.15 -2.54
C LEU C 54 -14.84 -1.35 -2.48
N LYS C 55 -16.11 -1.77 -2.44
CA LYS C 55 -16.44 -3.19 -2.46
C LYS C 55 -17.21 -3.59 -3.72
N SER C 56 -17.13 -4.86 -4.08
CA SER C 56 -17.75 -5.37 -5.30
C SER C 56 -19.26 -5.13 -5.33
N GLY C 57 -19.73 -4.52 -6.41
CA GLY C 57 -21.15 -4.22 -6.56
C GLY C 57 -21.54 -2.91 -5.89
N VAL C 58 -20.59 -1.98 -5.84
CA VAL C 58 -20.83 -0.66 -5.28
C VAL C 58 -20.58 0.40 -6.34
N PRO C 59 -21.51 1.35 -6.50
CA PRO C 59 -21.42 2.43 -7.48
C PRO C 59 -20.09 3.19 -7.42
N SER C 60 -19.78 3.89 -8.50
CA SER C 60 -18.48 4.55 -8.63
C SER C 60 -18.48 5.98 -8.11
N ARG C 61 -19.67 6.56 -7.95
CA ARG C 61 -19.79 7.94 -7.48
C ARG C 61 -19.34 8.10 -6.02
N PHE C 62 -19.25 6.98 -5.30
CA PHE C 62 -18.86 7.02 -3.89
C PHE C 62 -17.35 6.97 -3.74
N SER C 63 -16.80 7.92 -2.99
CA SER C 63 -15.36 8.03 -2.84
C SER C 63 -14.95 8.24 -1.38
N GLY C 64 -14.20 7.28 -0.84
CA GLY C 64 -13.70 7.39 0.51
C GLY C 64 -12.29 7.94 0.51
N SER C 65 -11.99 8.84 1.43
CA SER C 65 -10.66 9.44 1.51
C SER C 65 -10.25 9.69 2.97
N GLY C 66 -8.96 9.95 3.18
CA GLY C 66 -8.46 10.30 4.50
C GLY C 66 -7.79 9.15 5.24
N SER C 67 -7.15 9.49 6.37
CA SER C 67 -6.46 8.51 7.19
C SER C 67 -6.01 9.13 8.52
N GLY C 68 -5.68 8.27 9.49
CA GLY C 68 -5.21 8.74 10.78
C GLY C 68 -6.33 9.08 11.73
N THR C 69 -6.81 10.33 11.65
CA THR C 69 -7.89 10.79 12.52
C THR C 69 -9.05 11.33 11.69
N GLU C 70 -8.74 12.18 10.72
CA GLU C 70 -9.77 12.78 9.87
C GLU C 70 -10.07 11.91 8.66
N PHE C 71 -11.37 11.70 8.41
CA PHE C 71 -11.79 10.92 7.26
C PHE C 71 -12.94 11.60 6.52
N THR C 72 -13.16 11.21 5.27
CA THR C 72 -14.16 11.85 4.44
C THR C 72 -14.86 10.89 3.48
N LEU C 73 -16.17 11.10 3.33
CA LEU C 73 -16.96 10.34 2.37
C LEU C 73 -17.49 11.31 1.33
N THR C 74 -16.97 11.21 0.11
CA THR C 74 -17.32 12.13 -0.97
C THR C 74 -18.23 11.46 -2.00
N ILE C 75 -19.16 12.22 -2.56
CA ILE C 75 -20.03 11.71 -3.60
C ILE C 75 -20.05 12.64 -4.79
N SER C 76 -19.60 12.14 -5.94
CA SER C 76 -19.53 12.92 -7.18
C SER C 76 -20.89 13.49 -7.58
N SER C 77 -21.70 12.65 -8.22
CA SER C 77 -23.04 13.04 -8.62
C SER C 77 -24.06 12.43 -7.65
N LEU C 78 -25.27 12.99 -7.62
CA LEU C 78 -26.27 12.56 -6.66
C LEU C 78 -27.60 12.18 -7.31
N GLN C 79 -28.03 10.95 -7.10
CA GLN C 79 -29.31 10.48 -7.62
C GLN C 79 -30.37 10.48 -6.53
N SER C 80 -31.58 10.07 -6.88
CA SER C 80 -32.68 10.02 -5.93
C SER C 80 -32.63 8.73 -5.11
N ASP C 81 -31.58 7.95 -5.31
CA ASP C 81 -31.43 6.67 -4.61
C ASP C 81 -30.25 6.68 -3.64
N ASP C 82 -29.90 7.87 -3.16
CA ASP C 82 -28.76 8.01 -2.26
C ASP C 82 -29.11 8.91 -1.08
N PHE C 83 -30.41 9.02 -0.78
CA PHE C 83 -30.89 9.86 0.32
C PHE C 83 -31.13 9.06 1.59
N ALA C 84 -30.07 8.45 2.12
CA ALA C 84 -30.19 7.65 3.33
C ALA C 84 -29.29 8.18 4.44
N THR C 85 -29.09 7.36 5.46
CA THR C 85 -28.23 7.73 6.58
C THR C 85 -26.89 7.01 6.45
N TYR C 86 -25.82 7.63 6.94
CA TYR C 86 -24.50 7.06 6.79
C TYR C 86 -23.75 6.96 8.12
N TYR C 87 -23.10 5.82 8.34
CA TYR C 87 -22.40 5.57 9.60
C TYR C 87 -20.94 5.22 9.35
N CYS C 88 -20.07 5.69 10.24
CA CYS C 88 -18.66 5.30 10.17
C CYS C 88 -18.31 4.28 11.25
N GLN C 89 -17.91 3.09 10.84
CA GLN C 89 -17.41 2.09 11.79
C GLN C 89 -15.89 2.11 11.77
N GLN C 90 -15.27 1.73 12.88
CA GLN C 90 -13.81 1.68 12.97
C GLN C 90 -13.33 0.27 13.27
N HIS C 91 -13.05 -0.52 12.23
CA HIS C 91 -12.61 -1.89 12.45
C HIS C 91 -11.13 -1.97 12.78
N ASP C 92 -10.70 -1.16 13.74
CA ASP C 92 -9.33 -1.20 14.25
C ASP C 92 -9.24 -2.21 15.37
N SER C 93 -9.75 -1.83 16.55
CA SER C 93 -9.74 -2.71 17.70
C SER C 93 -11.11 -2.74 18.36
N SER C 94 -11.41 -3.85 19.03
CA SER C 94 -12.63 -3.96 19.82
C SER C 94 -12.48 -3.05 21.03
N PRO C 95 -13.61 -2.53 21.55
CA PRO C 95 -14.97 -2.69 21.02
C PRO C 95 -15.22 -1.83 19.79
N TYR C 96 -15.82 -2.40 18.76
CA TYR C 96 -16.07 -1.67 17.52
C TYR C 96 -17.17 -0.62 17.70
N THR C 97 -16.78 0.64 17.52
CA THR C 97 -17.68 1.76 17.68
C THR C 97 -18.19 2.23 16.32
N PHE C 98 -19.42 2.74 16.30
CA PHE C 98 -20.01 3.26 15.07
C PHE C 98 -20.14 4.76 15.11
N GLY C 99 -20.69 5.33 14.04
CA GLY C 99 -20.85 6.76 13.93
C GLY C 99 -22.13 7.24 14.57
N GLN C 100 -22.28 8.56 14.64
CA GLN C 100 -23.47 9.18 15.20
C GLN C 100 -24.64 8.95 14.25
N GLY C 101 -24.44 9.32 12.99
CA GLY C 101 -25.47 9.21 11.98
C GLY C 101 -25.73 10.54 11.29
N THR C 102 -25.86 10.50 9.97
CA THR C 102 -26.14 11.72 9.21
C THR C 102 -27.24 11.47 8.18
N LYS C 103 -28.34 12.20 8.33
CA LYS C 103 -29.46 12.07 7.42
C LYS C 103 -29.29 12.95 6.19
N LEU C 104 -29.14 12.31 5.04
CA LEU C 104 -29.02 13.02 3.78
C LEU C 104 -30.40 13.29 3.21
N GLU C 105 -30.86 14.53 3.33
CA GLU C 105 -32.19 14.89 2.86
C GLU C 105 -32.13 15.74 1.59
N ILE C 106 -33.30 16.16 1.12
CA ILE C 106 -33.40 17.00 -0.07
C ILE C 106 -33.73 18.42 0.34
N LYS C 107 -33.40 19.38 -0.53
CA LYS C 107 -33.63 20.78 -0.25
C LYS C 107 -34.62 21.40 -1.23
N ARG C 108 -35.39 22.35 -0.72
CA ARG C 108 -36.36 23.07 -1.53
C ARG C 108 -36.62 24.45 -0.93
N THR C 109 -37.57 25.17 -1.50
CA THR C 109 -37.98 26.46 -0.95
C THR C 109 -38.52 26.29 0.48
N VAL C 110 -38.29 27.28 1.33
CA VAL C 110 -38.72 27.23 2.72
C VAL C 110 -40.26 27.25 2.84
N ALA C 111 -40.87 26.07 2.83
CA ALA C 111 -42.32 25.94 2.86
C ALA C 111 -42.93 26.42 4.18
N ALA C 112 -44.03 27.13 4.09
CA ALA C 112 -44.73 27.64 5.26
C ALA C 112 -45.52 26.52 5.94
N PRO C 113 -45.14 26.19 7.19
CA PRO C 113 -45.84 25.18 8.00
C PRO C 113 -47.31 25.51 8.15
N SER C 114 -48.17 24.49 8.12
CA SER C 114 -49.61 24.69 8.19
C SER C 114 -50.19 24.29 9.55
N VAL C 115 -50.74 25.27 10.27
CA VAL C 115 -51.37 25.02 11.56
C VAL C 115 -52.83 24.62 11.38
N PHE C 116 -53.19 23.45 11.91
CA PHE C 116 -54.56 22.95 11.80
C PHE C 116 -54.88 22.10 13.02
N ILE C 117 -56.13 22.14 13.48
CA ILE C 117 -56.52 21.43 14.69
C ILE C 117 -57.74 20.52 14.49
N PHE C 118 -57.69 19.35 15.14
CA PHE C 118 -58.77 18.37 15.01
C PHE C 118 -59.62 18.28 16.28
N PRO C 119 -60.93 18.49 16.12
CA PRO C 119 -61.93 18.36 17.18
C PRO C 119 -62.15 16.91 17.60
N PRO C 120 -61.76 16.56 18.83
CA PRO C 120 -61.99 15.22 19.41
C PRO C 120 -63.48 14.93 19.64
N SER C 121 -63.92 13.72 19.29
CA SER C 121 -65.32 13.33 19.47
C SER C 121 -65.57 12.79 20.87
N ASP C 122 -66.84 12.52 21.19
CA ASP C 122 -67.24 12.06 22.51
C ASP C 122 -67.06 10.56 22.72
N GLU C 123 -66.98 9.81 21.62
CA GLU C 123 -66.66 8.38 21.70
C GLU C 123 -65.21 8.20 22.12
N GLN C 124 -64.48 9.31 22.13
CA GLN C 124 -63.06 9.32 22.47
C GLN C 124 -62.84 9.82 23.89
N LEU C 125 -63.71 10.73 24.34
CA LEU C 125 -63.60 11.32 25.66
C LEU C 125 -64.40 10.52 26.69
N LYS C 126 -65.52 9.97 26.24
CA LYS C 126 -66.35 9.11 27.08
C LYS C 126 -65.96 7.65 26.91
N SER C 127 -64.72 7.34 27.29
CA SER C 127 -64.19 5.98 27.18
C SER C 127 -62.93 5.85 28.02
N GLY C 128 -62.17 6.94 28.10
CA GLY C 128 -60.94 6.97 28.87
C GLY C 128 -60.39 8.37 29.07
N THR C 129 -59.73 8.89 28.04
CA THR C 129 -59.07 10.20 28.13
C THR C 129 -59.50 11.17 27.03
N ALA C 130 -58.73 12.24 26.85
CA ALA C 130 -59.03 13.26 25.85
C ALA C 130 -57.92 13.38 24.81
N SER C 131 -58.31 13.76 23.60
CA SER C 131 -57.37 13.85 22.49
C SER C 131 -57.35 15.23 21.84
N VAL C 132 -56.16 15.69 21.48
CA VAL C 132 -55.97 17.00 20.85
C VAL C 132 -54.89 16.90 19.78
N VAL C 133 -55.24 17.31 18.56
CA VAL C 133 -54.35 17.14 17.42
C VAL C 133 -54.04 18.46 16.72
N CYS C 134 -52.79 18.93 16.86
CA CYS C 134 -52.32 20.10 16.15
C CYS C 134 -51.46 19.68 14.95
N LEU C 135 -52.14 19.24 13.89
CA LEU C 135 -51.48 18.73 12.69
C LEU C 135 -50.82 19.82 11.85
N LEU C 136 -49.57 19.58 11.46
CA LEU C 136 -48.87 20.45 10.54
C LEU C 136 -48.67 19.74 9.20
N ASN C 137 -49.17 20.34 8.13
CA ASN C 137 -49.14 19.73 6.81
C ASN C 137 -48.20 20.45 5.84
N ASN C 138 -47.21 19.73 5.32
CA ASN C 138 -46.29 20.25 4.31
C ASN C 138 -45.51 21.49 4.72
N PHE C 139 -44.30 21.29 5.25
CA PHE C 139 -43.44 22.39 5.62
C PHE C 139 -41.97 22.05 5.47
N TYR C 140 -41.10 23.00 5.80
CA TYR C 140 -39.66 22.84 5.64
C TYR C 140 -38.95 24.05 6.22
N PRO C 141 -37.77 23.85 6.83
CA PRO C 141 -37.07 22.57 6.96
C PRO C 141 -37.66 21.67 8.04
N ARG C 142 -37.05 20.50 8.24
CA ARG C 142 -37.50 19.55 9.25
C ARG C 142 -37.46 20.17 10.64
N GLU C 143 -36.44 20.99 10.88
CA GLU C 143 -36.25 21.65 12.17
C GLU C 143 -37.33 22.70 12.42
N ALA C 144 -38.35 22.32 13.20
CA ALA C 144 -39.45 23.22 13.54
C ALA C 144 -40.03 22.83 14.90
N LYS C 145 -39.43 23.35 15.96
CA LYS C 145 -39.80 23.00 17.32
C LYS C 145 -41.23 23.46 17.68
N VAL C 146 -42.04 22.54 18.17
CA VAL C 146 -43.42 22.84 18.54
C VAL C 146 -43.57 23.05 20.04
N GLN C 147 -44.38 24.04 20.42
CA GLN C 147 -44.68 24.29 21.82
C GLN C 147 -46.18 24.09 22.07
N TRP C 148 -46.53 23.84 23.33
CA TRP C 148 -47.92 23.59 23.70
C TRP C 148 -48.36 24.47 24.87
N LYS C 149 -49.48 25.17 24.68
CA LYS C 149 -49.95 26.13 25.67
C LYS C 149 -51.43 25.95 25.99
N VAL C 150 -51.73 25.01 26.89
CA VAL C 150 -53.12 24.79 27.29
C VAL C 150 -53.43 25.49 28.61
N ASP C 151 -54.56 26.17 28.66
CA ASP C 151 -54.98 26.91 29.84
C ASP C 151 -53.98 28.03 30.15
N ASN C 152 -53.28 28.47 29.12
CA ASN C 152 -52.24 29.50 29.24
C ASN C 152 -50.98 29.02 29.96
N ALA C 153 -51.17 28.13 30.93
CA ALA C 153 -50.07 27.54 31.67
C ALA C 153 -49.17 26.72 30.75
N LEU C 154 -47.90 27.12 30.67
CA LEU C 154 -46.94 26.45 29.80
C LEU C 154 -46.93 24.94 30.06
N GLN C 155 -47.02 24.17 28.97
CA GLN C 155 -46.99 22.71 29.07
C GLN C 155 -45.56 22.20 29.25
N SER C 156 -45.38 21.29 30.19
CA SER C 156 -44.06 20.73 30.49
C SER C 156 -44.16 19.24 30.82
N GLY C 157 -44.73 18.46 29.91
CA GLY C 157 -44.83 17.02 30.12
C GLY C 157 -45.54 16.24 29.03
N ASN C 158 -46.86 16.28 29.04
CA ASN C 158 -47.68 15.39 28.21
C ASN C 158 -47.85 15.83 26.76
N SER C 159 -46.75 15.91 26.02
CA SER C 159 -46.80 16.24 24.60
C SER C 159 -45.82 15.37 23.82
N GLN C 160 -46.33 14.63 22.84
CA GLN C 160 -45.51 13.72 22.06
C GLN C 160 -45.37 14.17 20.62
N GLU C 161 -44.19 13.91 20.03
CA GLU C 161 -43.94 14.28 18.65
C GLU C 161 -44.00 13.05 17.75
N SER C 162 -44.39 13.25 16.48
CA SER C 162 -44.51 12.16 15.53
C SER C 162 -44.54 12.68 14.10
N VAL C 163 -43.38 12.66 13.44
CA VAL C 163 -43.27 13.17 12.07
C VAL C 163 -43.13 12.05 11.03
N THR C 164 -43.20 12.42 9.75
CA THR C 164 -42.99 11.46 8.67
C THR C 164 -41.80 11.90 7.83
N GLU C 165 -41.23 10.97 7.07
CA GLU C 165 -40.07 11.26 6.24
C GLU C 165 -40.45 12.06 4.99
N GLN C 166 -39.47 12.27 4.11
CA GLN C 166 -39.72 12.99 2.87
C GLN C 166 -40.30 12.10 1.78
N ASP C 167 -41.36 12.58 1.15
CA ASP C 167 -42.06 11.84 0.11
C ASP C 167 -41.49 12.16 -1.28
N SER C 168 -41.78 11.29 -2.25
CA SER C 168 -41.37 11.52 -3.62
C SER C 168 -42.42 12.33 -4.37
N LYS C 169 -43.03 13.29 -3.68
CA LYS C 169 -44.00 14.20 -4.29
C LYS C 169 -43.42 15.62 -4.34
N ASP C 170 -43.32 16.28 -3.19
CA ASP C 170 -42.78 17.63 -3.13
C ASP C 170 -41.79 17.81 -1.98
N SER C 171 -41.30 16.69 -1.45
CA SER C 171 -40.33 16.71 -0.36
C SER C 171 -40.76 17.62 0.79
N THR C 172 -41.86 17.26 1.44
CA THR C 172 -42.40 18.03 2.56
C THR C 172 -42.56 17.17 3.80
N TYR C 173 -42.75 17.82 4.94
CA TYR C 173 -42.92 17.10 6.20
C TYR C 173 -44.30 17.29 6.80
N SER C 174 -44.64 16.42 7.75
CA SER C 174 -45.92 16.49 8.44
C SER C 174 -45.75 15.94 9.85
N LEU C 175 -46.26 16.68 10.85
CA LEU C 175 -46.14 16.25 12.24
C LEU C 175 -47.49 16.24 12.97
N SER C 176 -47.48 15.74 14.20
CA SER C 176 -48.69 15.68 15.02
C SER C 176 -48.34 15.53 16.50
N SER C 177 -48.96 16.35 17.33
CA SER C 177 -48.74 16.29 18.78
C SER C 177 -50.04 15.99 19.50
N THR C 178 -49.94 15.33 20.65
CA THR C 178 -51.13 14.97 21.43
C THR C 178 -50.91 15.10 22.93
N LEU C 179 -52.01 15.15 23.69
CA LEU C 179 -51.96 15.23 25.14
C LEU C 179 -52.53 13.97 25.77
N THR C 180 -51.99 13.60 26.93
CA THR C 180 -52.45 12.41 27.64
C THR C 180 -53.10 12.76 28.99
N LEU C 181 -54.23 13.47 28.94
CA LEU C 181 -55.01 13.80 30.12
C LEU C 181 -56.49 13.50 29.88
N SER C 182 -57.20 13.06 30.93
CA SER C 182 -58.57 12.58 30.78
C SER C 182 -59.63 13.68 30.78
N LYS C 183 -60.89 13.26 30.88
CA LYS C 183 -62.03 14.18 30.89
C LYS C 183 -62.08 14.97 32.20
N ALA C 184 -61.35 14.50 33.20
CA ALA C 184 -61.27 15.17 34.49
C ALA C 184 -60.40 16.43 34.39
N ASP C 185 -59.29 16.32 33.68
CA ASP C 185 -58.41 17.46 33.45
C ASP C 185 -58.84 18.24 32.20
N TYR C 186 -60.02 17.90 31.68
CA TYR C 186 -60.55 18.55 30.49
C TYR C 186 -61.63 19.57 30.85
N GLU C 187 -62.58 19.15 31.68
CA GLU C 187 -63.67 20.03 32.10
C GLU C 187 -63.16 21.17 32.97
N LYS C 188 -62.03 20.95 33.63
CA LYS C 188 -61.44 21.96 34.51
C LYS C 188 -60.74 23.08 33.74
N HIS C 189 -60.63 22.91 32.43
CA HIS C 189 -59.97 23.90 31.58
C HIS C 189 -60.82 24.22 30.35
N LYS C 190 -60.57 25.37 29.74
CA LYS C 190 -61.43 25.87 28.67
C LYS C 190 -60.66 26.52 27.51
N LEU C 191 -59.43 26.96 27.79
CA LEU C 191 -58.59 27.57 26.75
C LEU C 191 -57.46 26.65 26.34
N TYR C 192 -57.09 26.70 25.05
CA TYR C 192 -56.06 25.83 24.51
C TYR C 192 -55.24 26.52 23.41
N ALA C 193 -54.18 25.85 22.94
CA ALA C 193 -53.33 26.39 21.89
C ALA C 193 -52.17 25.45 21.50
N CYS C 194 -51.37 25.90 20.54
CA CYS C 194 -50.15 25.18 20.12
C CYS C 194 -49.29 26.06 19.20
N GLU C 195 -48.56 26.99 19.80
CA GLU C 195 -47.72 27.92 19.05
C GLU C 195 -46.40 27.27 18.63
N VAL C 196 -46.23 27.07 17.33
CA VAL C 196 -45.01 26.47 16.80
C VAL C 196 -44.00 27.54 16.41
N THR C 197 -42.74 27.32 16.76
CA THR C 197 -41.66 28.24 16.41
C THR C 197 -40.93 27.80 15.14
N HIS C 198 -40.69 28.75 14.24
CA HIS C 198 -40.05 28.46 12.96
C HIS C 198 -39.76 29.75 12.21
N GLN C 199 -38.65 29.77 11.46
CA GLN C 199 -38.26 30.96 10.71
C GLN C 199 -39.15 31.22 9.49
N GLY C 200 -39.78 30.16 8.97
CA GLY C 200 -40.66 30.27 7.82
C GLY C 200 -41.88 31.14 8.10
N LEU C 201 -42.44 30.99 9.30
CA LEU C 201 -43.55 31.84 9.74
C LEU C 201 -43.38 32.21 11.21
N SER C 202 -42.82 33.39 11.45
CA SER C 202 -42.46 33.83 12.80
C SER C 202 -43.65 33.98 13.74
N SER C 203 -44.62 34.80 13.35
CA SER C 203 -45.82 35.05 14.15
C SER C 203 -46.48 33.74 14.58
N PRO C 204 -46.58 33.52 15.90
CA PRO C 204 -47.18 32.31 16.49
C PRO C 204 -48.68 32.22 16.30
N VAL C 205 -49.14 32.13 15.06
CA VAL C 205 -50.55 31.94 14.76
C VAL C 205 -50.99 30.55 15.18
N THR C 206 -52.11 30.46 15.88
CA THR C 206 -52.53 29.19 16.47
C THR C 206 -54.02 28.94 16.28
N LYS C 207 -54.38 27.66 16.21
CA LYS C 207 -55.78 27.25 16.15
C LYS C 207 -56.15 26.43 17.39
N SER C 208 -57.28 26.76 17.99
CA SER C 208 -57.74 26.08 19.21
C SER C 208 -59.26 26.00 19.26
N PHE C 209 -59.80 25.52 20.38
CA PHE C 209 -61.24 25.46 20.56
C PHE C 209 -61.66 25.68 22.02
N ASN C 210 -62.97 25.84 22.22
CA ASN C 210 -63.54 26.01 23.54
C ASN C 210 -64.61 24.96 23.77
N ARG C 211 -64.93 24.68 25.03
CA ARG C 211 -65.89 23.64 25.37
C ARG C 211 -67.25 23.84 24.71
N GLY C 212 -67.57 23.00 23.74
CA GLY C 212 -68.86 23.03 23.08
C GLY C 212 -68.90 23.81 21.78
N GLU C 213 -70.07 24.35 21.47
CA GLU C 213 -70.27 25.09 20.22
C GLU C 213 -69.84 26.55 20.34
N GLU D 1 -24.98 -16.73 -4.01
CA GLU D 1 -25.52 -16.02 -2.86
C GLU D 1 -24.91 -16.54 -1.57
N VAL D 2 -25.14 -15.81 -0.47
CA VAL D 2 -24.58 -16.17 0.83
C VAL D 2 -25.16 -15.26 1.93
N GLN D 3 -26.48 -15.29 2.08
CA GLN D 3 -27.17 -14.37 2.99
C GLN D 3 -27.27 -14.90 4.42
N LEU D 4 -27.75 -14.06 5.32
CA LEU D 4 -28.01 -14.45 6.72
C LEU D 4 -29.49 -14.37 7.05
N VAL D 5 -30.00 -15.41 7.69
CA VAL D 5 -31.42 -15.51 7.99
C VAL D 5 -31.68 -15.27 9.46
N GLN D 6 -32.58 -14.33 9.77
CA GLN D 6 -32.92 -14.05 11.16
C GLN D 6 -34.35 -14.47 11.52
N SER D 7 -34.60 -14.67 12.80
CA SER D 7 -35.92 -15.07 13.28
C SER D 7 -36.90 -13.91 13.26
N GLY D 8 -38.17 -14.19 13.54
CA GLY D 8 -39.23 -13.22 13.38
C GLY D 8 -39.31 -12.14 14.44
N ALA D 9 -40.47 -11.50 14.53
CA ALA D 9 -40.69 -10.41 15.48
C ALA D 9 -41.08 -10.96 16.85
N GLU D 10 -40.37 -10.49 17.88
CA GLU D 10 -40.59 -10.96 19.23
C GLU D 10 -41.32 -9.91 20.09
N VAL D 11 -42.30 -10.38 20.86
CA VAL D 11 -42.99 -9.54 21.82
C VAL D 11 -42.83 -10.11 23.21
N LYS D 12 -42.24 -9.31 24.11
CA LYS D 12 -41.93 -9.78 25.45
C LYS D 12 -42.35 -8.78 26.52
N LYS D 13 -42.98 -9.27 27.58
CA LYS D 13 -43.28 -8.43 28.74
C LYS D 13 -42.05 -8.42 29.63
N PRO D 14 -41.81 -7.28 30.31
CA PRO D 14 -40.60 -7.09 31.11
C PRO D 14 -40.38 -8.19 32.14
N GLY D 15 -39.15 -8.65 32.27
CA GLY D 15 -38.82 -9.67 33.25
C GLY D 15 -38.63 -11.04 32.63
N SER D 16 -38.92 -11.16 31.35
CA SER D 16 -38.75 -12.44 30.65
C SER D 16 -37.42 -12.48 29.92
N SER D 17 -37.20 -13.55 29.16
CA SER D 17 -35.99 -13.70 28.36
C SER D 17 -36.32 -14.19 26.95
N VAL D 18 -35.51 -13.78 25.98
CA VAL D 18 -35.73 -14.15 24.59
C VAL D 18 -34.41 -14.53 23.91
N LYS D 19 -34.47 -15.54 23.05
CA LYS D 19 -33.28 -16.04 22.36
C LYS D 19 -33.48 -15.97 20.85
N VAL D 20 -32.79 -15.04 20.19
CA VAL D 20 -32.93 -14.84 18.75
C VAL D 20 -31.98 -15.74 17.97
N SER D 21 -32.36 -16.05 16.73
CA SER D 21 -31.60 -16.98 15.90
C SER D 21 -30.95 -16.27 14.73
N CYS D 22 -30.12 -17.00 13.98
CA CYS D 22 -29.43 -16.43 12.83
C CYS D 22 -28.70 -17.54 12.06
N LYS D 23 -29.30 -18.03 10.98
CA LYS D 23 -28.72 -19.10 10.18
C LYS D 23 -27.83 -18.56 9.07
N ALA D 24 -26.80 -19.31 8.69
CA ALA D 24 -25.93 -18.95 7.57
C ALA D 24 -26.28 -19.78 6.34
N SER D 25 -26.95 -19.14 5.38
CA SER D 25 -27.48 -19.84 4.21
C SER D 25 -26.42 -20.58 3.41
N GLY D 26 -25.33 -19.90 3.06
CA GLY D 26 -24.29 -20.49 2.24
C GLY D 26 -22.94 -20.63 2.91
N GLY D 27 -21.91 -20.84 2.10
CA GLY D 27 -20.55 -20.89 2.59
C GLY D 27 -20.30 -22.00 3.60
N THR D 28 -19.31 -21.78 4.47
CA THR D 28 -19.00 -22.72 5.54
C THR D 28 -19.12 -21.98 6.86
N PHE D 29 -19.76 -22.61 7.84
CA PHE D 29 -20.07 -21.94 9.11
C PHE D 29 -18.83 -21.50 9.89
N SER D 30 -17.83 -22.38 9.96
CA SER D 30 -16.62 -22.09 10.72
C SER D 30 -15.86 -20.85 10.19
N ASN D 31 -16.21 -20.41 8.98
CA ASN D 31 -15.58 -19.25 8.37
C ASN D 31 -16.24 -17.93 8.77
N TYR D 32 -17.50 -18.01 9.19
CA TYR D 32 -18.25 -16.84 9.65
C TYR D 32 -17.78 -16.37 11.03
N ALA D 33 -17.80 -15.06 11.22
CA ALA D 33 -17.63 -14.48 12.54
C ALA D 33 -18.83 -13.60 12.84
N ILE D 34 -19.87 -14.21 13.40
CA ILE D 34 -21.15 -13.55 13.58
C ILE D 34 -21.20 -12.62 14.79
N ASN D 35 -21.26 -11.32 14.54
CA ASN D 35 -21.40 -10.35 15.61
C ASN D 35 -22.81 -9.76 15.61
N TRP D 36 -23.36 -9.54 16.80
CA TRP D 36 -24.72 -9.02 16.91
C TRP D 36 -24.71 -7.51 17.11
N VAL D 37 -25.56 -6.81 16.38
CA VAL D 37 -25.62 -5.36 16.50
C VAL D 37 -27.04 -4.87 16.79
N ARG D 38 -27.13 -3.92 17.72
CA ARG D 38 -28.42 -3.41 18.20
C ARG D 38 -28.71 -2.01 17.67
N GLN D 39 -29.98 -1.76 17.36
CA GLN D 39 -30.40 -0.42 16.95
C GLN D 39 -31.75 -0.05 17.57
N ALA D 40 -31.71 0.82 18.58
CA ALA D 40 -32.91 1.32 19.23
C ALA D 40 -33.67 2.28 18.32
N PRO D 41 -34.98 2.40 18.54
CA PRO D 41 -35.85 3.25 17.69
C PRO D 41 -35.37 4.70 17.62
N GLY D 42 -35.20 5.19 16.40
CA GLY D 42 -34.73 6.55 16.15
C GLY D 42 -33.33 6.78 16.66
N GLN D 43 -32.54 5.70 16.72
CA GLN D 43 -31.20 5.78 17.29
C GLN D 43 -30.17 5.12 16.37
N GLY D 44 -28.89 5.32 16.68
CA GLY D 44 -27.81 4.83 15.85
C GLY D 44 -27.46 3.38 16.11
N LEU D 45 -26.44 2.90 15.40
CA LEU D 45 -26.00 1.52 15.53
C LEU D 45 -25.13 1.35 16.77
N GLU D 46 -25.22 0.18 17.39
CA GLU D 46 -24.47 -0.11 18.59
C GLU D 46 -24.05 -1.57 18.59
N TRP D 47 -22.75 -1.81 18.73
CA TRP D 47 -22.22 -3.18 18.75
C TRP D 47 -22.52 -3.84 20.09
N MET D 48 -22.67 -5.17 20.07
CA MET D 48 -23.07 -5.92 21.26
C MET D 48 -22.11 -7.03 21.65
N GLY D 49 -21.77 -7.89 20.70
CA GLY D 49 -20.90 -9.00 20.98
C GLY D 49 -20.71 -9.86 19.75
N GLY D 50 -19.85 -10.86 19.85
CA GLY D 50 -19.58 -11.73 18.72
C GLY D 50 -18.71 -12.89 19.12
N ILE D 51 -18.55 -13.84 18.20
CA ILE D 51 -17.73 -15.01 18.44
C ILE D 51 -16.41 -14.88 17.70
N ILE D 52 -15.42 -15.70 18.10
CA ILE D 52 -14.11 -15.70 17.45
C ILE D 52 -13.97 -16.96 16.61
N PRO D 53 -13.84 -16.79 15.29
CA PRO D 53 -13.92 -17.83 14.25
C PRO D 53 -13.31 -19.17 14.64
N ILE D 54 -12.06 -19.19 15.09
CA ILE D 54 -11.39 -20.44 15.40
C ILE D 54 -11.11 -20.57 16.90
N PHE D 55 -12.02 -20.06 17.72
CA PHE D 55 -11.86 -20.14 19.17
C PHE D 55 -13.10 -20.68 19.88
N ASN D 56 -14.28 -20.37 19.35
CA ASN D 56 -15.54 -20.59 20.06
C ASN D 56 -15.71 -19.55 21.17
N ILE D 57 -14.72 -18.69 21.31
CA ILE D 57 -14.76 -17.64 22.32
C ILE D 57 -15.78 -16.57 21.96
N ALA D 58 -16.58 -16.18 22.93
CA ALA D 58 -17.58 -15.14 22.69
C ALA D 58 -17.31 -13.95 23.60
N HIS D 59 -16.97 -12.80 23.01
CA HIS D 59 -16.75 -11.61 23.82
C HIS D 59 -17.82 -10.54 23.59
N TYR D 60 -18.15 -9.81 24.65
CA TYR D 60 -19.21 -8.80 24.61
C TYR D 60 -18.71 -7.45 25.09
N ALA D 61 -19.44 -6.39 24.72
CA ALA D 61 -19.14 -5.05 25.19
C ALA D 61 -19.39 -4.96 26.68
N GLN D 62 -18.70 -4.06 27.36
CA GLN D 62 -18.84 -3.96 28.81
C GLN D 62 -20.28 -3.67 29.21
N ARG D 63 -20.98 -2.88 28.40
CA ARG D 63 -22.38 -2.54 28.67
C ARG D 63 -23.26 -3.77 28.83
N PHE D 64 -22.94 -4.83 28.09
CA PHE D 64 -23.76 -6.03 28.06
C PHE D 64 -23.01 -7.26 28.57
N GLN D 65 -22.27 -7.10 29.67
CA GLN D 65 -21.45 -8.19 30.19
C GLN D 65 -22.30 -9.34 30.75
N GLY D 66 -22.98 -9.06 31.86
CA GLY D 66 -23.77 -10.09 32.53
C GLY D 66 -25.24 -10.00 32.21
N ARG D 67 -25.57 -10.08 30.92
CA ARG D 67 -26.95 -9.96 30.49
C ARG D 67 -27.18 -10.71 29.17
N VAL D 68 -26.12 -10.82 28.38
CA VAL D 68 -26.18 -11.43 27.06
C VAL D 68 -25.30 -12.67 27.00
N SER D 69 -25.76 -13.69 26.28
CA SER D 69 -24.94 -14.88 26.05
C SER D 69 -25.07 -15.36 24.60
N ILE D 70 -24.01 -15.19 23.82
CA ILE D 70 -24.00 -15.59 22.42
C ILE D 70 -23.42 -16.99 22.24
N THR D 71 -24.22 -17.89 21.68
CA THR D 71 -23.81 -19.27 21.48
C THR D 71 -23.82 -19.64 20.00
N ALA D 72 -23.15 -20.74 19.66
CA ALA D 72 -23.09 -21.19 18.28
C ALA D 72 -23.45 -22.65 18.18
N ASP D 73 -24.43 -22.95 17.33
CA ASP D 73 -24.91 -24.32 17.15
C ASP D 73 -24.36 -24.92 15.86
N GLU D 74 -23.29 -25.69 15.98
CA GLU D 74 -22.61 -26.25 14.80
C GLU D 74 -23.50 -27.18 13.98
N SER D 75 -24.26 -28.03 14.68
CA SER D 75 -25.14 -29.00 14.03
C SER D 75 -26.04 -28.36 12.98
N THR D 76 -26.86 -27.40 13.42
CA THR D 76 -27.83 -26.76 12.54
C THR D 76 -27.24 -25.52 11.85
N SER D 77 -25.97 -25.24 12.15
CA SER D 77 -25.27 -24.09 11.57
C SER D 77 -26.02 -22.79 11.84
N THR D 78 -26.36 -22.57 13.12
CA THR D 78 -27.11 -21.40 13.54
C THR D 78 -26.45 -20.74 14.76
N ALA D 79 -26.53 -19.42 14.84
CA ALA D 79 -25.98 -18.71 15.99
C ALA D 79 -27.11 -18.11 16.82
N TYR D 80 -26.97 -18.19 18.14
CA TYR D 80 -28.00 -17.69 19.04
C TYR D 80 -27.49 -16.61 19.98
N MET D 81 -28.38 -15.70 20.35
CA MET D 81 -28.04 -14.64 21.27
C MET D 81 -29.21 -14.40 22.21
N GLU D 82 -29.13 -14.99 23.39
CA GLU D 82 -30.16 -14.83 24.42
C GLU D 82 -29.94 -13.55 25.20
N LEU D 83 -31.03 -12.97 25.69
CA LEU D 83 -30.97 -11.75 26.49
C LEU D 83 -31.84 -11.90 27.74
N SER D 84 -31.21 -11.80 28.91
CA SER D 84 -31.86 -12.06 30.19
C SER D 84 -32.32 -10.77 30.89
N SER D 85 -33.37 -10.88 31.70
CA SER D 85 -33.88 -9.75 32.48
C SER D 85 -34.29 -8.59 31.57
N LEU D 86 -35.48 -8.70 30.99
CA LEU D 86 -35.92 -7.70 30.01
C LEU D 86 -36.58 -6.47 30.63
N ARG D 87 -36.13 -5.30 30.19
CA ARG D 87 -36.74 -4.04 30.61
C ARG D 87 -37.29 -3.30 29.40
N SER D 88 -37.82 -2.11 29.65
CA SER D 88 -38.47 -1.31 28.61
C SER D 88 -37.49 -0.67 27.64
N GLU D 89 -36.27 -0.39 28.11
CA GLU D 89 -35.29 0.33 27.29
C GLU D 89 -34.61 -0.55 26.25
N ASP D 90 -34.75 -1.86 26.37
CA ASP D 90 -34.08 -2.78 25.48
C ASP D 90 -34.86 -3.00 24.17
N THR D 91 -36.03 -2.36 24.07
CA THR D 91 -36.82 -2.40 22.84
C THR D 91 -35.93 -1.92 21.68
N ALA D 92 -35.57 -2.85 20.80
CA ALA D 92 -34.65 -2.53 19.72
C ALA D 92 -34.69 -3.57 18.61
N VAL D 93 -33.85 -3.37 17.59
CA VAL D 93 -33.69 -4.31 16.49
C VAL D 93 -32.30 -4.92 16.54
N PHE D 94 -32.21 -6.24 16.37
CA PHE D 94 -30.94 -6.92 16.52
C PHE D 94 -30.50 -7.64 15.25
N TYR D 95 -29.60 -7.01 14.50
CA TYR D 95 -29.04 -7.61 13.29
C TYR D 95 -27.89 -8.53 13.63
N CYS D 96 -27.70 -9.58 12.83
CA CYS D 96 -26.50 -10.39 12.94
C CYS D 96 -25.61 -10.18 11.72
N ALA D 97 -24.58 -9.37 11.90
CA ALA D 97 -23.63 -9.06 10.84
C ALA D 97 -22.44 -10.02 10.88
N SER D 98 -21.69 -10.08 9.78
CA SER D 98 -20.57 -11.01 9.67
C SER D 98 -19.72 -10.74 8.43
N PRO D 99 -18.41 -10.59 8.61
CA PRO D 99 -17.46 -10.43 7.51
C PRO D 99 -17.54 -11.63 6.58
N TYR D 100 -17.45 -11.39 5.27
CA TYR D 100 -17.59 -12.46 4.29
C TYR D 100 -16.75 -13.67 4.68
N PRO D 101 -17.34 -14.88 4.56
CA PRO D 101 -16.69 -16.16 4.85
C PRO D 101 -15.59 -16.53 3.85
N ASN D 102 -14.36 -16.09 4.10
CA ASN D 102 -13.23 -16.50 3.26
C ASN D 102 -12.74 -17.86 3.69
N ASP D 103 -12.57 -18.77 2.74
CA ASP D 103 -12.16 -20.14 3.07
C ASP D 103 -10.89 -20.16 3.92
N ASN D 105 -8.45 -21.97 3.97
CA ASN D 105 -7.26 -22.17 3.17
C ASN D 105 -7.11 -21.06 2.13
N ASP D 106 -6.78 -19.85 2.59
CA ASP D 106 -6.75 -18.68 1.71
C ASP D 106 -5.74 -17.65 2.21
N ALA D 108 -3.75 -14.37 3.29
CA ALA D 108 -4.25 -13.30 4.15
C ALA D 108 -4.50 -11.99 3.42
N PRO D 109 -5.57 -11.27 3.79
CA PRO D 109 -5.86 -9.95 3.24
C PRO D 109 -4.85 -8.93 3.73
N GLU D 110 -4.99 -7.67 3.33
CA GLU D 110 -4.10 -6.63 3.81
C GLU D 110 -4.60 -6.04 5.13
N GLU D 111 -5.86 -6.30 5.45
CA GLU D 111 -6.44 -5.86 6.72
C GLU D 111 -6.02 -6.79 7.85
N GLY D 112 -5.43 -7.94 7.49
CA GLY D 112 -5.05 -8.95 8.46
C GLY D 112 -6.23 -9.81 8.86
N MET D 113 -7.15 -9.22 9.61
CA MET D 113 -8.43 -9.85 9.92
C MET D 113 -9.53 -8.82 9.66
N SER D 114 -10.61 -9.28 9.03
CA SER D 114 -11.70 -8.39 8.65
C SER D 114 -12.71 -8.26 9.78
N TRP D 115 -12.73 -7.09 10.41
CA TRP D 115 -13.67 -6.84 11.49
C TRP D 115 -14.81 -5.95 11.02
N TYR D 116 -14.85 -5.69 9.71
CA TYR D 116 -15.98 -4.96 9.13
C TYR D 116 -17.08 -5.95 8.76
N PHE D 117 -18.33 -5.48 8.79
CA PHE D 117 -19.46 -6.38 8.57
C PHE D 117 -19.99 -6.34 7.15
N ASP D 118 -19.77 -7.44 6.44
CA ASP D 118 -20.14 -7.57 5.05
C ASP D 118 -21.60 -8.00 4.88
N LEU D 119 -22.02 -9.00 5.66
CA LEU D 119 -23.36 -9.58 5.55
C LEU D 119 -24.23 -9.20 6.75
N TRP D 120 -25.49 -8.86 6.48
CA TRP D 120 -26.39 -8.44 7.56
C TRP D 120 -27.69 -9.23 7.59
N GLY D 121 -28.12 -9.58 8.79
CA GLY D 121 -29.43 -10.18 8.98
C GLY D 121 -30.52 -9.20 8.60
N ARG D 122 -31.67 -9.71 8.21
CA ARG D 122 -32.76 -8.87 7.72
C ARG D 122 -33.30 -7.90 8.77
N GLY D 123 -33.17 -8.28 10.04
CA GLY D 123 -33.66 -7.45 11.13
C GLY D 123 -34.64 -8.18 12.03
N THR D 124 -34.42 -8.11 13.34
CA THR D 124 -35.29 -8.77 14.31
C THR D 124 -35.73 -7.81 15.41
N LEU D 125 -36.94 -7.27 15.26
CA LEU D 125 -37.47 -6.32 16.24
C LEU D 125 -37.95 -7.02 17.50
N VAL D 126 -37.60 -6.45 18.63
CA VAL D 126 -37.98 -7.00 19.93
C VAL D 126 -38.60 -5.91 20.81
N THR D 127 -39.91 -5.94 20.97
CA THR D 127 -40.60 -4.95 21.79
C THR D 127 -40.94 -5.48 23.20
N VAL D 128 -40.59 -4.69 24.21
CA VAL D 128 -40.85 -5.06 25.58
C VAL D 128 -42.01 -4.25 26.17
N SER D 129 -43.21 -4.81 26.07
CA SER D 129 -44.40 -4.18 26.62
C SER D 129 -45.11 -5.14 27.57
N PRO D 130 -45.77 -4.59 28.60
CA PRO D 130 -46.53 -5.39 29.56
C PRO D 130 -47.84 -5.93 28.96
N ALA D 131 -48.50 -5.16 28.08
CA ALA D 131 -49.82 -5.50 27.55
C ALA D 131 -49.79 -6.67 26.57
N SER D 132 -50.94 -7.33 26.40
CA SER D 132 -51.08 -8.44 25.46
C SER D 132 -51.89 -8.00 24.25
N THR D 133 -52.13 -8.93 23.32
CA THR D 133 -52.75 -8.61 22.03
C THR D 133 -54.12 -7.91 22.14
N LYS D 134 -54.14 -6.62 21.79
CA LYS D 134 -55.36 -5.83 21.81
C LYS D 134 -55.79 -5.40 20.41
N GLY D 135 -57.09 -5.33 20.19
CA GLY D 135 -57.62 -4.88 18.91
C GLY D 135 -57.51 -3.38 18.75
N PRO D 136 -57.14 -2.92 17.55
CA PRO D 136 -57.01 -1.50 17.20
C PRO D 136 -58.31 -0.74 17.40
N SER D 137 -58.38 0.09 18.44
CA SER D 137 -59.57 0.88 18.73
C SER D 137 -59.67 2.10 17.82
N VAL D 138 -60.61 2.05 16.88
CA VAL D 138 -60.78 3.11 15.88
C VAL D 138 -61.72 4.22 16.38
N PHE D 139 -61.37 5.45 16.03
CA PHE D 139 -62.21 6.60 16.36
C PHE D 139 -62.39 7.50 15.15
N PRO D 140 -63.52 8.24 15.11
CA PRO D 140 -63.85 9.13 13.98
C PRO D 140 -63.12 10.47 14.05
N LEU D 141 -63.09 11.18 12.92
CA LEU D 141 -62.56 12.54 12.87
C LEU D 141 -63.26 13.34 11.76
N ALA D 142 -63.98 14.38 12.16
CA ALA D 142 -64.76 15.19 11.21
C ALA D 142 -64.11 16.55 10.96
N PRO D 143 -64.34 17.11 9.76
CA PRO D 143 -63.89 18.45 9.38
C PRO D 143 -64.54 19.54 10.25
N SER D 144 -63.85 20.67 10.41
CA SER D 144 -64.36 21.78 11.19
C SER D 144 -65.01 22.84 10.31
N SER D 145 -66.00 23.55 10.85
CA SER D 145 -66.72 24.57 10.10
C SER D 145 -65.90 25.86 9.95
N LYS D 146 -65.12 26.17 10.98
CA LYS D 146 -64.25 27.34 10.95
C LYS D 146 -62.86 26.99 10.43
N SER D 147 -62.75 26.85 9.12
CA SER D 147 -61.48 26.50 8.49
C SER D 147 -60.78 27.73 7.90
N THR D 148 -59.52 27.91 8.27
CA THR D 148 -58.71 29.01 7.77
C THR D 148 -57.29 28.53 7.44
N SER D 149 -57.18 27.65 6.45
CA SER D 149 -55.90 27.09 6.04
C SER D 149 -55.50 27.52 4.63
N GLY D 150 -56.48 27.51 3.72
CA GLY D 150 -56.25 27.92 2.35
C GLY D 150 -57.36 27.44 1.44
N GLY D 151 -58.52 27.19 2.04
CA GLY D 151 -59.66 26.67 1.32
C GLY D 151 -59.80 25.17 1.49
N THR D 152 -58.66 24.49 1.52
CA THR D 152 -58.62 23.05 1.72
C THR D 152 -58.38 22.73 3.18
N ALA D 153 -59.22 21.86 3.75
CA ALA D 153 -59.08 21.47 5.15
C ALA D 153 -58.43 20.09 5.29
N ALA D 154 -58.83 19.36 6.32
CA ALA D 154 -58.27 18.03 6.57
C ALA D 154 -59.15 17.17 7.46
N LEU D 155 -59.41 15.94 7.01
CA LEU D 155 -60.10 14.94 7.83
C LEU D 155 -59.10 13.87 8.25
N GLY D 156 -59.57 12.85 8.96
CA GLY D 156 -58.68 11.78 9.38
C GLY D 156 -59.36 10.62 10.08
N CYS D 157 -58.54 9.72 10.62
CA CYS D 157 -59.00 8.56 11.34
C CYS D 157 -58.00 8.21 12.44
N LEU D 158 -58.21 8.79 13.62
CA LEU D 158 -57.26 8.61 14.73
C LEU D 158 -57.33 7.23 15.37
N VAL D 159 -56.44 6.34 14.95
CA VAL D 159 -56.38 4.98 15.50
C VAL D 159 -55.58 4.96 16.79
N LYS D 160 -56.23 4.62 17.89
CA LYS D 160 -55.60 4.63 19.20
C LYS D 160 -55.77 3.31 19.93
N ASP D 161 -54.78 2.97 20.75
CA ASP D 161 -54.85 1.79 21.61
C ASP D 161 -54.88 0.48 20.82
N TYR D 162 -53.70 -0.01 20.46
CA TYR D 162 -53.59 -1.30 19.77
C TYR D 162 -52.21 -1.89 20.00
N PHE D 163 -52.08 -3.17 19.68
CA PHE D 163 -50.85 -3.91 19.97
C PHE D 163 -51.03 -5.34 19.51
N PRO D 164 -49.99 -5.93 18.91
CA PRO D 164 -48.72 -5.30 18.59
C PRO D 164 -48.72 -4.66 17.20
N GLU D 165 -47.55 -4.59 16.58
CA GLU D 165 -47.40 -4.05 15.23
C GLU D 165 -47.39 -5.15 14.18
N PRO D 166 -47.70 -4.81 12.92
CA PRO D 166 -48.08 -3.48 12.46
C PRO D 166 -49.59 -3.34 12.31
N VAL D 167 -50.01 -2.38 11.49
CA VAL D 167 -51.44 -2.10 11.28
C VAL D 167 -51.65 -1.12 10.12
N THR D 168 -51.92 -1.64 8.93
CA THR D 168 -52.02 -0.80 7.73
C THR D 168 -53.36 -0.07 7.62
N VAL D 169 -53.28 1.25 7.43
CA VAL D 169 -54.47 2.08 7.32
C VAL D 169 -54.69 2.56 5.89
N SER D 170 -55.17 1.67 5.04
CA SER D 170 -55.44 2.03 3.65
C SER D 170 -56.86 2.57 3.52
N TRP D 171 -57.11 3.33 2.45
CA TRP D 171 -58.43 3.89 2.18
C TRP D 171 -59.00 3.37 0.87
N ASN D 172 -59.87 2.36 0.96
CA ASN D 172 -60.51 1.79 -0.23
C ASN D 172 -59.52 1.17 -1.21
N SER D 173 -58.39 0.68 -0.70
CA SER D 173 -57.32 0.12 -1.53
C SER D 173 -56.75 1.17 -2.49
N GLY D 174 -56.67 2.41 -2.02
CA GLY D 174 -56.19 3.51 -2.84
C GLY D 174 -57.31 4.50 -3.16
N ALA D 175 -57.58 5.40 -2.22
CA ALA D 175 -58.64 6.40 -2.40
C ALA D 175 -58.07 7.71 -2.90
N LEU D 176 -56.86 8.04 -2.44
CA LEU D 176 -56.15 9.24 -2.89
C LEU D 176 -54.66 9.09 -2.59
N THR D 177 -53.82 9.63 -3.49
CA THR D 177 -52.37 9.56 -3.32
C THR D 177 -51.81 10.89 -2.84
N SER D 178 -52.67 11.90 -2.79
CA SER D 178 -52.27 13.24 -2.37
C SER D 178 -52.79 13.58 -0.98
N GLY D 179 -51.88 14.04 -0.12
CA GLY D 179 -52.25 14.47 1.22
C GLY D 179 -52.32 13.35 2.24
N VAL D 180 -52.18 12.11 1.79
CA VAL D 180 -52.24 10.96 2.69
C VAL D 180 -50.98 10.84 3.54
N HIS D 181 -51.12 11.03 4.85
CA HIS D 181 -49.98 11.00 5.76
C HIS D 181 -50.18 9.97 6.88
N THR D 182 -49.93 8.71 6.57
CA THR D 182 -50.04 7.65 7.58
C THR D 182 -48.85 7.71 8.53
N PHE D 183 -49.00 8.50 9.60
CA PHE D 183 -47.93 8.71 10.56
C PHE D 183 -47.49 7.40 11.21
N PRO D 184 -46.26 7.39 11.76
CA PRO D 184 -45.72 6.24 12.48
C PRO D 184 -46.47 6.01 13.79
N ALA D 185 -46.29 4.83 14.38
CA ALA D 185 -46.96 4.51 15.63
C ALA D 185 -46.07 4.87 16.82
N VAL D 186 -46.68 5.26 17.93
CA VAL D 186 -45.94 5.63 19.13
C VAL D 186 -46.50 4.93 20.36
N LEU D 187 -45.63 4.61 21.31
CA LEU D 187 -46.04 3.97 22.56
C LEU D 187 -46.56 4.99 23.56
N GLN D 188 -47.81 4.82 23.99
CA GLN D 188 -48.40 5.70 24.99
C GLN D 188 -47.72 5.49 26.34
N SER D 189 -48.17 6.23 27.36
CA SER D 189 -47.62 6.11 28.70
C SER D 189 -47.70 4.66 29.17
N SER D 190 -48.79 3.99 28.82
CA SER D 190 -49.01 2.59 29.18
C SER D 190 -48.12 1.64 28.39
N GLY D 191 -48.72 0.87 27.49
CA GLY D 191 -47.99 -0.05 26.65
C GLY D 191 -48.62 -0.24 25.28
N LEU D 192 -49.40 0.75 24.86
CA LEU D 192 -50.16 0.63 23.61
C LEU D 192 -49.54 1.44 22.46
N TYR D 193 -50.33 1.67 21.42
CA TYR D 193 -49.88 2.42 20.25
C TYR D 193 -50.90 3.46 19.81
N SER D 194 -50.46 4.40 18.99
CA SER D 194 -51.32 5.48 18.51
C SER D 194 -50.74 6.19 17.29
N LEU D 195 -51.40 6.04 16.15
CA LEU D 195 -51.02 6.75 14.92
C LEU D 195 -52.13 7.73 14.53
N SER D 196 -52.00 8.34 13.36
CA SER D 196 -52.97 9.34 12.92
C SER D 196 -53.05 9.45 11.39
N SER D 197 -53.71 8.50 10.74
CA SER D 197 -53.80 8.48 9.28
C SER D 197 -54.81 9.52 8.75
N VAL D 198 -54.29 10.64 8.24
CA VAL D 198 -55.14 11.70 7.71
C VAL D 198 -54.94 11.90 6.21
N VAL D 199 -55.69 12.84 5.62
CA VAL D 199 -55.62 13.12 4.19
C VAL D 199 -56.31 14.44 3.86
N THR D 200 -55.80 15.14 2.84
CA THR D 200 -56.39 16.42 2.42
C THR D 200 -57.11 16.31 1.07
N VAL D 201 -58.38 16.72 1.04
CA VAL D 201 -59.19 16.69 -0.18
C VAL D 201 -59.93 18.01 -0.36
N PRO D 202 -60.42 18.28 -1.57
CA PRO D 202 -61.18 19.51 -1.87
C PRO D 202 -62.36 19.71 -0.92
N SER D 203 -62.69 20.96 -0.62
CA SER D 203 -63.78 21.26 0.30
C SER D 203 -65.15 20.96 -0.30
N SER D 204 -65.15 20.35 -1.48
CA SER D 204 -66.38 19.95 -2.15
C SER D 204 -66.58 18.43 -2.06
N SER D 205 -66.37 17.87 -0.87
CA SER D 205 -66.56 16.45 -0.64
C SER D 205 -67.45 16.19 0.58
N LEU D 206 -68.53 16.96 0.67
CA LEU D 206 -69.49 16.82 1.75
C LEU D 206 -70.36 15.57 1.56
N GLY D 207 -70.96 15.46 0.37
CA GLY D 207 -71.83 14.35 0.05
C GLY D 207 -71.72 13.86 -1.38
N THR D 208 -70.75 14.38 -2.12
CA THR D 208 -70.51 13.94 -3.49
C THR D 208 -69.65 12.67 -3.50
N GLN D 209 -68.77 12.55 -2.51
CA GLN D 209 -67.91 11.39 -2.37
C GLN D 209 -67.07 11.48 -1.09
N THR D 210 -67.07 10.40 -0.31
CA THR D 210 -66.25 10.34 0.90
C THR D 210 -65.54 8.98 1.00
N TYR D 211 -64.27 9.01 1.40
CA TYR D 211 -63.47 7.79 1.49
C TYR D 211 -63.61 7.11 2.86
N ILE D 212 -63.33 5.81 2.89
CA ILE D 212 -63.37 5.05 4.12
C ILE D 212 -61.97 4.56 4.47
N CYS D 213 -61.57 4.76 5.73
CA CYS D 213 -60.24 4.34 6.17
C CYS D 213 -60.25 2.90 6.69
N ASN D 214 -60.18 1.94 5.77
CA ASN D 214 -60.15 0.53 6.12
C ASN D 214 -58.92 0.15 6.92
N VAL D 215 -59.11 -0.04 8.23
CA VAL D 215 -58.01 -0.38 9.12
C VAL D 215 -57.97 -1.89 9.38
N ASN D 216 -56.79 -2.48 9.22
CA ASN D 216 -56.62 -3.91 9.43
C ASN D 216 -55.71 -4.20 10.62
N HIS D 217 -55.55 -5.49 10.93
CA HIS D 217 -54.66 -5.92 12.00
C HIS D 217 -54.63 -7.44 12.02
N LYS D 218 -53.91 -8.02 11.06
CA LYS D 218 -53.86 -9.47 10.89
C LYS D 218 -53.48 -10.28 12.14
N PRO D 219 -52.52 -9.77 12.94
CA PRO D 219 -52.13 -10.45 14.19
C PRO D 219 -53.30 -10.74 15.13
N SER D 220 -54.36 -9.93 15.08
CA SER D 220 -55.57 -10.18 15.85
C SER D 220 -56.80 -10.21 14.95
N ASN D 221 -56.56 -10.26 13.64
CA ASN D 221 -57.60 -10.30 12.60
C ASN D 221 -58.75 -9.30 12.77
N THR D 222 -58.47 -8.18 13.42
CA THR D 222 -59.45 -7.13 13.62
C THR D 222 -59.54 -6.24 12.38
N LYS D 223 -60.76 -5.96 11.93
CA LYS D 223 -60.96 -5.09 10.78
C LYS D 223 -61.94 -3.97 11.13
N VAL D 224 -61.82 -2.85 10.43
CA VAL D 224 -62.71 -1.71 10.64
C VAL D 224 -63.06 -0.98 9.34
N ASP D 225 -64.35 -0.79 9.11
CA ASP D 225 -64.82 -0.07 7.93
C ASP D 225 -65.42 1.28 8.32
N LYS D 226 -64.66 2.03 9.12
CA LYS D 226 -65.14 3.32 9.63
C LYS D 226 -65.27 4.36 8.52
N LYS D 227 -66.51 4.74 8.23
CA LYS D 227 -66.80 5.73 7.19
C LYS D 227 -66.61 7.15 7.76
N VAL D 228 -65.80 7.95 7.06
CA VAL D 228 -65.55 9.32 7.50
C VAL D 228 -66.80 10.19 7.37
N GLU D 229 -67.20 10.81 8.47
CA GLU D 229 -68.44 11.60 8.50
C GLU D 229 -68.18 13.05 8.93
N PRO D 230 -68.37 13.98 7.99
CA PRO D 230 -68.13 15.43 8.18
C PRO D 230 -69.13 16.12 9.11
N LYS D 231 -68.85 17.37 9.44
CA LYS D 231 -69.78 18.22 10.18
C LYS D 231 -69.55 19.69 9.83
N THR E 2 0.31 -38.18 -45.68
CA THR E 2 1.55 -37.47 -45.42
C THR E 2 1.28 -36.13 -44.74
N GLU E 3 1.91 -35.91 -43.59
CA GLU E 3 1.76 -34.64 -42.89
C GLU E 3 3.10 -34.05 -42.47
N ASN E 4 3.56 -33.07 -43.25
CA ASN E 4 4.86 -32.44 -43.03
C ASN E 4 4.81 -31.41 -41.90
N PHE E 5 5.84 -31.44 -41.06
CA PHE E 5 6.00 -30.46 -39.99
C PHE E 5 7.20 -29.56 -40.26
N ASN E 6 7.10 -28.30 -39.87
CA ASN E 6 8.24 -27.40 -39.97
C ASN E 6 8.24 -26.39 -38.84
N MET E 7 9.10 -26.63 -37.86
CA MET E 7 9.15 -25.79 -36.67
C MET E 7 9.76 -24.41 -36.94
N TRP E 8 10.57 -24.31 -37.99
CA TRP E 8 11.25 -23.04 -38.32
C TRP E 8 10.35 -22.08 -39.10
N LYS E 9 9.45 -22.63 -39.90
CA LYS E 9 8.44 -21.83 -40.58
C LYS E 9 7.08 -22.11 -39.96
N ASN E 10 7.02 -22.00 -38.64
CA ASN E 10 5.78 -22.16 -37.89
C ASN E 10 5.08 -20.81 -37.79
N ASN E 11 3.85 -20.81 -37.31
CA ASN E 11 3.07 -19.58 -37.23
C ASN E 11 2.50 -19.39 -35.83
N MET E 12 2.55 -20.44 -35.02
CA MET E 12 2.18 -20.31 -33.62
C MET E 12 3.30 -19.55 -32.94
N VAL E 13 4.52 -19.76 -33.43
CA VAL E 13 5.70 -19.12 -32.88
C VAL E 13 5.62 -17.61 -33.01
N GLU E 14 5.05 -17.15 -34.12
CA GLU E 14 4.87 -15.72 -34.35
C GLU E 14 3.64 -15.24 -33.57
N GLN E 15 2.62 -16.08 -33.47
CA GLN E 15 1.41 -15.70 -32.75
C GLN E 15 1.71 -15.52 -31.26
N MET E 16 2.27 -16.55 -30.65
CA MET E 16 2.70 -16.50 -29.25
C MET E 16 3.61 -15.32 -28.94
N HIS E 17 4.60 -15.10 -29.80
CA HIS E 17 5.52 -13.99 -29.62
C HIS E 17 4.77 -12.68 -29.45
N GLU E 18 3.87 -12.37 -30.38
CA GLU E 18 3.12 -11.11 -30.34
C GLU E 18 2.17 -11.03 -29.16
N ASP E 19 1.82 -12.18 -28.58
CA ASP E 19 0.94 -12.21 -27.42
C ASP E 19 1.72 -11.98 -26.14
N ILE E 20 2.82 -12.71 -25.99
CA ILE E 20 3.71 -12.57 -24.83
C ILE E 20 4.24 -11.15 -24.66
N ILE E 21 4.55 -10.48 -25.77
CA ILE E 21 4.94 -9.09 -25.75
C ILE E 21 3.79 -8.24 -25.23
N SER E 22 2.58 -8.56 -25.68
CA SER E 22 1.40 -7.84 -25.26
C SER E 22 1.18 -7.95 -23.76
N LEU E 23 1.53 -9.11 -23.19
CA LEU E 23 1.39 -9.29 -21.73
C LEU E 23 2.25 -8.28 -21.00
N TRP E 24 3.51 -8.21 -21.40
CA TRP E 24 4.47 -7.32 -20.79
C TRP E 24 3.96 -5.89 -20.79
N ASP E 25 3.50 -5.42 -21.95
CA ASP E 25 3.10 -4.03 -22.09
C ASP E 25 1.74 -3.71 -21.46
N GLN E 26 1.43 -4.42 -20.37
CA GLN E 26 0.22 -4.19 -19.60
C GLN E 26 0.50 -4.53 -18.13
N SER E 27 1.57 -5.29 -17.90
CA SER E 27 1.87 -5.81 -16.57
C SER E 27 3.32 -5.54 -16.16
N LEU E 28 3.92 -4.50 -16.72
CA LEU E 28 5.35 -4.25 -16.51
C LEU E 28 5.80 -2.95 -17.17
N LYS E 29 5.41 -1.81 -16.60
CA LYS E 29 5.72 -0.51 -17.20
C LYS E 29 7.06 0.08 -16.75
N PRO E 30 7.90 0.46 -17.73
CA PRO E 30 9.21 1.09 -17.52
C PRO E 30 9.09 2.58 -17.23
N CYS E 31 10.03 3.10 -16.45
CA CYS E 31 10.00 4.48 -15.99
C CYS E 31 10.40 5.43 -17.11
N VAL E 32 10.91 4.86 -18.19
CA VAL E 32 11.25 5.61 -19.38
C VAL E 32 11.68 4.63 -20.47
N LYS E 33 10.97 4.65 -21.59
CA LYS E 33 11.36 3.82 -22.71
C LYS E 33 11.86 4.70 -23.83
N LEU E 34 12.84 4.19 -24.56
CA LEU E 34 13.50 4.93 -25.63
C LEU E 34 13.41 4.15 -26.94
N THR E 35 12.47 4.54 -27.79
CA THR E 35 12.30 3.92 -29.10
C THR E 35 11.86 4.94 -30.14
N GLY E 36 12.24 4.71 -31.39
CA GLY E 36 11.87 5.60 -32.47
C GLY E 36 12.38 7.01 -32.24
N GLY E 37 13.51 7.13 -31.55
CA GLY E 37 14.11 8.42 -31.30
C GLY E 37 13.45 9.22 -30.20
N SER E 38 12.12 9.25 -30.23
CA SER E 38 11.34 9.98 -29.22
C SER E 38 11.28 9.21 -27.91
N VAL E 39 11.24 9.93 -26.80
CA VAL E 39 11.31 9.31 -25.48
C VAL E 39 10.09 9.65 -24.62
N ILE E 40 9.66 8.66 -23.83
CA ILE E 40 8.56 8.85 -22.89
C ILE E 40 9.02 8.40 -21.51
N THR E 41 8.66 9.16 -20.49
CA THR E 41 8.96 8.79 -19.12
C THR E 41 7.68 8.77 -18.31
N GLN E 42 7.61 7.82 -17.38
CA GLN E 42 6.42 7.66 -16.55
C GLN E 42 6.76 6.98 -15.24
N ALA E 43 5.91 7.19 -14.23
CA ALA E 43 6.09 6.49 -12.97
C ALA E 43 6.11 5.00 -13.24
N CYS E 44 6.80 4.26 -12.38
CA CYS E 44 6.93 2.81 -12.55
C CYS E 44 6.86 2.07 -11.22
N PRO E 45 5.64 1.93 -10.68
CA PRO E 45 5.44 1.21 -9.43
C PRO E 45 5.98 -0.22 -9.49
N LYS E 46 6.98 -0.53 -8.66
CA LYS E 46 7.60 -1.86 -8.67
C LYS E 46 6.57 -2.96 -8.42
N VAL E 47 6.61 -4.00 -9.23
CA VAL E 47 5.69 -5.12 -9.09
C VAL E 47 6.42 -6.46 -9.25
N SER E 48 5.93 -7.47 -8.55
CA SER E 48 6.54 -8.79 -8.59
C SER E 48 6.02 -9.60 -9.77
N PHE E 49 6.61 -9.38 -10.93
CA PHE E 49 6.28 -10.14 -12.11
C PHE E 49 6.83 -11.57 -12.00
N GLU E 50 6.02 -12.55 -12.34
CA GLU E 50 6.45 -13.95 -12.32
C GLU E 50 5.93 -14.74 -13.54
N PRO E 51 6.82 -15.53 -14.18
CA PRO E 51 6.48 -16.35 -15.35
C PRO E 51 5.31 -17.29 -15.09
N ILE E 52 4.18 -16.96 -15.69
CA ILE E 52 2.93 -17.64 -15.40
C ILE E 52 2.50 -18.48 -16.61
N PRO E 53 2.37 -19.80 -16.42
CA PRO E 53 2.05 -20.83 -17.41
C PRO E 53 1.00 -20.43 -18.46
N ILE E 54 1.18 -20.93 -19.68
CA ILE E 54 0.30 -20.58 -20.78
C ILE E 54 -0.04 -21.78 -21.65
N HIS E 55 -1.29 -21.83 -22.11
CA HIS E 55 -1.71 -22.86 -23.03
C HIS E 55 -2.07 -22.21 -24.36
N TYR E 56 -1.43 -22.65 -25.43
CA TYR E 56 -1.78 -22.17 -26.76
C TYR E 56 -3.03 -22.89 -27.24
N CYS E 57 -4.05 -22.13 -27.59
CA CYS E 57 -5.33 -22.71 -27.95
C CYS E 57 -5.86 -22.18 -29.29
N ALA E 58 -5.99 -23.10 -30.25
CA ALA E 58 -6.57 -22.80 -31.55
C ALA E 58 -7.99 -22.31 -31.37
N PRO E 59 -8.45 -21.45 -32.29
CA PRO E 59 -9.81 -20.90 -32.23
C PRO E 59 -10.89 -21.89 -32.70
N ALA E 60 -12.14 -21.47 -32.59
CA ALA E 60 -13.27 -22.31 -32.95
C ALA E 60 -13.16 -22.78 -34.40
N GLY E 61 -12.98 -24.09 -34.58
CA GLY E 61 -12.90 -24.67 -35.90
C GLY E 61 -11.52 -25.18 -36.28
N PHE E 62 -10.54 -24.96 -35.41
CA PHE E 62 -9.18 -25.42 -35.67
C PHE E 62 -8.69 -26.38 -34.61
N ALA E 63 -7.66 -27.14 -34.94
CA ALA E 63 -7.06 -28.08 -34.00
C ALA E 63 -5.55 -28.04 -34.10
N ILE E 64 -4.90 -28.34 -32.98
CA ILE E 64 -3.45 -28.43 -32.95
C ILE E 64 -3.06 -29.90 -33.05
N LEU E 65 -1.88 -30.17 -33.58
CA LEU E 65 -1.43 -31.54 -33.76
C LEU E 65 -0.08 -31.77 -33.11
N LYS E 66 -0.03 -32.70 -32.17
CA LYS E 66 1.19 -33.05 -31.48
C LYS E 66 1.81 -34.28 -32.11
N CYS E 67 3.11 -34.22 -32.39
CA CYS E 67 3.83 -35.38 -32.88
C CYS E 67 4.59 -36.06 -31.76
N ASN E 68 4.26 -37.30 -31.48
CA ASN E 68 4.90 -38.04 -30.39
C ASN E 68 5.83 -39.14 -30.91
N ASP E 69 6.91 -38.73 -31.56
CA ASP E 69 7.90 -39.66 -32.07
C ASP E 69 9.23 -39.50 -31.36
N LYS E 70 9.82 -40.61 -30.95
CA LYS E 70 11.12 -40.60 -30.27
C LYS E 70 12.23 -40.11 -31.21
N LYS E 71 13.03 -39.16 -30.73
CA LYS E 71 14.08 -38.54 -31.54
C LYS E 71 13.48 -37.92 -32.80
N PHE E 72 12.71 -36.84 -32.62
CA PHE E 72 12.02 -36.17 -33.71
C PHE E 72 12.95 -35.18 -34.43
N ASN E 73 12.96 -35.27 -35.76
CA ASN E 73 13.72 -34.38 -36.62
C ASN E 73 13.49 -32.91 -36.24
N GLY E 74 12.25 -32.59 -35.89
CA GLY E 74 11.84 -31.22 -35.64
C GLY E 74 11.11 -30.70 -36.88
N THR E 75 11.36 -31.39 -37.99
CA THR E 75 10.78 -31.04 -39.28
C THR E 75 10.71 -32.30 -40.14
N GLY E 76 9.68 -32.37 -40.99
CA GLY E 76 9.48 -33.54 -41.83
C GLY E 76 8.41 -34.44 -41.28
N PRO E 77 7.64 -35.09 -42.17
CA PRO E 77 6.48 -35.94 -41.87
C PRO E 77 6.65 -36.81 -40.63
N CYS E 78 5.66 -36.76 -39.75
CA CYS E 78 5.61 -37.58 -38.55
C CYS E 78 4.65 -38.75 -38.80
N THR E 79 4.68 -39.74 -37.92
CA THR E 79 3.85 -40.93 -38.11
C THR E 79 2.85 -41.14 -36.97
N ASN E 80 3.31 -40.96 -35.73
CA ASN E 80 2.45 -41.11 -34.56
C ASN E 80 1.92 -39.78 -34.04
N VAL E 81 1.17 -39.09 -34.90
CA VAL E 81 0.61 -37.79 -34.54
C VAL E 81 -0.69 -37.95 -33.76
N SER E 82 -1.10 -36.86 -33.12
CA SER E 82 -2.29 -36.85 -32.27
C SER E 82 -2.91 -35.46 -32.29
N THR E 83 -4.24 -35.39 -32.20
CA THR E 83 -4.92 -34.09 -32.18
C THR E 83 -5.13 -33.62 -30.74
N VAL E 84 -5.18 -32.31 -30.58
CA VAL E 84 -5.49 -31.72 -29.28
C VAL E 84 -6.35 -30.50 -29.50
N GLN E 85 -6.51 -29.71 -28.45
CA GLN E 85 -7.24 -28.46 -28.55
C GLN E 85 -6.31 -27.36 -28.07
N CYS E 86 -5.65 -27.62 -26.95
CA CYS E 86 -4.64 -26.72 -26.37
C CYS E 86 -3.33 -27.43 -26.11
N THR E 87 -2.25 -26.65 -26.00
CA THR E 87 -0.93 -27.20 -25.69
C THR E 87 -0.70 -27.33 -24.20
N HIS E 88 0.11 -28.30 -23.81
CA HIS E 88 0.46 -28.47 -22.40
C HIS E 88 1.10 -27.18 -21.89
N GLY E 89 0.75 -26.77 -20.67
CA GLY E 89 1.23 -25.53 -20.09
C GLY E 89 2.71 -25.26 -20.31
N ILE E 90 3.00 -24.05 -20.79
CA ILE E 90 4.37 -23.63 -21.05
C ILE E 90 4.72 -22.43 -20.19
N ARG E 91 5.97 -22.35 -19.75
CA ARG E 91 6.43 -21.17 -19.03
C ARG E 91 7.22 -20.26 -19.95
N PRO E 92 6.68 -19.06 -20.21
CA PRO E 92 7.25 -18.04 -21.09
C PRO E 92 8.52 -17.39 -20.52
N VAL E 93 9.62 -18.13 -20.52
CA VAL E 93 10.87 -17.64 -19.96
C VAL E 93 11.66 -16.81 -20.97
N VAL E 94 11.69 -15.50 -20.75
CA VAL E 94 12.51 -14.59 -21.55
C VAL E 94 13.94 -14.57 -21.01
N SER E 95 14.84 -15.28 -21.69
CA SER E 95 16.22 -15.44 -21.23
C SER E 95 17.15 -15.72 -22.40
N THR E 96 18.43 -15.46 -22.22
CA THR E 96 19.40 -15.75 -23.27
C THR E 96 20.39 -16.80 -22.81
N GLN E 97 21.14 -17.36 -23.76
CA GLN E 97 22.18 -18.34 -23.47
C GLN E 97 21.65 -19.65 -22.88
N LEU E 98 20.62 -19.55 -22.05
CA LEU E 98 20.05 -20.71 -21.39
C LEU E 98 18.53 -20.62 -21.37
N LEU E 99 17.89 -21.68 -21.83
CA LEU E 99 16.44 -21.81 -21.78
C LEU E 99 16.06 -22.42 -20.45
N LEU E 100 15.02 -21.86 -19.81
CA LEU E 100 14.68 -22.23 -18.45
C LEU E 100 13.26 -22.78 -18.30
N ASN E 101 13.05 -23.58 -17.27
CA ASN E 101 11.72 -24.10 -16.94
C ASN E 101 10.91 -24.56 -18.16
N GLY E 102 11.50 -25.47 -18.95
CA GLY E 102 10.83 -26.02 -20.11
C GLY E 102 10.81 -27.54 -20.12
N SER E 103 10.16 -28.13 -21.11
CA SER E 103 10.07 -29.59 -21.23
C SER E 103 11.37 -30.18 -21.79
N LEU E 104 11.67 -31.41 -21.38
CA LEU E 104 12.91 -32.06 -21.78
C LEU E 104 12.66 -33.34 -22.57
N ALA E 105 13.75 -33.98 -23.01
CA ALA E 105 13.67 -35.23 -23.74
C ALA E 105 13.63 -36.41 -22.77
N GLU E 106 12.82 -37.40 -23.10
CA GLU E 106 12.69 -38.59 -22.28
C GLU E 106 13.93 -39.46 -22.38
N GLU E 107 14.49 -39.51 -23.59
CA GLU E 107 15.64 -40.35 -23.88
C GLU E 107 16.95 -39.62 -23.63
N GLU E 108 17.65 -39.33 -24.72
CA GLU E 108 18.96 -38.68 -24.67
C GLU E 108 18.86 -37.21 -25.04
N ILE E 109 20.00 -36.55 -25.16
CA ILE E 109 20.04 -35.15 -25.57
C ILE E 109 19.69 -35.02 -27.05
N VAL E 110 19.04 -33.92 -27.42
CA VAL E 110 18.61 -33.72 -28.80
C VAL E 110 19.00 -32.34 -29.32
N ILE E 111 19.97 -32.31 -30.23
CA ILE E 111 20.36 -31.08 -30.90
C ILE E 111 19.53 -30.90 -32.16
N ARG E 112 18.82 -29.78 -32.27
CA ARG E 112 18.06 -29.47 -33.47
C ARG E 112 18.52 -28.16 -34.07
N SER E 113 18.45 -28.05 -35.38
CA SER E 113 18.85 -26.82 -36.07
C SER E 113 18.04 -26.63 -37.34
N GLU E 114 18.08 -25.42 -37.88
CA GLU E 114 17.47 -25.12 -39.17
C GLU E 114 18.43 -25.56 -40.27
N ASN E 115 19.70 -25.21 -40.09
CA ASN E 115 20.76 -25.66 -40.98
C ASN E 115 22.03 -25.85 -40.18
N PHE E 116 22.48 -27.10 -40.09
CA PHE E 116 23.68 -27.42 -39.32
C PHE E 116 24.92 -26.82 -39.98
N THR E 117 25.00 -26.93 -41.30
CA THR E 117 26.14 -26.46 -42.07
C THR E 117 26.24 -24.93 -42.07
N ASN E 118 25.10 -24.26 -41.98
CA ASN E 118 25.07 -22.82 -41.86
C ASN E 118 25.52 -22.43 -40.45
N ASN E 119 26.67 -21.79 -40.36
CA ASN E 119 27.23 -21.39 -39.07
C ASN E 119 26.58 -20.13 -38.51
N ALA E 120 25.71 -19.52 -39.30
CA ALA E 120 24.99 -18.34 -38.86
C ALA E 120 23.68 -18.70 -38.16
N LYS E 121 23.34 -20.00 -38.21
CA LYS E 121 22.09 -20.49 -37.63
C LYS E 121 22.34 -21.12 -36.26
N THR E 122 21.48 -20.76 -35.29
CA THR E 122 21.62 -21.22 -33.92
C THR E 122 21.30 -22.71 -33.76
N ILE E 123 21.85 -23.32 -32.72
CA ILE E 123 21.66 -24.73 -32.46
C ILE E 123 20.88 -24.92 -31.15
N ILE E 124 19.61 -25.27 -31.27
CA ILE E 124 18.77 -25.54 -30.09
C ILE E 124 19.15 -26.89 -29.48
N VAL E 125 19.78 -26.86 -28.32
CA VAL E 125 20.16 -28.07 -27.60
C VAL E 125 19.18 -28.32 -26.47
N GLN E 126 18.36 -29.36 -26.61
CA GLN E 126 17.41 -29.73 -25.58
C GLN E 126 17.98 -30.83 -24.69
N LEU E 127 18.02 -30.59 -23.38
CA LEU E 127 18.60 -31.55 -22.45
C LEU E 127 17.60 -32.66 -22.10
N ASN E 128 18.12 -33.78 -21.60
CA ASN E 128 17.27 -34.87 -21.13
C ASN E 128 17.23 -34.92 -19.61
N GLU E 129 18.11 -34.16 -18.97
CA GLU E 129 18.17 -34.09 -17.52
C GLU E 129 18.46 -32.65 -17.08
N SER E 130 17.45 -32.01 -16.49
CA SER E 130 17.55 -30.61 -16.11
C SER E 130 18.60 -30.35 -15.03
N VAL E 131 19.48 -29.38 -15.28
CA VAL E 131 20.46 -28.96 -14.29
C VAL E 131 19.90 -27.77 -13.51
N VAL E 132 20.09 -27.78 -12.19
CA VAL E 132 19.48 -26.74 -11.36
C VAL E 132 20.40 -25.55 -11.12
N ILE E 133 19.83 -24.35 -11.25
CA ILE E 133 20.59 -23.13 -11.03
C ILE E 133 19.93 -22.27 -9.96
N ASN E 134 20.73 -21.78 -9.02
CA ASN E 134 20.23 -20.97 -7.91
C ASN E 134 20.74 -19.55 -7.96
N CYS E 135 19.94 -18.65 -8.52
CA CYS E 135 20.30 -17.24 -8.56
C CYS E 135 19.63 -16.51 -7.39
N THR E 136 20.30 -15.49 -6.88
CA THR E 136 19.83 -14.78 -5.69
C THR E 136 20.62 -13.50 -5.41
N ARG E 137 19.91 -12.42 -5.08
CA ARG E 137 20.55 -11.25 -4.50
C ARG E 137 20.46 -11.29 -2.99
N PRO E 138 21.61 -11.45 -2.32
CA PRO E 138 21.72 -11.54 -0.88
C PRO E 138 21.08 -10.36 -0.15
N ASN E 139 20.75 -10.59 1.12
CA ASN E 139 20.24 -9.55 2.01
C ASN E 139 21.39 -8.97 2.84
N ASN E 140 22.57 -8.93 2.23
CA ASN E 140 23.80 -8.55 2.91
C ASN E 140 23.89 -7.07 3.25
N ASN E 141 23.10 -6.26 2.56
CA ASN E 141 23.43 -4.85 2.38
C ASN E 141 23.15 -3.90 3.56
N THR E 142 21.92 -3.85 4.05
CA THR E 142 21.62 -2.96 5.17
C THR E 142 22.12 -3.55 6.50
N ARG E 143 22.92 -2.76 7.22
CA ARG E 143 23.36 -3.16 8.55
C ARG E 143 22.56 -2.42 9.60
N LYS E 144 21.46 -3.04 10.03
CA LYS E 144 20.66 -2.54 11.14
C LYS E 144 21.09 -3.22 12.44
N SER E 145 20.80 -2.56 13.55
CA SER E 145 21.04 -3.15 14.86
C SER E 145 20.37 -2.28 15.92
N ILE E 146 20.23 -2.83 17.12
CA ILE E 146 19.56 -2.13 18.21
C ILE E 146 20.32 -2.34 19.51
N ASN E 147 20.55 -1.25 20.22
CA ASN E 147 21.17 -1.33 21.53
C ASN E 147 20.17 -1.78 22.58
N ILE E 148 20.52 -2.86 23.27
CA ILE E 148 19.74 -3.37 24.38
C ILE E 148 20.51 -3.13 25.65
N GLY E 149 19.84 -2.61 26.67
CA GLY E 149 20.49 -2.43 27.96
C GLY E 149 19.54 -1.81 28.95
N PRO E 150 20.01 -1.64 30.19
CA PRO E 150 19.26 -0.92 31.21
C PRO E 150 19.14 0.56 30.84
N GLY E 151 17.93 1.11 30.97
CA GLY E 151 17.70 2.51 30.67
C GLY E 151 17.80 2.86 29.20
N ARG E 152 17.96 1.81 28.38
CA ARG E 152 18.13 1.99 26.94
C ARG E 152 16.80 2.15 26.23
N ALA E 153 16.70 3.15 25.38
CA ALA E 153 15.55 3.27 24.47
C ALA E 153 15.81 2.43 23.23
N LEU E 154 14.77 2.18 22.45
CA LEU E 154 14.88 1.21 21.36
C LEU E 154 14.74 1.82 19.97
N TYR E 155 15.83 2.40 19.49
CA TYR E 155 15.91 2.90 18.12
C TYR E 155 16.69 1.90 17.28
N THR E 156 16.66 2.10 15.97
CA THR E 156 17.34 1.19 15.05
C THR E 156 18.23 1.97 14.08
N THR E 157 19.47 1.55 13.94
CA THR E 157 20.44 2.25 13.08
C THR E 157 20.55 1.65 11.68
N GLY E 158 19.99 2.32 10.68
CA GLY E 158 19.98 1.82 9.32
C GLY E 158 20.95 2.52 8.39
N GLU E 159 21.98 1.79 7.98
CA GLU E 159 22.96 2.31 7.02
C GLU E 159 23.43 1.19 6.09
N ILE E 160 23.43 1.48 4.79
CA ILE E 160 23.78 0.49 3.77
C ILE E 160 25.29 0.46 3.49
N ILE E 161 25.84 -0.74 3.33
CA ILE E 161 27.29 -0.89 3.22
C ILE E 161 27.77 -1.72 2.02
N GLY E 162 26.84 -2.35 1.30
CA GLY E 162 27.19 -3.18 0.16
C GLY E 162 26.46 -2.78 -1.12
N ASP E 163 26.88 -3.36 -2.25
CA ASP E 163 26.27 -3.07 -3.55
C ASP E 163 24.90 -3.76 -3.69
N ILE E 164 23.83 -2.98 -3.58
CA ILE E 164 22.49 -3.53 -3.56
C ILE E 164 22.06 -4.12 -4.90
N ARG E 165 23.00 -4.15 -5.85
CA ARG E 165 22.70 -4.63 -7.20
C ARG E 165 23.46 -5.90 -7.55
N GLN E 166 24.32 -6.36 -6.64
CA GLN E 166 25.21 -7.48 -6.94
C GLN E 166 24.66 -8.81 -6.45
N ALA E 167 24.52 -9.75 -7.37
CA ALA E 167 24.05 -11.08 -7.02
C ALA E 167 24.99 -12.16 -7.54
N HIS E 168 24.48 -13.38 -7.63
CA HIS E 168 25.27 -14.54 -8.03
C HIS E 168 24.36 -15.75 -8.22
N CYS E 169 24.79 -16.72 -9.03
CA CYS E 169 24.04 -17.96 -9.20
C CYS E 169 24.93 -19.18 -8.91
N ASN E 170 24.31 -20.25 -8.44
CA ASN E 170 25.03 -21.49 -8.15
C ASN E 170 24.62 -22.63 -9.06
N LEU E 171 25.59 -23.45 -9.42
CA LEU E 171 25.36 -24.61 -10.27
C LEU E 171 26.20 -25.79 -9.80
N SER E 172 25.65 -26.99 -9.91
CA SER E 172 26.40 -28.19 -9.56
C SER E 172 27.52 -28.42 -10.56
N LYS E 173 28.75 -28.18 -10.12
CA LYS E 173 29.92 -28.39 -10.95
C LYS E 173 29.84 -29.71 -11.67
N THR E 174 29.59 -30.77 -10.91
CA THR E 174 29.56 -32.12 -11.42
C THR E 174 28.49 -32.34 -12.49
N GLN E 175 27.28 -31.86 -12.22
CA GLN E 175 26.17 -32.01 -13.16
C GLN E 175 26.50 -31.34 -14.49
N TRP E 176 26.90 -30.08 -14.42
CA TRP E 176 27.16 -29.29 -15.62
C TRP E 176 28.27 -29.87 -16.49
N GLU E 177 29.31 -30.41 -15.85
CA GLU E 177 30.40 -31.02 -16.59
C GLU E 177 29.90 -32.22 -17.36
N ASN E 178 29.21 -33.12 -16.66
CA ASN E 178 28.66 -34.31 -17.28
C ASN E 178 27.63 -33.96 -18.35
N THR E 179 27.12 -32.75 -18.28
CA THR E 179 26.13 -32.27 -19.26
C THR E 179 26.80 -31.82 -20.56
N LEU E 180 27.88 -31.03 -20.43
CA LEU E 180 28.63 -30.58 -21.59
C LEU E 180 29.18 -31.76 -22.37
N GLU E 181 29.84 -32.67 -21.66
CA GLU E 181 30.46 -33.83 -22.29
C GLU E 181 29.42 -34.71 -22.97
N GLN E 182 28.16 -34.49 -22.67
CA GLN E 182 27.06 -35.20 -23.33
C GLN E 182 26.61 -34.49 -24.60
N ILE E 183 26.68 -33.16 -24.60
CA ILE E 183 26.35 -32.40 -25.79
C ILE E 183 27.42 -32.61 -26.85
N ALA E 184 28.68 -32.61 -26.40
CA ALA E 184 29.82 -32.82 -27.28
C ALA E 184 29.73 -34.18 -27.97
N ILE E 185 29.12 -35.14 -27.29
CA ILE E 185 28.94 -36.48 -27.85
C ILE E 185 27.94 -36.43 -29.00
N LYS E 186 26.84 -35.72 -28.81
CA LYS E 186 25.80 -35.59 -29.85
C LYS E 186 26.27 -34.73 -31.02
N LEU E 187 27.19 -33.81 -30.75
CA LEU E 187 27.74 -32.95 -31.79
C LEU E 187 28.74 -33.73 -32.64
N LYS E 188 29.58 -34.53 -32.00
CA LYS E 188 30.51 -35.39 -32.71
C LYS E 188 29.75 -36.40 -33.58
N GLU E 189 28.57 -36.78 -33.13
CA GLU E 189 27.67 -37.64 -33.90
C GLU E 189 26.76 -36.78 -34.78
N GLN E 190 27.32 -35.74 -35.39
CA GLN E 190 26.54 -34.86 -36.26
C GLN E 190 27.46 -34.13 -37.25
N PHE E 191 28.67 -33.81 -36.81
CA PHE E 191 29.66 -33.15 -37.66
C PHE E 191 30.85 -34.07 -37.96
N GLY E 192 30.98 -35.14 -37.17
CA GLY E 192 32.03 -36.11 -37.38
C GLY E 192 32.75 -36.51 -36.11
N ASN E 193 33.10 -37.79 -36.01
CA ASN E 193 33.85 -38.30 -34.84
C ASN E 193 35.29 -37.83 -34.83
N ASN E 194 35.87 -37.65 -36.01
CA ASN E 194 37.24 -37.15 -36.12
C ASN E 194 37.37 -35.67 -35.77
N LYS E 195 36.22 -34.99 -35.71
CA LYS E 195 36.19 -33.58 -35.33
C LYS E 195 36.46 -33.45 -33.84
N THR E 196 37.03 -32.31 -33.42
CA THR E 196 37.22 -32.03 -32.02
C THR E 196 36.25 -30.96 -31.55
N ILE E 197 35.77 -31.08 -30.31
CA ILE E 197 34.77 -30.15 -29.78
C ILE E 197 35.35 -29.19 -28.74
N ILE E 198 34.93 -27.93 -28.81
CA ILE E 198 35.38 -26.90 -27.89
C ILE E 198 34.25 -25.92 -27.63
N PHE E 199 34.10 -25.53 -26.37
CA PHE E 199 33.15 -24.50 -26.00
C PHE E 199 33.91 -23.25 -25.62
N ASN E 200 33.42 -22.11 -26.09
CA ASN E 200 34.04 -20.82 -25.84
C ASN E 200 32.93 -19.81 -25.61
N PRO E 201 33.19 -18.81 -24.75
CA PRO E 201 32.20 -17.77 -24.40
C PRO E 201 31.69 -16.96 -25.61
N SER E 202 30.73 -16.08 -25.36
CA SER E 202 30.10 -15.29 -26.42
C SER E 202 31.08 -14.30 -27.05
N SER E 203 30.95 -14.09 -28.36
CA SER E 203 31.87 -13.23 -29.10
C SER E 203 31.82 -11.77 -28.65
N GLY E 204 30.63 -11.20 -28.63
CA GLY E 204 30.44 -9.81 -28.26
C GLY E 204 29.02 -9.36 -28.53
N GLY E 205 28.77 -8.08 -28.37
CA GLY E 205 27.44 -7.53 -28.65
C GLY E 205 26.76 -6.92 -27.44
N ASP E 206 25.47 -6.65 -27.58
CA ASP E 206 24.68 -6.08 -26.49
C ASP E 206 24.83 -6.92 -25.23
N PRO E 207 24.84 -6.27 -24.06
CA PRO E 207 24.97 -6.94 -22.77
C PRO E 207 24.10 -8.20 -22.65
N GLU E 208 22.84 -8.10 -23.05
CA GLU E 208 21.89 -9.22 -22.87
C GLU E 208 22.41 -10.52 -23.50
N ILE E 209 23.24 -10.39 -24.53
CA ILE E 209 23.70 -11.57 -25.26
C ILE E 209 25.02 -12.13 -24.75
N VAL E 210 25.99 -11.25 -24.50
CA VAL E 210 27.29 -11.68 -24.02
C VAL E 210 27.20 -12.34 -22.64
N THR E 211 26.13 -12.04 -21.91
CA THR E 211 25.96 -12.54 -20.56
C THR E 211 24.54 -13.08 -20.38
N HIS E 212 24.42 -14.30 -19.85
CA HIS E 212 23.12 -14.94 -19.64
C HIS E 212 22.20 -14.07 -18.82
N SER E 213 21.31 -13.36 -19.49
CA SER E 213 20.37 -12.49 -18.81
C SER E 213 19.05 -13.21 -18.58
N PHE E 214 18.18 -12.58 -17.79
CA PHE E 214 16.84 -13.11 -17.53
C PHE E 214 16.16 -12.28 -16.46
N ASN E 215 14.87 -12.53 -16.27
CA ASN E 215 14.12 -11.78 -15.28
C ASN E 215 13.73 -12.66 -14.08
N CYS E 216 13.86 -12.08 -12.89
CA CYS E 216 13.47 -12.77 -11.66
C CYS E 216 13.00 -11.78 -10.59
N GLY E 217 11.75 -11.92 -10.15
CA GLY E 217 11.22 -11.08 -9.09
C GLY E 217 11.06 -9.63 -9.50
N GLY E 218 10.81 -9.41 -10.79
CA GLY E 218 10.64 -8.06 -11.31
C GLY E 218 11.96 -7.35 -11.55
N GLU E 219 13.07 -8.09 -11.41
CA GLU E 219 14.40 -7.53 -11.58
C GLU E 219 15.15 -8.20 -12.74
N PHE E 220 16.02 -7.45 -13.41
CA PHE E 220 16.74 -7.96 -14.58
C PHE E 220 18.18 -8.34 -14.28
N PHE E 221 18.49 -9.62 -14.41
CA PHE E 221 19.82 -10.14 -14.09
C PHE E 221 20.73 -10.28 -15.31
N TYR E 222 22.03 -10.22 -15.08
CA TYR E 222 23.03 -10.40 -16.13
C TYR E 222 24.18 -11.20 -15.53
N CYS E 223 24.33 -12.44 -15.97
CA CYS E 223 25.26 -13.35 -15.31
C CYS E 223 26.45 -13.76 -16.16
N ASN E 224 27.64 -13.30 -15.76
CA ASN E 224 28.89 -13.62 -16.42
C ASN E 224 29.15 -15.12 -16.53
N SER E 225 28.62 -15.72 -17.59
CA SER E 225 28.64 -17.18 -17.74
C SER E 225 29.92 -17.70 -18.39
N THR E 226 31.06 -17.13 -18.00
CA THR E 226 32.34 -17.54 -18.57
C THR E 226 32.72 -18.93 -18.10
N GLN E 227 32.51 -19.20 -16.81
CA GLN E 227 32.89 -20.49 -16.25
C GLN E 227 32.10 -21.59 -16.94
N LEU E 228 30.86 -21.26 -17.30
CA LEU E 228 29.96 -22.23 -17.93
C LEU E 228 30.53 -22.82 -19.21
N PHE E 229 30.87 -21.95 -20.16
CA PHE E 229 31.23 -22.39 -21.50
C PHE E 229 32.72 -22.34 -21.78
N THR E 230 33.51 -22.84 -20.83
CA THR E 230 34.94 -23.02 -21.08
C THR E 230 35.32 -24.45 -20.77
N TRP E 231 35.49 -25.24 -21.83
CA TRP E 231 35.68 -26.67 -21.69
C TRP E 231 36.30 -27.27 -22.95
N ASN E 232 37.42 -27.98 -22.77
CA ASN E 232 38.09 -28.66 -23.89
C ASN E 232 38.61 -30.04 -23.53
N ASP E 233 37.69 -30.93 -23.14
CA ASP E 233 38.03 -32.31 -22.80
C ASP E 233 38.89 -32.45 -21.53
N ASN E 243 31.67 -26.76 -6.94
CA ASN E 243 30.40 -26.04 -6.96
C ASN E 243 30.53 -24.70 -7.68
N ILE E 244 30.12 -24.68 -8.95
CA ILE E 244 30.26 -23.51 -9.82
C ILE E 244 29.41 -22.31 -9.39
N THR E 245 30.05 -21.15 -9.22
CA THR E 245 29.31 -19.93 -8.92
C THR E 245 29.71 -18.81 -9.87
N LEU E 246 28.73 -18.13 -10.44
CA LEU E 246 29.02 -17.05 -11.37
C LEU E 246 28.46 -15.70 -10.94
N PRO E 247 29.17 -14.62 -11.27
CA PRO E 247 28.82 -13.24 -10.92
C PRO E 247 27.63 -12.73 -11.72
N CYS E 248 26.78 -11.95 -11.07
CA CYS E 248 25.65 -11.33 -11.76
C CYS E 248 25.41 -9.94 -11.24
N ARG E 249 24.58 -9.19 -11.95
CA ARG E 249 24.25 -7.83 -11.56
C ARG E 249 22.88 -7.44 -12.07
N ILE E 250 22.07 -6.85 -11.20
CA ILE E 250 20.81 -6.27 -11.60
C ILE E 250 21.08 -4.95 -12.31
N LYS E 251 20.45 -4.75 -13.46
CA LYS E 251 20.60 -3.49 -14.18
C LYS E 251 19.29 -2.74 -14.31
N GLN E 252 19.38 -1.43 -14.36
CA GLN E 252 18.21 -0.59 -14.58
C GLN E 252 18.01 -0.34 -16.06
N ILE E 253 19.12 -0.12 -16.77
CA ILE E 253 19.08 0.21 -18.20
C ILE E 253 19.26 -1.02 -19.09
N ILE E 254 18.15 -1.56 -19.56
CA ILE E 254 18.17 -2.74 -20.41
C ILE E 254 17.72 -2.41 -21.84
N ASN E 255 18.22 -3.15 -22.82
CA ASN E 255 17.77 -3.01 -24.20
C ASN E 255 16.57 -3.90 -24.45
N MET E 256 15.46 -3.29 -24.84
CA MET E 256 14.23 -4.04 -25.05
C MET E 256 14.44 -5.16 -26.05
N TRP E 257 13.79 -6.29 -25.80
CA TRP E 257 13.81 -7.45 -26.68
C TRP E 257 12.61 -7.37 -27.61
N GLN E 258 11.52 -6.81 -27.08
CA GLN E 258 10.27 -6.61 -27.81
C GLN E 258 10.49 -5.90 -29.16
N GLU E 259 11.03 -4.70 -29.12
CA GLU E 259 11.44 -3.98 -30.31
C GLU E 259 12.86 -3.47 -30.10
N VAL E 260 13.37 -2.74 -31.07
CA VAL E 260 14.72 -2.22 -30.97
C VAL E 260 14.71 -0.92 -30.18
N GLY E 261 15.39 -0.91 -29.03
CA GLY E 261 15.48 0.28 -28.20
C GLY E 261 15.89 -0.04 -26.78
N LYS E 262 16.00 0.99 -25.94
CA LYS E 262 16.36 0.81 -24.53
C LYS E 262 15.19 1.18 -23.61
N ALA E 263 15.29 0.74 -22.35
CA ALA E 263 14.30 1.09 -21.34
C ALA E 263 14.98 1.12 -19.97
N MET E 264 14.47 1.95 -19.08
CA MET E 264 15.05 2.06 -17.74
C MET E 264 13.99 1.80 -16.67
N TYR E 265 14.29 0.92 -15.73
CA TYR E 265 13.36 0.59 -14.66
C TYR E 265 13.82 1.09 -13.29
N ALA E 266 12.94 0.98 -12.30
CA ALA E 266 13.23 1.44 -10.96
C ALA E 266 14.30 0.59 -10.32
N PRO E 267 15.03 1.15 -9.33
CA PRO E 267 16.09 0.45 -8.61
C PRO E 267 15.54 -0.79 -7.90
N PRO E 268 16.43 -1.68 -7.44
CA PRO E 268 15.98 -2.91 -6.78
C PRO E 268 15.09 -2.63 -5.58
N ILE E 269 14.36 -3.65 -5.15
CA ILE E 269 13.47 -3.51 -4.00
C ILE E 269 14.12 -4.13 -2.78
N ARG E 270 13.81 -3.59 -1.61
CA ARG E 270 14.40 -4.10 -0.38
C ARG E 270 14.07 -5.57 -0.18
N GLY E 271 14.90 -6.24 0.61
CA GLY E 271 14.64 -7.62 0.97
C GLY E 271 15.57 -8.59 0.29
N GLN E 272 15.01 -9.69 -0.19
CA GLN E 272 15.80 -10.67 -0.90
C GLN E 272 15.14 -11.02 -2.21
N ILE E 273 15.95 -11.44 -3.18
CA ILE E 273 15.48 -11.83 -4.49
C ILE E 273 16.11 -13.17 -4.86
N ARG E 274 15.29 -14.22 -4.89
CA ARG E 274 15.79 -15.56 -5.17
C ARG E 274 14.90 -16.29 -6.17
N CYS E 275 15.55 -16.97 -7.10
CA CYS E 275 14.85 -17.80 -8.06
C CYS E 275 15.63 -19.10 -8.27
N SER E 276 14.94 -20.23 -8.13
CA SER E 276 15.55 -21.51 -8.51
C SER E 276 14.85 -22.02 -9.77
N SER E 277 15.63 -22.31 -10.81
CA SER E 277 15.10 -22.66 -12.11
C SER E 277 15.82 -23.87 -12.74
N ASN E 278 15.12 -24.59 -13.62
CA ASN E 278 15.73 -25.70 -14.34
C ASN E 278 16.38 -25.23 -15.62
N ILE E 279 17.64 -25.61 -15.82
CA ILE E 279 18.27 -25.42 -17.10
C ILE E 279 17.78 -26.53 -18.02
N THR E 280 16.81 -26.17 -18.87
CA THR E 280 16.15 -27.10 -19.77
C THR E 280 16.95 -27.31 -21.05
N GLY E 281 17.60 -26.24 -21.50
CA GLY E 281 18.37 -26.30 -22.71
C GLY E 281 19.24 -25.07 -22.86
N LEU E 282 20.07 -25.06 -23.89
CA LEU E 282 20.90 -23.91 -24.16
C LEU E 282 20.83 -23.55 -25.63
N LEU E 283 20.85 -22.25 -25.90
CA LEU E 283 20.95 -21.77 -27.26
C LEU E 283 22.43 -21.71 -27.61
N LEU E 284 22.84 -22.44 -28.64
CA LEU E 284 24.23 -22.41 -29.08
C LEU E 284 24.39 -21.73 -30.43
N THR E 285 25.63 -21.50 -30.82
CA THR E 285 25.97 -21.00 -32.15
C THR E 285 27.32 -21.57 -32.53
N ARG E 286 27.54 -21.79 -33.82
CA ARG E 286 28.80 -22.35 -34.27
C ARG E 286 29.58 -21.33 -35.08
N ASP E 287 30.76 -21.70 -35.55
CA ASP E 287 31.60 -20.78 -36.33
C ASP E 287 32.69 -21.49 -37.11
N GLY E 288 32.45 -21.70 -38.40
CA GLY E 288 33.43 -22.33 -39.27
C GLY E 288 33.89 -21.38 -40.35
N GLY E 289 35.21 -21.33 -40.57
CA GLY E 289 35.78 -20.40 -41.53
C GLY E 289 36.57 -21.07 -42.64
N LYS E 290 35.86 -21.62 -43.61
CA LYS E 290 36.47 -22.34 -44.72
C LYS E 290 37.45 -23.39 -44.20
N ASP E 291 36.91 -24.29 -43.37
CA ASP E 291 37.70 -25.37 -42.76
C ASP E 291 38.77 -24.84 -41.79
N THR E 292 38.50 -24.99 -40.50
CA THR E 292 39.40 -24.50 -39.46
C THR E 292 40.36 -25.57 -38.95
N ASN E 293 41.14 -26.13 -39.88
CA ASN E 293 42.13 -27.16 -39.58
C ASN E 293 41.54 -28.52 -39.23
N GLY E 294 40.73 -28.55 -38.17
CA GLY E 294 40.12 -29.79 -37.72
C GLY E 294 39.59 -29.68 -36.30
N THR E 295 38.80 -28.64 -36.06
CA THR E 295 38.28 -28.36 -34.73
C THR E 295 37.15 -27.32 -34.77
N GLU E 296 36.02 -27.64 -34.16
CA GLU E 296 34.86 -26.74 -34.15
C GLU E 296 34.64 -26.11 -32.78
N ILE E 297 34.44 -24.80 -32.76
CA ILE E 297 34.19 -24.09 -31.52
C ILE E 297 32.70 -23.72 -31.39
N PHE E 298 32.20 -23.67 -30.16
CA PHE E 298 30.80 -23.33 -29.94
C PHE E 298 30.61 -22.28 -28.87
N ARG E 299 29.82 -21.27 -29.19
CA ARG E 299 29.55 -20.19 -28.25
C ARG E 299 28.07 -20.19 -27.87
N PRO E 300 27.73 -19.46 -26.80
CA PRO E 300 26.34 -19.23 -26.40
C PRO E 300 25.65 -18.31 -27.40
N GLY E 301 24.39 -18.58 -27.69
CA GLY E 301 23.63 -17.72 -28.58
C GLY E 301 22.46 -17.10 -27.83
N GLY E 302 21.35 -16.89 -28.53
CA GLY E 302 20.17 -16.33 -27.92
C GLY E 302 20.02 -14.86 -28.27
N GLY E 303 18.85 -14.31 -27.95
CA GLY E 303 18.55 -12.92 -28.25
C GLY E 303 17.24 -12.79 -29.00
N ASP E 304 16.96 -13.78 -29.85
CA ASP E 304 15.67 -13.85 -30.52
C ASP E 304 14.75 -14.75 -29.72
N MET E 305 13.61 -14.22 -29.31
CA MET E 305 12.73 -14.94 -28.40
C MET E 305 11.84 -15.93 -29.15
N ARG E 306 11.81 -15.82 -30.47
CA ARG E 306 11.14 -16.80 -31.29
C ARG E 306 11.84 -18.14 -31.13
N ASP E 307 13.13 -18.11 -30.82
CA ASP E 307 13.87 -19.33 -30.56
C ASP E 307 13.44 -19.93 -29.23
N ASN E 308 13.33 -19.09 -28.22
CA ASN E 308 12.86 -19.53 -26.91
C ASN E 308 11.51 -20.21 -27.04
N TRP E 309 10.66 -19.69 -27.93
CA TRP E 309 9.35 -20.28 -28.13
C TRP E 309 9.45 -21.58 -28.91
N ARG E 310 10.14 -21.53 -30.04
CA ARG E 310 10.29 -22.69 -30.92
C ARG E 310 10.78 -23.95 -30.20
N SER E 311 11.57 -23.78 -29.15
CA SER E 311 12.10 -24.92 -28.43
C SER E 311 10.97 -25.72 -27.77
N GLU E 312 9.85 -25.06 -27.52
CA GLU E 312 8.72 -25.69 -26.83
C GLU E 312 7.49 -25.84 -27.70
N LEU E 313 7.62 -25.56 -28.99
CA LEU E 313 6.49 -25.66 -29.92
C LEU E 313 6.91 -26.47 -31.13
N TYR E 314 7.98 -27.23 -30.98
CA TYR E 314 8.58 -27.94 -32.11
C TYR E 314 7.74 -29.14 -32.54
N LYS E 315 6.90 -29.64 -31.64
CA LYS E 315 6.08 -30.79 -31.98
C LYS E 315 4.65 -30.41 -32.33
N TYR E 316 4.33 -29.13 -32.26
CA TYR E 316 2.98 -28.67 -32.55
C TYR E 316 2.81 -28.03 -33.93
N LYS E 317 1.61 -28.24 -34.48
CA LYS E 317 1.22 -27.65 -35.75
C LYS E 317 -0.28 -27.39 -35.72
N VAL E 318 -0.69 -26.16 -35.96
CA VAL E 318 -2.11 -25.81 -35.97
C VAL E 318 -2.67 -26.01 -37.38
N VAL E 319 -3.88 -26.55 -37.45
CA VAL E 319 -4.48 -26.93 -38.73
C VAL E 319 -5.99 -26.76 -38.73
N LYS E 320 -6.57 -26.62 -39.92
CA LYS E 320 -8.02 -26.45 -40.06
C LYS E 320 -8.74 -27.79 -40.12
N ILE E 321 -9.88 -27.86 -39.43
CA ILE E 321 -10.69 -29.07 -39.38
C ILE E 321 -11.88 -28.93 -40.32
N GLU E 322 -11.61 -28.92 -41.61
CA GLU E 322 -12.64 -28.75 -42.62
C GLU E 322 -13.33 -30.09 -42.92
N LYS F 1 28.64 -8.03 -57.41
CA LYS F 1 29.63 -7.64 -56.40
C LYS F 1 30.00 -6.16 -56.49
N LYS F 2 29.42 -5.35 -55.61
CA LYS F 2 29.74 -3.92 -55.55
C LYS F 2 31.16 -3.69 -55.04
N VAL F 3 31.60 -2.43 -55.03
CA VAL F 3 32.92 -2.07 -54.51
C VAL F 3 32.90 -0.74 -53.79
N VAL F 4 33.74 -0.62 -52.77
CA VAL F 4 33.86 0.63 -52.00
C VAL F 4 35.30 0.89 -51.61
N LEU F 5 35.75 2.12 -51.83
CA LEU F 5 37.10 2.52 -51.46
C LEU F 5 37.15 3.21 -50.09
N GLY F 6 38.08 2.78 -49.25
CA GLY F 6 38.22 3.34 -47.92
C GLY F 6 39.64 3.78 -47.65
N LYS F 7 39.78 4.88 -46.90
CA LYS F 7 41.07 5.44 -46.60
C LYS F 7 41.62 4.90 -45.28
N LYS F 8 42.87 4.41 -45.31
CA LYS F 8 43.52 3.89 -44.11
C LYS F 8 43.33 4.80 -42.91
N GLY F 9 42.76 4.27 -41.84
CA GLY F 9 42.49 5.05 -40.64
C GLY F 9 41.30 5.97 -40.82
N ASP F 10 40.16 5.40 -41.21
CA ASP F 10 38.98 6.20 -41.50
C ASP F 10 37.73 5.33 -41.41
N THR F 11 36.58 5.97 -41.19
CA THR F 11 35.32 5.25 -41.05
C THR F 11 34.62 5.07 -42.39
N VAL F 12 34.06 3.87 -42.60
CA VAL F 12 33.33 3.56 -43.82
C VAL F 12 32.00 2.91 -43.46
N GLU F 13 31.08 2.84 -44.42
CA GLU F 13 29.75 2.31 -44.14
C GLU F 13 29.21 1.41 -45.26
N LEU F 14 29.38 0.11 -45.10
CA LEU F 14 28.79 -0.85 -46.03
C LEU F 14 27.28 -0.93 -45.85
N THR F 15 26.55 -0.93 -46.95
CA THR F 15 25.09 -0.94 -46.90
C THR F 15 24.50 -2.26 -47.36
N CYS F 16 23.26 -2.51 -46.96
CA CYS F 16 22.57 -3.75 -47.30
C CYS F 16 21.08 -3.57 -47.05
N THR F 17 20.27 -3.78 -48.08
CA THR F 17 18.85 -3.49 -47.99
C THR F 17 17.97 -4.69 -48.33
N ALA F 18 17.00 -4.96 -47.47
CA ALA F 18 15.96 -5.93 -47.76
C ALA F 18 14.78 -5.17 -48.38
N SER F 19 13.91 -5.90 -49.06
CA SER F 19 12.78 -5.29 -49.75
C SER F 19 11.90 -4.42 -48.84
N GLN F 20 11.03 -5.06 -48.07
CA GLN F 20 10.10 -4.36 -47.20
C GLN F 20 10.79 -3.61 -46.06
N LYS F 21 10.13 -2.58 -45.54
CA LYS F 21 10.66 -1.82 -44.41
C LYS F 21 10.33 -2.52 -43.09
N LYS F 22 11.06 -3.59 -42.82
CA LYS F 22 10.83 -4.41 -41.63
C LYS F 22 12.18 -4.87 -41.08
N SER F 23 12.27 -5.03 -39.77
CA SER F 23 13.49 -5.54 -39.14
C SER F 23 13.50 -7.07 -39.08
N ILE F 24 14.38 -7.67 -39.86
CA ILE F 24 14.53 -9.13 -39.91
C ILE F 24 15.99 -9.53 -39.72
N GLN F 25 16.24 -10.82 -39.48
CA GLN F 25 17.59 -11.29 -39.19
C GLN F 25 18.55 -11.20 -40.36
N PHE F 26 19.67 -10.51 -40.17
CA PHE F 26 20.71 -10.41 -41.17
C PHE F 26 22.04 -10.98 -40.69
N HIS F 27 23.08 -10.81 -41.49
CA HIS F 27 24.43 -11.25 -41.13
C HIS F 27 25.48 -10.63 -42.05
N TRP F 28 26.74 -10.75 -41.65
CA TRP F 28 27.85 -10.27 -42.46
C TRP F 28 29.01 -11.25 -42.32
N LYS F 29 29.43 -11.83 -43.43
CA LYS F 29 30.53 -12.78 -43.44
C LYS F 29 31.63 -12.28 -44.36
N ASN F 30 32.87 -12.68 -44.10
CA ASN F 30 33.96 -12.28 -44.98
C ASN F 30 34.26 -13.31 -46.07
N SER F 31 35.49 -13.29 -46.57
CA SER F 31 35.89 -14.20 -47.64
C SER F 31 35.83 -15.64 -47.15
N ASN F 32 36.34 -15.88 -45.95
CA ASN F 32 36.33 -17.20 -45.34
C ASN F 32 34.95 -17.55 -44.77
N GLN F 33 33.98 -16.66 -45.00
CA GLN F 33 32.62 -16.84 -44.51
C GLN F 33 32.56 -16.98 -42.99
N ILE F 34 33.07 -15.97 -42.30
CA ILE F 34 33.09 -15.93 -40.83
C ILE F 34 32.20 -14.81 -40.32
N LYS F 35 31.43 -15.09 -39.28
CA LYS F 35 30.54 -14.09 -38.70
C LYS F 35 31.31 -12.85 -38.25
N ILE F 36 30.77 -11.69 -38.59
CA ILE F 36 31.40 -10.41 -38.27
C ILE F 36 30.40 -9.55 -37.53
N LEU F 37 29.13 -9.74 -37.87
CA LEU F 37 28.05 -8.96 -37.29
C LEU F 37 26.75 -9.67 -37.62
N GLY F 38 25.83 -9.68 -36.67
CA GLY F 38 24.53 -10.28 -36.90
C GLY F 38 23.47 -9.56 -36.09
N ASN F 39 22.31 -10.19 -35.95
CA ASN F 39 21.32 -9.67 -35.02
C ASN F 39 20.33 -10.73 -34.55
N GLN F 40 20.49 -11.13 -33.30
CA GLN F 40 19.52 -12.00 -32.68
C GLN F 40 18.32 -11.14 -32.28
N GLY F 41 17.25 -11.24 -33.05
CA GLY F 41 16.05 -10.45 -32.82
C GLY F 41 16.28 -8.96 -32.97
N SER F 42 16.18 -8.23 -31.86
CA SER F 42 16.37 -6.79 -31.86
C SER F 42 17.62 -6.44 -31.08
N PHE F 43 18.49 -7.43 -30.92
CA PHE F 43 19.78 -7.25 -30.28
C PHE F 43 20.88 -7.40 -31.33
N LEU F 44 22.01 -6.73 -31.08
CA LEU F 44 23.16 -6.83 -31.95
C LEU F 44 24.11 -7.91 -31.45
N THR F 45 24.69 -8.68 -32.36
CA THR F 45 25.70 -9.67 -31.98
C THR F 45 27.05 -9.30 -32.59
N LYS F 46 28.03 -10.18 -32.42
CA LYS F 46 29.33 -10.00 -33.04
C LYS F 46 29.85 -11.35 -33.49
N GLY F 47 31.13 -11.40 -33.85
CA GLY F 47 31.75 -12.63 -34.29
C GLY F 47 33.22 -12.69 -33.95
N PRO F 48 33.88 -13.81 -34.26
CA PRO F 48 35.30 -14.06 -34.04
C PRO F 48 36.19 -13.25 -34.99
N SER F 49 35.57 -12.38 -35.78
CA SER F 49 36.26 -11.58 -36.78
C SER F 49 37.47 -10.84 -36.24
N LYS F 50 38.38 -10.48 -37.13
CA LYS F 50 39.55 -9.71 -36.74
C LYS F 50 39.14 -8.31 -36.28
N LEU F 51 38.19 -7.71 -36.99
CA LEU F 51 37.60 -6.45 -36.56
C LEU F 51 36.47 -6.72 -35.57
N ASN F 52 36.79 -7.46 -34.52
CA ASN F 52 35.82 -7.91 -33.52
C ASN F 52 35.02 -6.77 -32.89
N ASP F 53 35.67 -5.62 -32.74
CA ASP F 53 35.06 -4.51 -32.03
C ASP F 53 34.97 -3.26 -32.90
N ARG F 54 35.64 -3.29 -34.05
CA ARG F 54 35.65 -2.13 -34.93
C ARG F 54 34.36 -2.00 -35.74
N ALA F 55 33.60 -3.08 -35.83
CA ALA F 55 32.33 -3.05 -36.54
C ALA F 55 31.22 -2.39 -35.70
N ASP F 56 30.10 -2.06 -36.34
CA ASP F 56 28.94 -1.48 -35.65
C ASP F 56 27.71 -1.53 -36.56
N SER F 57 26.76 -0.63 -36.30
CA SER F 57 25.55 -0.53 -37.10
C SER F 57 24.60 0.52 -36.51
N ARG F 58 23.91 1.24 -37.38
CA ARG F 58 22.92 2.22 -36.94
C ARG F 58 21.59 1.51 -36.71
N ARG F 59 21.34 1.11 -35.47
CA ARG F 59 20.14 0.34 -35.16
C ARG F 59 18.85 1.12 -35.36
N SER F 60 18.97 2.44 -35.47
CA SER F 60 17.80 3.28 -35.69
C SER F 60 17.15 3.01 -37.04
N LEU F 61 17.96 2.55 -38.00
CA LEU F 61 17.51 2.38 -39.38
C LEU F 61 17.03 0.96 -39.67
N TRP F 62 17.24 0.07 -38.71
CA TRP F 62 16.80 -1.31 -38.82
C TRP F 62 15.29 -1.39 -38.99
N ASP F 63 14.60 -0.39 -38.46
CA ASP F 63 13.14 -0.34 -38.51
C ASP F 63 12.66 -0.01 -39.91
N GLN F 64 13.54 0.60 -40.70
CA GLN F 64 13.20 0.98 -42.07
C GLN F 64 13.77 -0.01 -43.08
N GLY F 65 14.36 -1.09 -42.56
CA GLY F 65 14.86 -2.16 -43.40
C GLY F 65 16.21 -1.88 -44.03
N ASN F 66 17.04 -1.09 -43.34
CA ASN F 66 18.40 -0.87 -43.82
C ASN F 66 19.41 -1.31 -42.78
N PHE F 67 20.22 -2.31 -43.15
CA PHE F 67 21.11 -2.96 -42.19
C PHE F 67 22.58 -2.74 -42.49
N PRO F 68 23.07 -1.51 -42.20
CA PRO F 68 24.45 -1.10 -42.48
C PRO F 68 25.49 -1.94 -41.77
N LEU F 69 26.77 -1.66 -42.04
CA LEU F 69 27.88 -2.28 -41.34
C LEU F 69 28.99 -1.24 -41.28
N ILE F 70 29.10 -0.54 -40.16
CA ILE F 70 30.01 0.60 -40.10
C ILE F 70 31.37 0.24 -39.49
N ILE F 71 32.38 0.12 -40.34
CA ILE F 71 33.74 -0.15 -39.89
C ILE F 71 34.51 1.15 -39.72
N LYS F 72 35.24 1.27 -38.61
CA LYS F 72 35.95 2.49 -38.31
C LYS F 72 37.43 2.25 -38.00
N ASN F 73 38.24 3.26 -38.25
CA ASN F 73 39.70 3.19 -38.08
C ASN F 73 40.35 2.03 -38.82
N LEU F 74 39.80 1.70 -39.97
CA LEU F 74 40.24 0.51 -40.72
C LEU F 74 41.70 0.54 -41.13
N LYS F 75 42.37 -0.61 -40.97
CA LYS F 75 43.70 -0.80 -41.50
C LYS F 75 43.56 -1.26 -42.94
N ILE F 76 44.46 -2.13 -43.40
CA ILE F 76 44.44 -2.56 -44.80
C ILE F 76 44.22 -4.06 -44.94
N GLU F 77 44.58 -4.83 -43.91
CA GLU F 77 44.42 -6.27 -43.95
C GLU F 77 42.96 -6.68 -44.11
N ASP F 78 42.05 -5.79 -43.70
CA ASP F 78 40.63 -6.12 -43.64
C ASP F 78 39.94 -6.08 -44.99
N SER F 79 40.46 -5.27 -45.90
CA SER F 79 39.88 -5.16 -47.24
C SER F 79 39.69 -6.54 -47.84
N ASP F 80 38.43 -6.95 -47.94
CA ASP F 80 38.08 -8.29 -48.39
C ASP F 80 36.78 -8.26 -49.16
N THR F 81 36.17 -9.43 -49.30
CA THR F 81 34.85 -9.54 -49.90
C THR F 81 33.84 -9.86 -48.82
N TYR F 82 32.98 -8.89 -48.50
CA TYR F 82 32.00 -9.06 -47.43
C TYR F 82 30.65 -9.50 -47.98
N ILE F 83 29.97 -10.37 -47.23
CA ILE F 83 28.70 -10.94 -47.65
C ILE F 83 27.62 -10.57 -46.63
N CYS F 84 26.46 -10.16 -47.12
CA CYS F 84 25.35 -9.81 -46.24
C CYS F 84 24.21 -10.81 -46.44
N GLU F 85 24.32 -11.98 -45.81
CA GLU F 85 23.30 -13.01 -45.97
C GLU F 85 22.03 -12.62 -45.23
N VAL F 86 21.12 -11.95 -45.92
CA VAL F 86 19.86 -11.54 -45.32
C VAL F 86 18.66 -12.24 -45.95
N GLU F 87 18.03 -13.12 -45.19
CA GLU F 87 16.81 -13.79 -45.63
C GLU F 87 17.03 -14.56 -46.93
N ASP F 88 18.09 -15.35 -46.96
CA ASP F 88 18.43 -16.19 -48.13
C ASP F 88 19.06 -15.42 -49.29
N GLN F 89 18.50 -14.26 -49.63
CA GLN F 89 19.01 -13.45 -50.73
C GLN F 89 20.27 -12.68 -50.35
N LYS F 90 21.40 -13.39 -50.29
CA LYS F 90 22.67 -12.79 -49.88
C LYS F 90 23.21 -11.80 -50.90
N GLU F 91 24.03 -10.87 -50.43
CA GLU F 91 24.64 -9.85 -51.29
C GLU F 91 26.12 -9.65 -50.94
N GLU F 92 26.94 -9.44 -51.95
CA GLU F 92 28.38 -9.26 -51.71
C GLU F 92 28.85 -7.85 -52.02
N VAL F 93 29.94 -7.45 -51.36
CA VAL F 93 30.54 -6.13 -51.57
C VAL F 93 32.05 -6.21 -51.34
N GLN F 94 32.81 -5.62 -52.25
CA GLN F 94 34.27 -5.64 -52.16
C GLN F 94 34.79 -4.42 -51.43
N LEU F 95 35.69 -4.63 -50.49
CA LEU F 95 36.27 -3.52 -49.77
C LEU F 95 37.73 -3.34 -50.15
N LEU F 96 38.09 -2.12 -50.51
CA LEU F 96 39.48 -1.78 -50.81
C LEU F 96 39.95 -0.67 -49.88
N VAL F 97 41.14 -0.83 -49.31
CA VAL F 97 41.66 0.18 -48.40
C VAL F 97 43.02 0.73 -48.83
N PHE F 98 43.02 1.96 -49.32
CA PHE F 98 44.25 2.60 -49.80
C PHE F 98 44.73 3.68 -48.84
N GLY F 99 45.98 4.08 -49.00
CA GLY F 99 46.55 5.12 -48.16
C GLY F 99 47.83 5.68 -48.74
N LEU F 100 48.02 6.98 -48.58
CA LEU F 100 49.21 7.64 -49.09
C LEU F 100 50.01 8.35 -47.99
N THR F 101 51.30 8.51 -48.24
CA THR F 101 52.19 9.21 -47.31
C THR F 101 53.49 9.60 -48.00
N ALA F 102 54.27 10.46 -47.35
CA ALA F 102 55.58 10.84 -47.85
C ALA F 102 56.66 10.28 -46.94
N ASN F 103 57.77 9.86 -47.54
CA ASN F 103 58.93 9.40 -46.79
C ASN F 103 59.95 10.53 -46.61
N SER F 104 59.43 11.75 -46.56
CA SER F 104 60.23 12.94 -46.33
C SER F 104 59.33 14.09 -45.88
N ASP F 105 59.80 14.86 -44.90
CA ASP F 105 59.05 16.00 -44.39
C ASP F 105 58.52 16.90 -45.51
N THR F 106 57.25 17.27 -45.40
CA THR F 106 56.58 18.07 -46.43
C THR F 106 57.15 19.48 -46.55
N HIS F 107 57.92 19.90 -45.55
CA HIS F 107 58.59 21.20 -45.59
C HIS F 107 59.89 21.07 -46.37
N LEU F 108 59.79 21.09 -47.70
CA LEU F 108 60.96 20.91 -48.57
C LEU F 108 61.50 22.22 -49.12
N LEU F 109 62.77 22.18 -49.53
CA LEU F 109 63.42 23.32 -50.16
C LEU F 109 63.09 23.35 -51.65
N GLN F 110 63.27 24.50 -52.27
CA GLN F 110 62.96 24.67 -53.69
C GLN F 110 63.80 23.77 -54.60
N GLY F 111 63.13 22.87 -55.33
CA GLY F 111 63.80 22.02 -56.29
C GLY F 111 63.87 20.56 -55.88
N GLN F 112 64.03 20.33 -54.58
CA GLN F 112 64.17 18.98 -54.05
C GLN F 112 62.99 18.08 -54.43
N SER F 113 63.24 16.77 -54.47
CA SER F 113 62.22 15.80 -54.86
C SER F 113 61.41 15.33 -53.65
N LEU F 114 60.17 14.95 -53.91
CA LEU F 114 59.27 14.48 -52.86
C LEU F 114 58.65 13.15 -53.26
N THR F 115 58.99 12.10 -52.53
CA THR F 115 58.55 10.75 -52.88
C THR F 115 57.32 10.30 -52.08
N LEU F 116 56.17 10.27 -52.76
CA LEU F 116 54.93 9.78 -52.16
C LEU F 116 54.82 8.26 -52.27
N THR F 117 55.00 7.58 -51.15
CA THR F 117 54.89 6.13 -51.12
C THR F 117 53.46 5.70 -50.76
N LEU F 118 52.88 4.82 -51.57
CA LEU F 118 51.51 4.39 -51.38
C LEU F 118 51.40 3.00 -50.73
N GLU F 119 50.37 2.82 -49.91
CA GLU F 119 50.14 1.55 -49.23
C GLU F 119 48.94 0.85 -49.87
N SER F 120 49.21 -0.18 -50.67
CA SER F 120 48.16 -0.89 -51.40
C SER F 120 47.94 -2.27 -50.82
N PRO F 121 46.68 -2.75 -50.90
CA PRO F 121 46.31 -4.10 -50.47
C PRO F 121 46.76 -5.13 -51.48
N PRO F 122 47.12 -6.34 -51.04
CA PRO F 122 47.54 -7.42 -51.94
C PRO F 122 46.38 -7.93 -52.80
N GLY F 123 46.12 -7.27 -53.92
CA GLY F 123 45.01 -7.66 -54.77
C GLY F 123 44.88 -6.82 -56.03
N SER F 124 44.49 -5.56 -55.87
CA SER F 124 44.29 -4.67 -57.02
C SER F 124 45.44 -3.68 -57.18
N SER F 125 45.63 -3.21 -58.42
CA SER F 125 46.67 -2.23 -58.71
C SER F 125 46.08 -0.82 -58.83
N PRO F 126 46.38 0.04 -57.85
CA PRO F 126 45.88 1.41 -57.77
C PRO F 126 46.33 2.25 -58.97
N SER F 127 45.66 3.38 -59.18
CA SER F 127 46.03 4.30 -60.26
C SER F 127 46.19 5.72 -59.73
N VAL F 128 47.40 6.05 -59.29
CA VAL F 128 47.67 7.36 -58.69
C VAL F 128 47.61 8.50 -59.70
N GLN F 129 47.13 9.66 -59.24
CA GLN F 129 46.92 10.81 -60.12
C GLN F 129 46.91 12.12 -59.33
N CYS F 130 48.09 12.62 -58.97
CA CYS F 130 48.20 13.84 -58.15
C CYS F 130 47.82 15.10 -58.90
N ARG F 131 47.59 16.18 -58.15
CA ARG F 131 47.22 17.46 -58.74
C ARG F 131 47.50 18.62 -57.78
N SER F 132 48.38 19.52 -58.19
CA SER F 132 48.77 20.66 -57.35
C SER F 132 47.69 21.75 -57.32
N PRO F 133 47.90 22.79 -56.50
CA PRO F 133 46.99 23.94 -56.51
C PRO F 133 46.90 24.53 -57.91
N ARG F 134 47.93 24.28 -58.71
CA ARG F 134 47.91 24.69 -60.11
C ARG F 134 47.11 23.70 -60.95
N GLY F 135 47.47 22.42 -60.88
CA GLY F 135 46.71 21.39 -61.55
C GLY F 135 47.52 20.43 -62.40
N LYS F 136 48.84 20.46 -62.24
CA LYS F 136 49.72 19.58 -63.01
C LYS F 136 49.54 18.11 -62.64
N ASN F 137 48.74 17.41 -63.42
CA ASN F 137 48.48 15.99 -63.17
C ASN F 137 49.69 15.12 -63.48
N ILE F 138 50.00 14.21 -62.58
CA ILE F 138 51.03 13.20 -62.82
C ILE F 138 50.44 11.83 -62.52
N GLN F 139 50.58 10.91 -63.47
CA GLN F 139 50.05 9.56 -63.27
C GLN F 139 51.14 8.53 -62.96
N GLY F 140 50.80 7.58 -62.11
CA GLY F 140 51.73 6.53 -61.72
C GLY F 140 51.01 5.24 -61.36
N GLY F 141 51.62 4.46 -60.47
CA GLY F 141 51.06 3.20 -60.03
C GLY F 141 51.36 2.92 -58.57
N LYS F 142 52.55 2.38 -58.31
CA LYS F 142 52.98 2.06 -56.95
C LYS F 142 53.49 3.31 -56.24
N THR F 143 54.22 4.15 -56.97
CA THR F 143 54.74 5.40 -56.43
C THR F 143 54.51 6.56 -57.39
N LEU F 144 54.72 7.77 -56.90
CA LEU F 144 54.62 8.98 -57.70
C LEU F 144 55.49 10.07 -57.10
N SER F 145 56.48 10.52 -57.86
CA SER F 145 57.39 11.56 -57.39
C SER F 145 57.34 12.81 -58.26
N VAL F 146 57.61 13.96 -57.65
CA VAL F 146 57.65 15.23 -58.39
C VAL F 146 59.08 15.74 -58.54
N SER F 147 59.49 15.97 -59.78
CA SER F 147 60.86 16.39 -60.08
C SER F 147 61.13 17.81 -59.56
N GLN F 148 61.05 18.80 -60.46
CA GLN F 148 61.24 20.19 -60.06
C GLN F 148 60.07 20.68 -59.22
N LEU F 149 60.37 21.12 -58.00
CA LEU F 149 59.35 21.65 -57.11
C LEU F 149 59.51 23.16 -56.95
N GLU F 150 58.70 23.90 -57.70
CA GLU F 150 58.78 25.36 -57.74
C GLU F 150 58.22 26.00 -56.47
N LEU F 151 58.32 27.32 -56.39
CA LEU F 151 57.88 28.08 -55.22
C LEU F 151 56.36 28.30 -55.22
N GLN F 152 55.78 28.44 -56.41
CA GLN F 152 54.34 28.65 -56.53
C GLN F 152 53.57 27.34 -56.39
N ASP F 153 54.24 26.31 -55.90
CA ASP F 153 53.61 25.02 -55.66
C ASP F 153 53.10 24.92 -54.21
N SER F 154 53.43 25.92 -53.41
CA SER F 154 53.01 25.96 -52.01
C SER F 154 51.48 26.00 -51.89
N GLY F 155 50.97 25.26 -50.92
CA GLY F 155 49.54 25.15 -50.70
C GLY F 155 49.16 23.72 -50.39
N THR F 156 47.99 23.29 -50.86
CA THR F 156 47.53 21.92 -50.64
C THR F 156 47.35 21.20 -51.98
N TRP F 157 47.78 19.95 -52.01
CA TRP F 157 47.70 19.11 -53.21
C TRP F 157 46.58 18.09 -53.10
N THR F 158 45.94 17.80 -54.23
CA THR F 158 44.84 16.84 -54.28
C THR F 158 45.24 15.59 -55.07
N CYS F 159 45.83 14.62 -54.37
CA CYS F 159 46.18 13.37 -55.04
C CYS F 159 45.06 12.35 -54.95
N THR F 160 44.33 12.18 -56.06
CA THR F 160 43.19 11.27 -56.13
C THR F 160 43.56 9.90 -56.67
N VAL F 161 43.26 8.86 -55.90
CA VAL F 161 43.52 7.50 -56.33
C VAL F 161 42.23 6.87 -56.86
N LEU F 162 42.22 6.54 -58.14
CA LEU F 162 41.03 5.94 -58.74
C LEU F 162 41.20 4.43 -58.84
N GLN F 163 40.08 3.73 -58.93
CA GLN F 163 40.09 2.28 -59.11
C GLN F 163 38.66 1.76 -59.27
N ASN F 164 38.33 1.33 -60.47
CA ASN F 164 37.01 0.78 -60.78
C ASN F 164 35.91 1.84 -60.82
N GLN F 165 36.15 2.92 -61.57
CA GLN F 165 35.21 4.02 -61.70
C GLN F 165 34.75 4.63 -60.36
N LYS F 166 35.55 4.38 -59.32
CA LYS F 166 35.33 5.02 -58.03
C LYS F 166 36.65 5.56 -57.49
N LYS F 167 36.60 6.73 -56.85
CA LYS F 167 37.80 7.39 -56.39
C LYS F 167 37.67 7.92 -54.98
N VAL F 168 38.82 8.14 -54.33
CA VAL F 168 38.86 8.70 -52.99
C VAL F 168 39.92 9.80 -52.90
N GLU F 169 39.48 11.04 -53.01
CA GLU F 169 40.38 12.20 -53.00
C GLU F 169 41.11 12.31 -51.66
N PHE F 170 42.41 12.60 -51.74
CA PHE F 170 43.21 12.86 -50.54
C PHE F 170 43.50 14.35 -50.41
N LYS F 171 44.28 14.71 -49.39
CA LYS F 171 44.66 16.11 -49.16
C LYS F 171 46.00 16.21 -48.46
N ILE F 172 47.07 16.44 -49.22
CA ILE F 172 48.40 16.57 -48.66
C ILE F 172 48.78 18.05 -48.59
N ASP F 173 49.66 18.37 -47.65
CA ASP F 173 50.17 19.74 -47.52
C ASP F 173 51.61 19.82 -48.03
N ILE F 174 51.90 20.86 -48.82
CA ILE F 174 53.24 21.06 -49.33
C ILE F 174 53.72 22.48 -49.12
N VAL F 175 54.86 22.62 -48.45
CA VAL F 175 55.43 23.92 -48.17
C VAL F 175 56.79 24.07 -48.84
N VAL F 176 56.90 25.02 -49.76
CA VAL F 176 58.16 25.30 -50.42
C VAL F 176 58.62 26.71 -50.08
N LEU F 177 59.80 26.82 -49.47
CA LEU F 177 60.29 28.10 -48.98
C LEU F 177 61.81 28.13 -48.94
N ALA F 178 62.39 29.30 -49.16
CA ALA F 178 63.83 29.51 -49.04
C ALA F 178 64.17 30.97 -49.33
N PHE F 179 64.21 31.80 -48.29
CA PHE F 179 64.36 33.24 -48.48
C PHE F 179 65.65 33.64 -49.20
N ASP G 1 -2.33 13.85 -24.07
CA ASP G 1 -1.99 14.88 -23.09
C ASP G 1 -3.05 14.94 -21.99
N ILE G 2 -2.63 15.39 -20.80
CA ILE G 2 -3.52 15.50 -19.65
C ILE G 2 -3.89 16.96 -19.35
N GLN G 3 -5.18 17.20 -19.16
CA GLN G 3 -5.68 18.53 -18.84
C GLN G 3 -6.00 18.64 -17.35
N MET G 4 -5.45 19.66 -16.70
CA MET G 4 -5.72 19.88 -15.29
C MET G 4 -6.71 21.02 -15.10
N THR G 5 -7.50 20.94 -14.03
CA THR G 5 -8.50 21.96 -13.74
C THR G 5 -8.74 22.05 -12.23
N GLN G 6 -8.57 23.24 -11.67
CA GLN G 6 -8.79 23.45 -10.24
C GLN G 6 -10.13 24.12 -9.94
N SER G 7 -10.47 24.17 -8.66
CA SER G 7 -11.73 24.78 -8.22
C SER G 7 -11.71 25.11 -6.73
N PRO G 8 -12.14 26.34 -6.39
CA PRO G 8 -12.52 27.35 -7.37
C PRO G 8 -11.30 28.15 -7.82
N SER G 9 -11.48 29.05 -8.78
CA SER G 9 -10.39 29.92 -9.21
C SER G 9 -10.03 30.90 -8.09
N THR G 10 -10.99 31.75 -7.73
CA THR G 10 -10.84 32.65 -6.59
C THR G 10 -11.46 32.00 -5.37
N LEU G 11 -10.92 32.29 -4.19
CA LEU G 11 -11.42 31.67 -2.97
C LEU G 11 -11.50 32.64 -1.79
N SER G 12 -12.67 33.25 -1.59
CA SER G 12 -12.88 34.17 -0.47
C SER G 12 -13.05 33.40 0.84
N ALA G 13 -11.92 32.99 1.43
CA ALA G 13 -11.94 32.17 2.63
C ALA G 13 -11.67 32.97 3.89
N SER G 14 -12.30 32.57 5.00
CA SER G 14 -12.09 33.21 6.29
C SER G 14 -10.90 32.59 7.01
N VAL G 15 -10.69 32.97 8.27
CA VAL G 15 -9.58 32.45 9.05
C VAL G 15 -10.04 31.32 9.98
N GLY G 16 -9.27 30.23 10.01
CA GLY G 16 -9.61 29.09 10.85
C GLY G 16 -10.56 28.13 10.17
N ASP G 17 -11.27 28.61 9.16
CA ASP G 17 -12.28 27.80 8.47
C ASP G 17 -11.67 26.67 7.66
N ARG G 18 -12.27 25.48 7.79
CA ARG G 18 -11.81 24.30 7.09
C ARG G 18 -12.17 24.36 5.62
N VAL G 19 -11.17 24.31 4.75
CA VAL G 19 -11.38 24.46 3.31
C VAL G 19 -10.77 23.34 2.48
N THR G 20 -11.41 23.03 1.36
CA THR G 20 -10.96 21.95 0.48
C THR G 20 -10.85 22.41 -0.97
N ILE G 21 -9.75 22.06 -1.63
CA ILE G 21 -9.52 22.40 -3.03
C ILE G 21 -9.57 21.14 -3.89
N THR G 22 -10.08 21.27 -5.10
CA THR G 22 -10.19 20.14 -6.01
C THR G 22 -9.30 20.28 -7.24
N CYS G 23 -9.10 19.17 -7.94
CA CYS G 23 -8.34 19.12 -9.18
C CYS G 23 -8.74 17.82 -9.88
N ARG G 24 -9.20 17.95 -11.12
CA ARG G 24 -9.64 16.79 -11.89
C ARG G 24 -8.82 16.60 -13.17
N ALA G 25 -8.55 15.33 -13.51
CA ALA G 25 -7.67 15.01 -14.62
C ALA G 25 -8.40 14.71 -15.93
N SER G 26 -7.64 14.40 -16.97
CA SER G 26 -8.19 14.05 -18.28
C SER G 26 -8.30 12.53 -18.42
N GLN G 27 -7.60 11.81 -17.54
CA GLN G 27 -7.60 10.35 -17.55
C GLN G 27 -7.17 9.80 -16.21
N SER G 28 -7.33 8.49 -16.02
CA SER G 28 -6.93 7.84 -14.78
C SER G 28 -5.42 7.85 -14.61
N ILE G 29 -4.94 8.56 -13.59
CA ILE G 29 -3.51 8.71 -13.35
C ILE G 29 -3.10 8.14 -11.99
N SER G 30 -3.92 7.23 -11.47
CA SER G 30 -3.62 6.58 -10.21
C SER G 30 -3.60 7.58 -9.06
N ASN G 31 -2.60 7.46 -8.20
CA ASN G 31 -2.43 8.40 -7.09
C ASN G 31 -1.12 9.17 -7.22
N TRP G 32 -0.85 9.65 -8.43
CA TRP G 32 0.38 10.40 -8.70
C TRP G 32 0.07 11.87 -8.89
N LEU G 33 -0.05 12.58 -7.78
CA LEU G 33 -0.33 14.01 -7.82
C LEU G 33 0.52 14.71 -6.77
N ALA G 34 0.62 16.03 -6.87
CA ALA G 34 1.40 16.80 -5.92
C ALA G 34 0.83 18.20 -5.78
N TRP G 35 0.86 18.73 -4.57
CA TRP G 35 0.33 20.06 -4.32
C TRP G 35 1.44 21.04 -3.98
N TYR G 36 1.44 22.18 -4.67
CA TYR G 36 2.46 23.18 -4.44
C TYR G 36 1.86 24.46 -3.87
N GLN G 37 2.54 25.04 -2.90
CA GLN G 37 2.20 26.36 -2.40
C GLN G 37 3.18 27.37 -2.98
N GLN G 38 2.69 28.56 -3.32
CA GLN G 38 3.56 29.64 -3.77
C GLN G 38 3.09 30.99 -3.27
N LYS G 39 3.91 31.62 -2.45
CA LYS G 39 3.62 32.98 -1.98
C LYS G 39 4.01 33.97 -3.07
N PRO G 40 3.40 35.17 -3.05
CA PRO G 40 3.66 36.25 -4.01
C PRO G 40 5.15 36.52 -4.24
N GLY G 41 5.54 36.56 -5.52
CA GLY G 41 6.92 36.84 -5.90
C GLY G 41 7.92 35.90 -5.26
N ARG G 42 7.60 34.62 -5.23
CA ARG G 42 8.45 33.63 -4.56
C ARG G 42 8.35 32.25 -5.22
N ALA G 43 9.38 31.43 -5.04
CA ALA G 43 9.45 30.12 -5.67
C ALA G 43 8.48 29.14 -5.00
N PRO G 44 7.76 28.37 -5.81
CA PRO G 44 6.82 27.35 -5.32
C PRO G 44 7.54 26.30 -4.49
N LYS G 45 6.87 25.77 -3.47
CA LYS G 45 7.45 24.74 -2.61
C LYS G 45 6.48 23.58 -2.39
N LEU G 46 7.00 22.35 -2.44
CA LEU G 46 6.19 21.15 -2.40
C LEU G 46 5.72 20.80 -0.99
N LEU G 47 4.45 20.42 -0.88
CA LEU G 47 3.87 20.01 0.40
C LEU G 47 3.47 18.55 0.35
N MET G 48 2.65 18.22 -0.64
CA MET G 48 2.03 16.91 -0.76
C MET G 48 2.45 16.22 -2.05
N TYR G 49 3.07 15.05 -1.94
CA TYR G 49 3.39 14.25 -3.12
C TYR G 49 2.76 12.88 -2.95
N LYS G 50 2.72 12.11 -4.03
CA LYS G 50 2.09 10.79 -4.01
C LYS G 50 0.58 10.92 -3.72
N ALA G 51 0.01 12.04 -4.16
CA ALA G 51 -1.43 12.31 -4.05
C ALA G 51 -1.91 12.65 -2.65
N SER G 52 -1.26 12.09 -1.63
CA SER G 52 -1.73 12.27 -0.26
C SER G 52 -0.60 12.20 0.78
N SER G 53 0.58 11.78 0.36
CA SER G 53 1.71 11.63 1.28
C SER G 53 2.34 12.98 1.61
N LEU G 54 2.51 13.25 2.90
CA LEU G 54 3.12 14.49 3.35
C LEU G 54 4.65 14.39 3.21
N LYS G 55 5.33 15.53 3.20
CA LYS G 55 6.79 15.52 3.15
C LYS G 55 7.41 16.10 4.43
N SER G 56 8.66 15.72 4.70
CA SER G 56 9.35 16.12 5.91
C SER G 56 9.46 17.63 6.04
N GLY G 57 9.04 18.15 7.18
CA GLY G 57 9.08 19.59 7.44
C GLY G 57 7.85 20.30 6.90
N VAL G 58 6.73 19.58 6.85
CA VAL G 58 5.48 20.17 6.41
C VAL G 58 4.44 20.06 7.52
N PRO G 59 3.73 21.17 7.79
CA PRO G 59 2.70 21.26 8.83
C PRO G 59 1.68 20.13 8.75
N SER G 60 0.98 19.90 9.86
CA SER G 60 0.05 18.77 9.96
C SER G 60 -1.38 19.14 9.54
N ARG G 61 -1.67 20.43 9.49
CA ARG G 61 -3.01 20.88 9.12
C ARG G 61 -3.34 20.59 7.65
N PHE G 62 -2.32 20.31 6.84
CA PHE G 62 -2.52 20.03 5.42
C PHE G 62 -2.84 18.56 5.20
N SER G 63 -3.92 18.30 4.47
CA SER G 63 -4.37 16.93 4.24
C SER G 63 -4.72 16.69 2.78
N GLY G 64 -3.99 15.79 2.13
CA GLY G 64 -4.29 15.43 0.76
C GLY G 64 -5.13 14.17 0.71
N SER G 65 -6.14 14.16 -0.15
CA SER G 65 -7.01 12.99 -0.28
C SER G 65 -7.43 12.76 -1.73
N GLY G 66 -7.99 11.58 -2.00
CA GLY G 66 -8.51 11.26 -3.32
C GLY G 66 -7.58 10.41 -4.18
N SER G 67 -8.11 9.95 -5.31
CA SER G 67 -7.36 9.13 -6.25
C SER G 67 -8.13 8.93 -7.55
N GLY G 68 -7.44 8.48 -8.60
CA GLY G 68 -8.06 8.22 -9.88
C GLY G 68 -8.20 9.46 -10.74
N THR G 69 -9.29 10.19 -10.53
CA THR G 69 -9.55 11.41 -11.29
C THR G 69 -9.77 12.60 -10.37
N GLU G 70 -10.61 12.41 -9.36
CA GLU G 70 -10.92 13.48 -8.42
C GLU G 70 -9.93 13.50 -7.26
N PHE G 71 -9.43 14.69 -6.93
CA PHE G 71 -8.51 14.84 -5.82
C PHE G 71 -8.88 16.05 -4.98
N THR G 72 -8.37 16.08 -3.74
CA THR G 72 -8.74 17.14 -2.81
C THR G 72 -7.59 17.55 -1.88
N LEU G 73 -7.49 18.85 -1.64
CA LEU G 73 -6.53 19.38 -0.69
C LEU G 73 -7.29 20.04 0.45
N THR G 74 -7.24 19.42 1.63
CA THR G 74 -7.99 19.90 2.78
C THR G 74 -7.08 20.55 3.81
N ILE G 75 -7.59 21.57 4.48
CA ILE G 75 -6.83 22.23 5.54
C ILE G 75 -7.68 22.36 6.80
N SER G 76 -7.22 21.74 7.87
CA SER G 76 -7.94 21.74 9.15
C SER G 76 -8.16 23.17 9.67
N SER G 77 -7.13 23.72 10.31
CA SER G 77 -7.17 25.09 10.81
C SER G 77 -6.42 26.01 9.86
N LEU G 78 -6.68 27.31 9.94
CA LEU G 78 -6.09 28.26 9.02
C LEU G 78 -5.40 29.44 9.71
N GLN G 79 -4.10 29.59 9.44
CA GLN G 79 -3.32 30.68 10.00
C GLN G 79 -3.17 31.80 8.99
N SER G 80 -2.46 32.86 9.39
CA SER G 80 -2.22 33.98 8.50
C SER G 80 -1.02 33.72 7.58
N ASP G 81 -0.49 32.50 7.66
CA ASP G 81 0.69 32.13 6.89
C ASP G 81 0.36 31.06 5.85
N ASP G 82 -0.90 31.01 5.42
CA ASP G 82 -1.34 30.02 4.46
C ASP G 82 -2.21 30.64 3.37
N PHE G 83 -2.04 31.94 3.16
CA PHE G 83 -2.80 32.67 2.15
C PHE G 83 -2.03 32.83 0.84
N ALA G 84 -1.72 31.71 0.21
CA ALA G 84 -0.98 31.71 -1.04
C ALA G 84 -1.76 31.05 -2.16
N THR G 85 -1.06 30.75 -3.24
CA THR G 85 -1.67 30.08 -4.38
C THR G 85 -1.26 28.61 -4.39
N TYR G 86 -2.14 27.75 -4.90
CA TYR G 86 -1.88 26.32 -4.87
C TYR G 86 -2.02 25.66 -6.23
N TYR G 87 -1.07 24.80 -6.57
CA TYR G 87 -1.05 24.16 -7.88
C TYR G 87 -1.01 22.64 -7.75
N CYS G 88 -1.72 21.95 -8.66
CA CYS G 88 -1.67 20.51 -8.72
C CYS G 88 -0.81 20.02 -9.87
N GLN G 89 0.29 19.34 -9.57
CA GLN G 89 1.10 18.69 -10.61
C GLN G 89 0.74 17.22 -10.68
N GLN G 90 0.91 16.62 -11.85
CA GLN G 90 0.63 15.20 -12.03
C GLN G 90 1.86 14.43 -12.46
N HIS G 91 2.59 13.90 -11.48
CA HIS G 91 3.84 13.22 -11.79
C HIS G 91 3.61 11.77 -12.21
N ASP G 92 2.68 11.57 -13.14
CA ASP G 92 2.44 10.25 -13.72
C ASP G 92 3.37 10.04 -14.90
N SER G 93 3.05 10.68 -16.02
CA SER G 93 3.86 10.56 -17.23
C SER G 93 4.13 11.94 -17.82
N SER G 94 5.26 12.06 -18.52
CA SER G 94 5.57 13.28 -19.25
C SER G 94 4.60 13.39 -20.41
N PRO G 95 4.29 14.62 -20.84
CA PRO G 95 4.74 15.89 -20.25
C PRO G 95 4.00 16.22 -18.97
N TYR G 96 4.73 16.67 -17.96
CA TYR G 96 4.13 16.99 -16.67
C TYR G 96 3.36 18.30 -16.70
N THR G 97 2.05 18.19 -16.46
CA THR G 97 1.15 19.32 -16.48
C THR G 97 0.90 19.83 -15.07
N PHE G 98 0.67 21.12 -14.94
CA PHE G 98 0.37 21.72 -13.64
C PHE G 98 -1.08 22.19 -13.57
N GLY G 99 -1.44 22.77 -12.43
CA GLY G 99 -2.79 23.23 -12.21
C GLY G 99 -3.01 24.63 -12.74
N GLN G 100 -4.26 25.07 -12.71
CA GLN G 100 -4.62 26.40 -13.15
C GLN G 100 -4.09 27.43 -12.15
N GLY G 101 -4.41 27.22 -10.88
CA GLY G 101 -4.03 28.12 -9.82
C GLY G 101 -5.23 28.62 -9.03
N THR G 102 -5.09 28.64 -7.72
CA THR G 102 -6.16 29.13 -6.85
C THR G 102 -5.63 30.07 -5.78
N LYS G 103 -6.09 31.30 -5.82
CA LYS G 103 -5.66 32.30 -4.85
C LYS G 103 -6.49 32.24 -3.57
N LEU G 104 -5.84 31.86 -2.48
CA LEU G 104 -6.49 31.81 -1.19
C LEU G 104 -6.41 33.17 -0.52
N GLU G 105 -7.52 33.89 -0.51
CA GLU G 105 -7.55 35.24 0.05
C GLU G 105 -8.31 35.27 1.37
N ILE G 106 -8.43 36.46 1.94
CA ILE G 106 -9.16 36.66 3.19
C ILE G 106 -10.51 37.33 2.91
N LYS G 107 -11.46 37.14 3.81
CA LYS G 107 -12.78 37.73 3.65
C LYS G 107 -13.09 38.75 4.75
N ARG G 108 -13.80 39.81 4.39
CA ARG G 108 -14.24 40.83 5.34
C ARG G 108 -15.55 41.44 4.84
N THR G 109 -16.01 42.49 5.51
CA THR G 109 -17.21 43.20 5.08
C THR G 109 -17.02 43.78 3.68
N VAL G 110 -18.09 43.82 2.90
CA VAL G 110 -18.03 44.33 1.52
C VAL G 110 -17.73 45.83 1.48
N ALA G 111 -16.44 46.17 1.43
CA ALA G 111 -15.99 47.57 1.46
C ALA G 111 -16.41 48.34 0.21
N ALA G 112 -16.86 49.58 0.42
CA ALA G 112 -17.27 50.44 -0.68
C ALA G 112 -16.06 51.00 -1.40
N PRO G 113 -15.90 50.64 -2.69
CA PRO G 113 -14.81 51.15 -3.54
C PRO G 113 -14.82 52.68 -3.59
N SER G 114 -13.63 53.28 -3.60
CA SER G 114 -13.52 54.74 -3.58
C SER G 114 -13.08 55.31 -4.95
N VAL G 115 -13.97 56.10 -5.56
CA VAL G 115 -13.66 56.74 -6.83
C VAL G 115 -12.94 58.07 -6.60
N PHE G 116 -11.76 58.20 -7.20
CA PHE G 116 -10.96 59.41 -7.07
C PHE G 116 -10.14 59.62 -8.34
N ILE G 117 -9.94 60.88 -8.73
CA ILE G 117 -9.23 61.18 -9.98
C ILE G 117 -8.06 62.15 -9.79
N PHE G 118 -6.99 61.91 -10.52
CA PHE G 118 -5.78 62.73 -10.42
C PHE G 118 -5.59 63.62 -11.64
N PRO G 119 -5.50 64.94 -11.40
CA PRO G 119 -5.22 65.96 -12.42
C PRO G 119 -3.78 65.87 -12.93
N PRO G 120 -3.60 65.50 -14.21
CA PRO G 120 -2.28 65.47 -14.88
C PRO G 120 -1.69 66.87 -15.05
N SER G 121 -0.40 67.01 -14.78
CA SER G 121 0.28 68.30 -14.92
C SER G 121 0.78 68.53 -16.36
N ASP G 122 1.29 69.72 -16.62
CA ASP G 122 1.74 70.09 -17.96
C ASP G 122 3.15 69.61 -18.28
N GLU G 123 3.93 69.29 -17.25
CA GLU G 123 5.25 68.70 -17.48
C GLU G 123 5.08 67.27 -17.96
N GLN G 124 3.83 66.79 -17.93
CA GLN G 124 3.48 65.44 -18.31
C GLN G 124 2.87 65.43 -19.71
N LEU G 125 2.15 66.49 -20.05
CA LEU G 125 1.46 66.60 -21.33
C LEU G 125 2.35 67.27 -22.37
N LYS G 126 3.17 68.21 -21.92
CA LYS G 126 4.13 68.90 -22.77
C LYS G 126 5.48 68.19 -22.75
N SER G 127 5.48 66.93 -23.20
CA SER G 127 6.69 66.12 -23.22
C SER G 127 6.48 64.91 -24.13
N GLY G 128 5.25 64.41 -24.17
CA GLY G 128 4.90 63.27 -24.99
C GLY G 128 3.40 63.05 -25.11
N THR G 129 2.81 62.45 -24.07
CA THR G 129 1.39 62.09 -24.09
C THR G 129 0.62 62.66 -22.90
N ALA G 130 -0.59 62.13 -22.68
CA ALA G 130 -1.45 62.58 -21.59
C ALA G 130 -1.73 61.46 -20.59
N SER G 131 -1.95 61.84 -19.34
CA SER G 131 -2.18 60.87 -18.27
C SER G 131 -3.48 61.11 -17.53
N VAL G 132 -4.17 60.03 -17.19
CA VAL G 132 -5.43 60.09 -16.48
C VAL G 132 -5.51 58.95 -15.47
N VAL G 133 -5.77 59.30 -14.21
CA VAL G 133 -5.72 58.32 -13.14
C VAL G 133 -7.03 58.26 -12.34
N CYS G 134 -7.75 57.15 -12.50
CA CYS G 134 -8.97 56.89 -11.76
C CYS G 134 -8.66 55.90 -10.63
N LEU G 135 -8.02 56.39 -9.57
CA LEU G 135 -7.59 55.56 -8.44
C LEU G 135 -8.75 55.10 -7.55
N LEU G 136 -8.75 53.80 -7.24
CA LEU G 136 -9.70 53.24 -6.28
C LEU G 136 -8.96 52.82 -5.02
N ASN G 137 -9.37 53.36 -3.88
CA ASN G 137 -8.69 53.11 -2.61
C ASN G 137 -9.54 52.29 -1.64
N ASN G 138 -9.02 51.14 -1.22
CA ASN G 138 -9.66 50.29 -0.22
C ASN G 138 -11.09 49.83 -0.58
N PHE G 139 -11.18 48.64 -1.17
CA PHE G 139 -12.47 48.07 -1.52
C PHE G 139 -12.45 46.54 -1.45
N TYR G 140 -13.59 45.93 -1.75
CA TYR G 140 -13.74 44.49 -1.67
C TYR G 140 -15.13 44.10 -2.18
N PRO G 141 -15.22 42.93 -2.86
CA PRO G 141 -14.13 41.99 -3.14
C PRO G 141 -13.19 42.43 -4.25
N ARG G 142 -12.21 41.61 -4.57
CA ARG G 142 -11.25 41.91 -5.62
C ARG G 142 -11.96 42.08 -6.96
N GLU G 143 -13.00 41.28 -7.19
CA GLU G 143 -13.74 41.33 -8.44
C GLU G 143 -14.56 42.62 -8.55
N ALA G 144 -14.02 43.58 -9.30
CA ALA G 144 -14.67 44.87 -9.52
C ALA G 144 -14.26 45.44 -10.87
N LYS G 145 -14.96 45.04 -11.92
CA LYS G 145 -14.60 45.42 -13.29
C LYS G 145 -14.77 46.92 -13.55
N VAL G 146 -13.73 47.55 -14.07
CA VAL G 146 -13.75 48.98 -14.33
C VAL G 146 -14.00 49.27 -15.81
N GLN G 147 -14.82 50.29 -16.07
CA GLN G 147 -15.10 50.73 -17.43
C GLN G 147 -14.59 52.16 -17.63
N TRP G 148 -14.35 52.54 -18.88
CA TRP G 148 -13.81 53.85 -19.19
C TRP G 148 -14.64 54.55 -20.27
N LYS G 149 -15.08 55.77 -19.98
CA LYS G 149 -15.97 56.51 -20.88
C LYS G 149 -15.48 57.93 -21.12
N VAL G 150 -14.56 58.08 -22.07
CA VAL G 150 -14.06 59.41 -22.43
C VAL G 150 -14.76 59.95 -23.67
N ASP G 151 -15.18 61.21 -23.61
CA ASP G 151 -15.88 61.86 -24.70
C ASP G 151 -17.21 61.15 -24.98
N ASN G 152 -17.74 60.49 -23.95
CA ASN G 152 -18.98 59.71 -24.06
C ASN G 152 -18.83 58.42 -24.86
N ALA G 153 -17.97 58.48 -25.89
CA ALA G 153 -17.70 57.31 -26.73
C ALA G 153 -17.04 56.21 -25.92
N LEU G 154 -17.71 55.05 -25.86
CA LEU G 154 -17.21 53.91 -25.10
C LEU G 154 -15.75 53.60 -25.47
N GLN G 155 -14.91 53.45 -24.45
CA GLN G 155 -13.51 53.10 -24.65
C GLN G 155 -13.34 51.62 -24.94
N SER G 156 -12.55 51.30 -25.96
CA SER G 156 -12.32 49.92 -26.37
C SER G 156 -10.87 49.71 -26.81
N GLY G 157 -9.92 50.04 -25.94
CA GLY G 157 -8.52 49.84 -26.25
C GLY G 157 -7.53 50.28 -25.18
N ASN G 158 -7.28 51.58 -25.13
CA ASN G 158 -6.18 52.13 -24.33
C ASN G 158 -6.48 52.30 -22.84
N SER G 159 -6.75 51.20 -22.16
CA SER G 159 -6.97 51.23 -20.72
C SER G 159 -6.29 50.04 -20.05
N GLN G 160 -5.39 50.31 -19.11
CA GLN G 160 -4.63 49.26 -18.46
C GLN G 160 -5.01 49.12 -16.98
N GLU G 161 -4.98 47.90 -16.47
CA GLU G 161 -5.31 47.63 -15.08
C GLU G 161 -4.03 47.36 -14.26
N SER G 162 -4.07 47.71 -12.98
CA SER G 162 -2.92 47.53 -12.10
C SER G 162 -3.33 47.57 -10.63
N VAL G 163 -3.51 46.41 -10.03
CA VAL G 163 -3.95 46.32 -8.64
C VAL G 163 -2.82 45.88 -7.71
N THR G 164 -3.09 45.94 -6.40
CA THR G 164 -2.13 45.47 -5.40
C THR G 164 -2.77 44.34 -4.60
N GLU G 165 -1.94 43.54 -3.94
CA GLU G 165 -2.44 42.41 -3.15
C GLU G 165 -3.04 42.86 -1.82
N GLN G 166 -3.39 41.91 -0.96
CA GLN G 166 -3.97 42.22 0.34
C GLN G 166 -2.90 42.53 1.37
N ASP G 167 -3.09 43.63 2.09
CA ASP G 167 -2.15 44.07 3.11
C ASP G 167 -2.50 43.51 4.48
N SER G 168 -1.53 43.53 5.39
CA SER G 168 -1.76 43.09 6.76
C SER G 168 -2.27 44.24 7.63
N LYS G 169 -3.11 45.09 7.03
CA LYS G 169 -3.74 46.19 7.75
C LYS G 169 -5.24 45.94 7.89
N ASP G 170 -5.98 46.06 6.79
CA ASP G 170 -7.42 45.82 6.82
C ASP G 170 -7.88 44.97 5.63
N SER G 171 -6.94 44.29 4.99
CA SER G 171 -7.24 43.42 3.86
C SER G 171 -8.10 44.11 2.81
N THR G 172 -7.55 45.14 2.19
CA THR G 172 -8.26 45.91 1.16
C THR G 172 -7.46 45.96 -0.14
N TYR G 173 -8.13 46.37 -1.22
CA TYR G 173 -7.49 46.45 -2.51
C TYR G 173 -7.39 47.88 -3.02
N SER G 174 -6.54 48.08 -4.03
CA SER G 174 -6.36 49.38 -4.65
C SER G 174 -5.96 49.19 -6.10
N LEU G 175 -6.62 49.91 -7.00
CA LEU G 175 -6.33 49.80 -8.43
C LEU G 175 -6.06 51.15 -9.08
N SER G 176 -5.66 51.12 -10.35
CA SER G 176 -5.39 52.33 -11.12
C SER G 176 -5.42 52.05 -12.62
N SER G 177 -6.13 52.89 -13.37
CA SER G 177 -6.22 52.75 -14.82
C SER G 177 -5.68 54.01 -15.50
N THR G 178 -5.14 53.84 -16.70
CA THR G 178 -4.57 54.97 -17.44
C THR G 178 -4.85 54.89 -18.95
N LEU G 179 -4.70 56.02 -19.63
CA LEU G 179 -4.88 56.07 -21.07
C LEU G 179 -3.57 56.40 -21.78
N THR G 180 -3.39 55.86 -22.98
CA THR G 180 -2.19 56.11 -23.76
C THR G 180 -2.47 56.90 -25.05
N LEU G 181 -2.91 58.15 -24.88
CA LEU G 181 -3.13 59.06 -26.00
C LEU G 181 -2.50 60.42 -25.71
N SER G 182 -1.99 61.08 -26.75
CA SER G 182 -1.20 62.30 -26.58
C SER G 182 -2.04 63.58 -26.44
N LYS G 183 -1.37 64.72 -26.50
CA LYS G 183 -2.02 66.02 -26.39
C LYS G 183 -2.86 66.34 -27.63
N ALA G 184 -2.62 65.59 -28.70
CA ALA G 184 -3.37 65.74 -29.93
C ALA G 184 -4.78 65.16 -29.78
N ASP G 185 -4.87 64.00 -29.14
CA ASP G 185 -6.16 63.38 -28.86
C ASP G 185 -6.74 63.89 -27.54
N TYR G 186 -6.11 64.92 -26.98
CA TYR G 186 -6.58 65.51 -25.73
C TYR G 186 -7.35 66.80 -25.96
N GLU G 187 -6.78 67.69 -26.77
CA GLU G 187 -7.41 68.97 -27.07
C GLU G 187 -8.69 68.79 -27.87
N LYS G 188 -8.77 67.67 -28.60
CA LYS G 188 -9.93 67.37 -29.43
C LYS G 188 -11.13 66.89 -28.61
N HIS G 189 -10.92 66.65 -27.32
CA HIS G 189 -11.97 66.17 -26.44
C HIS G 189 -12.01 66.99 -25.14
N LYS G 190 -13.16 66.97 -24.46
CA LYS G 190 -13.33 67.81 -23.27
C LYS G 190 -14.10 67.15 -22.14
N LEU G 191 -14.81 66.06 -22.44
CA LEU G 191 -15.54 65.32 -21.43
C LEU G 191 -14.86 63.98 -21.11
N TYR G 192 -14.91 63.56 -19.86
CA TYR G 192 -14.25 62.33 -19.44
C TYR G 192 -15.02 61.61 -18.33
N ALA G 193 -14.59 60.40 -17.97
CA ALA G 193 -15.22 59.61 -16.91
C ALA G 193 -14.53 58.26 -16.66
N CYS G 194 -15.08 57.51 -15.70
CA CYS G 194 -14.64 56.14 -15.40
C CYS G 194 -15.62 55.43 -14.46
N GLU G 195 -16.74 54.97 -15.02
CA GLU G 195 -17.76 54.29 -14.23
C GLU G 195 -17.41 52.84 -13.93
N VAL G 196 -17.17 52.55 -12.66
CA VAL G 196 -16.81 51.21 -12.24
C VAL G 196 -18.06 50.42 -11.82
N THR G 197 -18.13 49.16 -12.25
CA THR G 197 -19.25 48.29 -11.90
C THR G 197 -18.90 47.41 -10.70
N HIS G 198 -19.82 47.32 -9.74
CA HIS G 198 -19.59 46.57 -8.51
C HIS G 198 -20.87 46.49 -7.68
N GLN G 199 -21.08 45.38 -6.98
CA GLN G 199 -22.28 45.20 -6.16
C GLN G 199 -22.25 46.06 -4.89
N GLY G 200 -21.06 46.38 -4.42
CA GLY G 200 -20.89 47.21 -3.23
C GLY G 200 -21.49 48.60 -3.37
N LEU G 201 -21.29 49.19 -4.55
CA LEU G 201 -21.90 50.49 -4.87
C LEU G 201 -22.41 50.49 -6.32
N SER G 202 -23.69 50.21 -6.49
CA SER G 202 -24.31 50.05 -7.81
C SER G 202 -24.23 51.31 -8.68
N SER G 203 -24.78 52.40 -8.18
CA SER G 203 -24.82 53.66 -8.91
C SER G 203 -23.42 54.07 -9.41
N PRO G 204 -23.27 54.20 -10.74
CA PRO G 204 -22.00 54.54 -11.39
C PRO G 204 -21.56 55.99 -11.13
N VAL G 205 -21.30 56.34 -9.87
CA VAL G 205 -20.78 57.65 -9.51
C VAL G 205 -19.36 57.80 -10.02
N THR G 206 -19.07 58.92 -10.67
CA THR G 206 -17.79 59.10 -11.34
C THR G 206 -17.19 60.48 -11.10
N LYS G 207 -15.86 60.55 -11.11
CA LYS G 207 -15.15 61.82 -11.01
C LYS G 207 -14.35 62.08 -12.28
N SER G 208 -14.46 63.29 -12.81
CA SER G 208 -13.78 63.66 -14.04
C SER G 208 -13.37 65.13 -14.03
N PHE G 209 -12.86 65.62 -15.16
CA PHE G 209 -12.48 67.03 -15.28
C PHE G 209 -12.70 67.58 -16.68
N ASN G 210 -12.59 68.91 -16.81
CA ASN G 210 -12.72 69.59 -18.08
C ASN G 210 -11.46 70.41 -18.35
N ARG G 211 -11.21 70.75 -19.61
CA ARG G 211 -9.99 71.48 -19.98
C ARG G 211 -9.85 72.81 -19.24
N GLY G 212 -8.90 72.87 -18.31
CA GLY G 212 -8.61 74.10 -17.60
C GLY G 212 -9.27 74.21 -16.24
N GLU G 213 -9.51 75.46 -15.83
CA GLU G 213 -10.12 75.74 -14.52
C GLU G 213 -11.65 75.64 -14.54
N GLU H 1 21.98 20.86 4.22
CA GLU H 1 21.29 21.59 3.16
C GLU H 1 21.61 21.00 1.78
N VAL H 2 20.89 21.45 0.77
CA VAL H 2 21.03 20.93 -0.59
C VAL H 2 20.22 21.75 -1.58
N GLN H 3 20.54 23.05 -1.66
CA GLN H 3 19.75 23.98 -2.45
C GLN H 3 20.20 24.06 -3.91
N LEU H 4 19.42 24.78 -4.73
CA LEU H 4 19.78 25.04 -6.13
C LEU H 4 20.01 26.53 -6.37
N VAL H 5 21.11 26.85 -7.04
CA VAL H 5 21.49 28.22 -7.28
C VAL H 5 21.23 28.64 -8.72
N GLN H 6 20.50 29.74 -8.91
CA GLN H 6 20.22 30.24 -10.25
C GLN H 6 20.93 31.55 -10.56
N SER H 7 21.12 31.84 -11.84
CA SER H 7 21.78 33.08 -12.26
C SER H 7 20.84 34.29 -12.10
N GLY H 8 21.39 35.47 -12.33
CA GLY H 8 20.69 36.71 -12.06
C GLY H 8 19.58 37.10 -13.03
N ALA H 9 19.22 38.37 -13.01
CA ALA H 9 18.15 38.89 -13.85
C ALA H 9 18.69 39.24 -15.24
N GLU H 10 18.02 38.73 -16.25
CA GLU H 10 18.44 38.95 -17.63
C GLU H 10 17.55 39.93 -18.36
N VAL H 11 18.17 40.84 -19.11
CA VAL H 11 17.43 41.77 -19.98
C VAL H 11 17.88 41.57 -21.42
N LYS H 12 16.92 41.24 -22.28
CA LYS H 12 17.22 40.93 -23.66
C LYS H 12 16.28 41.63 -24.63
N LYS H 13 16.83 42.22 -25.69
CA LYS H 13 16.03 42.77 -26.75
C LYS H 13 15.69 41.65 -27.72
N PRO H 14 14.49 41.69 -28.31
CA PRO H 14 13.97 40.63 -29.17
C PRO H 14 14.94 40.26 -30.30
N GLY H 15 15.11 38.96 -30.54
CA GLY H 15 15.97 38.48 -31.60
C GLY H 15 17.31 37.96 -31.10
N SER H 16 17.55 38.12 -29.81
CA SER H 16 18.79 37.64 -29.21
C SER H 16 18.58 36.27 -28.56
N SER H 17 19.63 35.77 -27.91
CA SER H 17 19.55 34.51 -27.18
C SER H 17 20.18 34.63 -25.79
N VAL H 18 19.66 33.86 -24.84
CA VAL H 18 20.16 33.89 -23.47
C VAL H 18 20.26 32.48 -22.89
N LYS H 19 21.31 32.25 -22.11
CA LYS H 19 21.58 30.94 -21.53
C LYS H 19 21.66 31.04 -20.01
N VAL H 20 20.63 30.53 -19.33
CA VAL H 20 20.54 30.60 -17.87
C VAL H 20 21.24 29.42 -17.20
N SER H 21 21.71 29.63 -15.97
CA SER H 21 22.50 28.64 -15.26
C SER H 21 21.74 28.08 -14.08
N CYS H 22 22.30 27.06 -13.44
CA CYS H 22 21.68 26.43 -12.27
C CYS H 22 22.62 25.42 -11.63
N LYS H 23 23.31 25.82 -10.56
CA LYS H 23 24.26 24.97 -9.87
C LYS H 23 23.60 24.14 -8.77
N ALA H 24 24.13 22.95 -8.51
CA ALA H 24 23.65 22.12 -7.42
C ALA H 24 24.64 22.14 -6.24
N SER H 25 24.23 22.78 -5.15
CA SER H 25 25.11 23.04 -4.02
C SER H 25 25.64 21.79 -3.33
N GLY H 26 24.75 20.86 -3.01
CA GLY H 26 25.14 19.65 -2.29
C GLY H 26 24.92 18.37 -3.05
N GLY H 27 24.94 17.25 -2.33
CA GLY H 27 24.66 15.96 -2.91
C GLY H 27 25.61 15.54 -4.01
N THR H 28 25.14 14.69 -4.91
CA THR H 28 25.91 14.27 -6.08
C THR H 28 25.14 14.64 -7.33
N PHE H 29 25.84 15.22 -8.30
CA PHE H 29 25.20 15.74 -9.50
C PHE H 29 24.44 14.70 -10.32
N SER H 30 25.06 13.55 -10.52
CA SER H 30 24.44 12.49 -11.33
C SER H 30 23.12 11.99 -10.75
N ASN H 31 22.83 12.33 -9.50
CA ASN H 31 21.59 11.93 -8.85
C ASN H 31 20.44 12.90 -9.11
N TYR H 32 20.78 14.15 -9.45
CA TYR H 32 19.79 15.17 -9.77
C TYR H 32 19.14 14.92 -11.13
N ALA H 33 17.85 15.24 -11.23
CA ALA H 33 17.18 15.30 -12.53
C ALA H 33 16.58 16.69 -12.67
N ILE H 34 17.36 17.62 -13.23
CA ILE H 34 16.97 19.04 -13.27
C ILE H 34 16.02 19.38 -14.40
N ASN H 35 14.77 19.70 -14.06
CA ASN H 35 13.80 20.14 -15.05
C ASN H 35 13.54 21.63 -14.93
N TRP H 36 13.38 22.31 -16.07
CA TRP H 36 13.16 23.74 -16.06
C TRP H 36 11.68 24.07 -16.16
N VAL H 37 11.23 25.00 -15.33
CA VAL H 37 9.83 25.41 -15.34
C VAL H 37 9.65 26.91 -15.52
N ARG H 38 8.69 27.27 -16.38
CA ARG H 38 8.45 28.66 -16.74
C ARG H 38 7.20 29.20 -16.08
N GLN H 39 7.24 30.47 -15.68
CA GLN H 39 6.06 31.14 -15.17
C GLN H 39 5.95 32.59 -15.68
N ALA H 40 5.03 32.81 -16.60
CA ALA H 40 4.79 34.14 -17.16
C ALA H 40 4.08 35.02 -16.14
N PRO H 41 4.24 36.35 -16.27
CA PRO H 41 3.66 37.31 -15.33
C PRO H 41 2.14 37.15 -15.17
N GLY H 42 1.70 37.00 -13.92
CA GLY H 42 0.28 36.84 -13.62
C GLY H 42 -0.28 35.54 -14.18
N GLN H 43 0.59 34.56 -14.37
CA GLN H 43 0.19 33.30 -14.99
C GLN H 43 0.66 32.09 -14.18
N GLY H 44 0.14 30.92 -14.56
CA GLY H 44 0.43 29.70 -13.83
C GLY H 44 1.76 29.06 -14.21
N LEU H 45 2.03 27.92 -13.60
CA LEU H 45 3.27 27.19 -13.85
C LEU H 45 3.18 26.39 -15.14
N GLU H 46 4.30 26.29 -15.85
CA GLU H 46 4.35 25.56 -17.10
C GLU H 46 5.68 24.83 -17.23
N TRP H 47 5.60 23.53 -17.47
CA TRP H 47 6.82 22.72 -17.61
C TRP H 47 7.46 22.96 -18.97
N MET H 48 8.78 22.81 -19.04
CA MET H 48 9.52 23.13 -20.25
C MET H 48 10.38 21.99 -20.79
N GLY H 49 11.19 21.39 -19.93
CA GLY H 49 12.07 20.31 -20.33
C GLY H 49 12.93 19.85 -19.18
N GLY H 50 13.71 18.81 -19.40
CA GLY H 50 14.56 18.27 -18.35
C GLY H 50 15.48 17.21 -18.88
N ILE H 51 16.43 16.78 -18.04
CA ILE H 51 17.36 15.74 -18.42
C ILE H 51 16.99 14.41 -17.75
N ILE H 52 17.53 13.32 -18.27
CA ILE H 52 17.28 11.99 -17.70
C ILE H 52 18.52 11.50 -16.96
N PRO H 53 18.40 11.32 -15.65
CA PRO H 53 19.49 11.08 -14.69
C PRO H 53 20.63 10.22 -15.22
N ILE H 54 20.33 9.04 -15.73
CA ILE H 54 21.39 8.13 -16.19
C ILE H 54 21.37 7.94 -17.70
N PHE H 55 21.03 9.00 -18.42
CA PHE H 55 20.98 8.95 -19.88
C PHE H 55 21.75 10.08 -20.55
N ASN H 56 21.75 11.26 -19.92
CA ASN H 56 22.21 12.49 -20.58
C ASN H 56 21.17 12.97 -21.59
N ILE H 57 20.10 12.21 -21.73
CA ILE H 57 19.03 12.56 -22.66
C ILE H 57 18.25 13.76 -22.16
N ALA H 58 17.98 14.70 -23.05
CA ALA H 58 17.21 15.88 -22.67
C ALA H 58 15.94 15.96 -23.51
N HIS H 59 14.79 15.83 -22.85
CA HIS H 59 13.53 15.95 -23.58
C HIS H 59 12.75 17.21 -23.21
N TYR H 60 12.06 17.78 -24.19
CA TYR H 60 11.32 19.03 -24.01
C TYR H 60 9.85 18.88 -24.42
N ALA H 61 8.99 19.77 -23.94
CA ALA H 61 7.58 19.78 -24.32
C ALA H 61 7.46 20.14 -25.79
N GLN H 62 6.39 19.70 -26.45
CA GLN H 62 6.23 19.96 -27.86
C GLN H 62 6.24 21.46 -28.17
N ARG H 63 5.69 22.25 -27.27
CA ARG H 63 5.64 23.71 -27.44
C ARG H 63 7.03 24.32 -27.64
N PHE H 64 8.03 23.72 -26.98
CA PHE H 64 9.39 24.25 -27.00
C PHE H 64 10.38 23.28 -27.64
N GLN H 65 10.00 22.67 -28.76
CA GLN H 65 10.85 21.68 -29.41
C GLN H 65 12.12 22.29 -30.01
N GLY H 66 11.94 23.09 -31.06
CA GLY H 66 13.08 23.69 -31.75
C GLY H 66 13.32 25.12 -31.34
N ARG H 67 13.55 25.33 -30.05
CA ARG H 67 13.78 26.67 -29.52
C ARG H 67 14.63 26.64 -28.25
N VAL H 68 14.54 25.52 -27.53
CA VAL H 68 15.26 25.37 -26.27
C VAL H 68 16.25 24.22 -26.34
N SER H 69 17.39 24.40 -25.67
CA SER H 69 18.38 23.33 -25.57
C SER H 69 18.96 23.25 -24.16
N ILE H 70 18.61 22.20 -23.44
CA ILE H 70 19.09 22.00 -22.08
C ILE H 70 20.32 21.11 -22.03
N THR H 71 21.40 21.67 -21.49
CA THR H 71 22.68 20.95 -21.42
C THR H 71 23.13 20.78 -19.97
N ALA H 72 24.05 19.86 -19.76
CA ALA H 72 24.56 19.61 -18.41
C ALA H 72 26.08 19.64 -18.40
N ASP H 73 26.64 20.46 -17.52
CA ASP H 73 28.08 20.62 -17.41
C ASP H 73 28.62 19.87 -16.21
N GLU H 74 29.13 18.65 -16.45
CA GLU H 74 29.61 17.78 -15.38
C GLU H 74 30.75 18.39 -14.56
N SER H 75 31.70 19.00 -15.25
CA SER H 75 32.88 19.60 -14.64
C SER H 75 32.52 20.55 -13.50
N THR H 76 31.74 21.58 -13.81
CA THR H 76 31.37 22.60 -12.83
C THR H 76 30.09 22.24 -12.09
N SER H 77 29.50 21.10 -12.43
CA SER H 77 28.28 20.64 -11.80
C SER H 77 27.15 21.65 -11.95
N THR H 78 26.94 22.12 -13.18
CA THR H 78 25.96 23.14 -13.49
C THR H 78 25.09 22.73 -14.68
N ALA H 79 23.81 23.09 -14.65
CA ALA H 79 22.93 22.81 -15.78
C ALA H 79 22.54 24.08 -16.50
N TYR H 80 22.51 24.02 -17.83
CA TYR H 80 22.21 25.20 -18.63
C TYR H 80 20.98 25.01 -19.51
N MET H 81 20.27 26.09 -19.77
CA MET H 81 19.11 26.07 -20.64
C MET H 81 19.09 27.32 -21.48
N GLU H 82 19.57 27.19 -22.71
CA GLU H 82 19.59 28.30 -23.67
C GLU H 82 18.24 28.43 -24.36
N LEU H 83 17.90 29.66 -24.74
CA LEU H 83 16.66 29.91 -25.45
C LEU H 83 16.91 30.82 -26.67
N SER H 84 16.60 30.31 -27.85
CA SER H 84 16.93 30.99 -29.09
C SER H 84 15.74 31.76 -29.69
N SER H 85 16.04 32.81 -30.45
CA SER H 85 15.00 33.60 -31.11
C SER H 85 14.02 34.19 -30.11
N LEU H 86 14.41 35.29 -29.46
CA LEU H 86 13.60 35.86 -28.39
C LEU H 86 12.51 36.81 -28.87
N ARG H 87 11.29 36.59 -28.39
CA ARG H 87 10.19 37.51 -28.67
C ARG H 87 9.66 38.12 -27.38
N SER H 88 8.61 38.91 -27.52
CA SER H 88 8.03 39.64 -26.39
C SER H 88 7.24 38.75 -25.43
N GLU H 89 6.67 37.66 -25.94
CA GLU H 89 5.81 36.78 -25.15
C GLU H 89 6.57 35.88 -24.19
N ASP H 90 7.87 35.75 -24.41
CA ASP H 90 8.66 34.82 -23.59
C ASP H 90 9.13 35.45 -22.29
N THR H 91 8.78 36.71 -22.08
CA THR H 91 9.06 37.37 -20.81
C THR H 91 8.47 36.55 -19.68
N ALA H 92 9.33 35.94 -18.88
CA ALA H 92 8.89 35.03 -17.83
C ALA H 92 9.99 34.75 -16.80
N VAL H 93 9.65 33.92 -15.82
CA VAL H 93 10.62 33.48 -14.81
C VAL H 93 10.89 31.99 -14.97
N PHE H 94 12.16 31.61 -14.90
CA PHE H 94 12.53 30.23 -15.17
C PHE H 94 13.20 29.56 -13.98
N TYR H 95 12.43 28.76 -13.26
CA TYR H 95 12.95 28.00 -12.12
C TYR H 95 13.59 26.70 -12.59
N CYS H 96 14.61 26.24 -11.89
CA CYS H 96 15.13 24.90 -12.11
C CYS H 96 14.80 23.99 -10.93
N ALA H 97 13.77 23.18 -11.10
CA ALA H 97 13.33 22.25 -10.08
C ALA H 97 13.99 20.88 -10.27
N SER H 98 13.96 20.06 -9.21
CA SER H 98 14.60 18.74 -9.24
C SER H 98 14.24 17.88 -8.03
N PRO H 99 13.80 16.63 -8.27
CA PRO H 99 13.49 15.66 -7.22
C PRO H 99 14.73 15.41 -6.38
N TYR H 100 14.55 15.26 -5.06
CA TYR H 100 15.68 15.09 -4.15
C TYR H 100 16.66 14.03 -4.68
N PRO H 101 17.96 14.33 -4.62
CA PRO H 101 19.05 13.43 -5.04
C PRO H 101 19.21 12.21 -4.14
N ASN H 102 18.49 11.12 -4.43
CA ASN H 102 18.68 9.88 -3.69
C ASN H 102 19.87 9.12 -4.25
N ASP H 103 20.77 8.68 -3.39
CA ASP H 103 21.99 8.00 -3.84
C ASP H 103 21.67 6.83 -4.76
N ASN H 105 22.86 4.06 -5.10
CA ASN H 105 22.83 2.80 -4.38
C ASN H 105 21.78 2.82 -3.27
N ASP H 106 20.51 2.81 -3.67
CA ASP H 106 19.42 2.97 -2.72
C ASP H 106 18.16 2.25 -3.20
N ALA H 108 14.45 1.14 -4.15
CA ALA H 108 13.48 1.93 -4.89
C ALA H 108 12.30 2.41 -4.05
N PRO H 109 11.82 3.63 -4.31
CA PRO H 109 10.64 4.17 -3.63
C PRO H 109 9.38 3.45 -4.11
N GLU H 110 8.22 3.84 -3.61
CA GLU H 110 6.97 3.24 -4.07
C GLU H 110 6.45 3.96 -5.31
N GLU H 111 6.96 5.16 -5.58
CA GLU H 111 6.60 5.91 -6.77
C GLU H 111 7.33 5.38 -7.98
N GLY H 112 8.33 4.53 -7.75
CA GLY H 112 9.18 3.99 -8.81
C GLY H 112 10.26 4.98 -9.20
N MET H 113 9.85 6.07 -9.85
CA MET H 113 10.73 7.20 -10.13
C MET H 113 10.00 8.48 -9.73
N SER H 114 10.73 9.37 -9.07
CA SER H 114 10.14 10.60 -8.55
C SER H 114 10.17 11.70 -9.60
N TRP H 115 9.01 12.03 -10.15
CA TRP H 115 8.91 13.08 -11.14
C TRP H 115 8.33 14.35 -10.54
N TYR H 116 8.17 14.35 -9.22
CA TYR H 116 7.75 15.57 -8.52
C TYR H 116 8.98 16.39 -8.15
N PHE H 117 8.82 17.70 -8.07
CA PHE H 117 9.95 18.58 -7.85
C PHE H 117 10.13 19.01 -6.40
N ASP H 118 11.18 18.48 -5.79
CA ASP H 118 11.47 18.72 -4.39
C ASP H 118 12.23 20.03 -4.17
N LEU H 119 13.21 20.32 -5.02
CA LEU H 119 14.07 21.49 -4.88
C LEU H 119 13.83 22.51 -5.99
N TRP H 120 13.80 23.79 -5.64
CA TRP H 120 13.52 24.84 -6.62
C TRP H 120 14.57 25.94 -6.63
N GLY H 121 14.96 26.37 -7.83
CA GLY H 121 15.82 27.52 -7.99
C GLY H 121 15.12 28.76 -7.47
N ARG H 122 15.90 29.75 -7.05
CA ARG H 122 15.33 30.94 -6.44
C ARG H 122 14.47 31.76 -7.40
N GLY H 123 14.72 31.65 -8.70
CA GLY H 123 13.97 32.39 -9.70
C GLY H 123 14.85 33.25 -10.59
N THR H 124 14.65 33.14 -11.91
CA THR H 124 15.43 33.90 -12.87
C THR H 124 14.53 34.62 -13.87
N LEU H 125 14.28 35.92 -13.62
CA LEU H 125 13.41 36.69 -14.48
C LEU H 125 14.12 37.10 -15.76
N VAL H 126 13.43 36.95 -16.88
CA VAL H 126 13.98 37.32 -18.18
C VAL H 126 12.99 38.21 -18.95
N THR H 127 13.30 39.51 -19.03
CA THR H 127 12.44 40.45 -19.74
C THR H 127 12.95 40.75 -21.16
N VAL H 128 12.04 40.65 -22.13
CA VAL H 128 12.38 40.93 -23.52
C VAL H 128 11.82 42.27 -23.97
N SER H 129 12.64 43.31 -23.85
CA SER H 129 12.26 44.64 -24.28
C SER H 129 13.29 45.19 -25.26
N PRO H 130 12.85 46.03 -26.21
CA PRO H 130 13.73 46.65 -27.19
C PRO H 130 14.57 47.75 -26.58
N ALA H 131 13.98 48.49 -25.66
CA ALA H 131 14.64 49.65 -25.09
C ALA H 131 15.84 49.27 -24.22
N SER H 132 16.76 50.23 -24.06
CA SER H 132 17.93 50.04 -23.20
C SER H 132 17.77 50.85 -21.91
N THR H 133 18.78 50.80 -21.05
CA THR H 133 18.68 51.39 -19.72
C THR H 133 18.32 52.88 -19.69
N LYS H 134 17.10 53.17 -19.24
CA LYS H 134 16.60 54.54 -19.14
C LYS H 134 16.38 54.95 -17.69
N GLY H 135 16.61 56.22 -17.39
CA GLY H 135 16.39 56.75 -16.06
C GLY H 135 14.91 56.96 -15.79
N PRO H 136 14.46 56.61 -14.57
CA PRO H 136 13.08 56.80 -14.13
C PRO H 136 12.62 58.25 -14.19
N SER H 137 11.77 58.56 -15.16
CA SER H 137 11.26 59.93 -15.32
C SER H 137 10.15 60.24 -14.31
N VAL H 138 10.48 61.08 -13.33
CA VAL H 138 9.55 61.41 -12.25
C VAL H 138 8.65 62.59 -12.60
N PHE H 139 7.40 62.52 -12.18
CA PHE H 139 6.45 63.61 -12.38
C PHE H 139 5.70 63.92 -11.09
N PRO H 140 5.25 65.17 -10.93
CA PRO H 140 4.53 65.61 -9.73
C PRO H 140 3.05 65.22 -9.73
N LEU H 141 2.43 65.27 -8.56
CA LEU H 141 1.00 65.05 -8.41
C LEU H 141 0.45 65.84 -7.22
N ALA H 142 -0.42 66.80 -7.49
CA ALA H 142 -0.97 67.67 -6.45
C ALA H 142 -2.42 67.33 -6.12
N PRO H 143 -2.84 67.60 -4.87
CA PRO H 143 -4.23 67.44 -4.42
C PRO H 143 -5.19 68.37 -5.16
N SER H 144 -6.45 67.97 -5.27
CA SER H 144 -7.46 68.76 -5.94
C SER H 144 -8.29 69.57 -4.94
N SER H 145 -8.79 70.73 -5.36
CA SER H 145 -9.56 71.61 -4.51
C SER H 145 -10.99 71.10 -4.30
N LYS H 146 -11.53 70.47 -5.34
CA LYS H 146 -12.87 69.90 -5.28
C LYS H 146 -12.81 68.43 -4.85
N SER H 147 -12.62 68.21 -3.56
CA SER H 147 -12.54 66.84 -3.04
C SER H 147 -13.85 66.41 -2.38
N THR H 148 -14.35 65.25 -2.81
CA THR H 148 -15.56 64.67 -2.25
C THR H 148 -15.40 63.16 -2.05
N SER H 149 -14.51 62.79 -1.14
CA SER H 149 -14.23 61.38 -0.84
C SER H 149 -14.65 61.00 0.58
N GLY H 150 -14.37 61.88 1.53
CA GLY H 150 -14.72 61.66 2.92
C GLY H 150 -13.95 62.56 3.84
N GLY H 151 -13.48 63.68 3.29
CA GLY H 151 -12.66 64.63 4.04
C GLY H 151 -11.18 64.43 3.74
N THR H 152 -10.78 63.17 3.61
CA THR H 152 -9.41 62.83 3.30
C THR H 152 -9.23 62.61 1.79
N ALA H 153 -8.24 63.27 1.21
CA ALA H 153 -7.99 63.15 -0.22
C ALA H 153 -6.82 62.21 -0.51
N ALA H 154 -6.06 62.51 -1.57
CA ALA H 154 -4.92 61.68 -1.94
C ALA H 154 -3.94 62.41 -2.85
N LEU H 155 -2.66 62.37 -2.49
CA LEU H 155 -1.58 62.86 -3.35
C LEU H 155 -0.81 61.67 -3.91
N GLY H 156 0.27 61.94 -4.66
CA GLY H 156 1.07 60.87 -5.21
C GLY H 156 2.30 61.32 -5.97
N CYS H 157 2.95 60.35 -6.61
CA CYS H 157 4.15 60.59 -7.40
C CYS H 157 4.17 59.61 -8.57
N LEU H 158 3.59 60.03 -9.69
CA LEU H 158 3.46 59.15 -10.87
C LEU H 158 4.79 58.96 -11.61
N VAL H 159 5.47 57.85 -11.30
CA VAL H 159 6.74 57.53 -11.95
C VAL H 159 6.50 56.83 -13.28
N LYS H 160 6.90 57.47 -14.37
CA LYS H 160 6.66 56.93 -15.70
C LYS H 160 7.95 56.86 -16.53
N ASP H 161 7.99 55.89 -17.43
CA ASP H 161 9.11 55.75 -18.37
C ASP H 161 10.44 55.43 -17.69
N TYR H 162 10.66 54.14 -17.43
CA TYR H 162 11.92 53.70 -16.84
C TYR H 162 12.18 52.24 -17.19
N PHE H 163 13.40 51.79 -16.97
CA PHE H 163 13.82 50.46 -17.38
C PHE H 163 15.29 50.29 -17.03
N PRO H 164 15.66 49.10 -16.54
CA PRO H 164 14.77 47.98 -16.23
C PRO H 164 14.24 48.03 -14.80
N GLU H 165 13.94 46.86 -14.24
CA GLU H 165 13.46 46.75 -12.86
C GLU H 165 14.61 46.41 -11.91
N PRO H 166 14.42 46.70 -10.60
CA PRO H 166 13.24 47.35 -10.04
C PRO H 166 13.46 48.84 -9.78
N VAL H 167 12.68 49.41 -8.87
CA VAL H 167 12.75 50.84 -8.56
C VAL H 167 11.92 51.18 -7.32
N THR H 168 12.58 51.24 -6.16
CA THR H 168 11.86 51.45 -4.89
C THR H 168 11.46 52.91 -4.67
N VAL H 169 10.17 53.12 -4.38
CA VAL H 169 9.65 54.46 -4.14
C VAL H 169 9.32 54.67 -2.67
N SER H 170 10.35 54.88 -1.86
CA SER H 170 10.15 55.13 -0.44
C SER H 170 9.96 56.62 -0.18
N TRP H 171 9.36 56.96 0.95
CA TRP H 171 9.12 58.34 1.32
C TRP H 171 9.85 58.70 2.62
N ASN H 172 11.01 59.33 2.51
CA ASN H 172 11.79 59.74 3.68
C ASN H 172 12.24 58.57 4.55
N SER H 173 12.42 57.40 3.94
CA SER H 173 12.77 56.18 4.67
C SER H 173 11.68 55.78 5.68
N GLY H 174 10.43 56.01 5.30
CA GLY H 174 9.30 55.75 6.18
C GLY H 174 8.62 57.03 6.64
N ALA H 175 7.75 57.56 5.79
CA ALA H 175 7.04 58.80 6.09
C ALA H 175 5.65 58.50 6.67
N LEU H 176 5.03 57.45 6.17
CA LEU H 176 3.74 56.99 6.67
C LEU H 176 3.52 55.52 6.29
N THR H 177 2.86 54.77 7.18
CA THR H 177 2.60 53.36 6.91
C THR H 177 1.14 53.15 6.52
N SER H 178 0.34 54.22 6.59
CA SER H 178 -1.08 54.15 6.26
C SER H 178 -1.38 54.83 4.94
N GLY H 179 -2.09 54.12 4.06
CA GLY H 179 -2.50 54.66 2.78
C GLY H 179 -1.47 54.55 1.68
N VAL H 180 -0.27 54.10 2.03
CA VAL H 180 0.81 53.96 1.04
C VAL H 180 0.58 52.77 0.12
N HIS H 181 0.34 53.04 -1.15
CA HIS H 181 0.05 52.00 -2.13
C HIS H 181 1.02 52.04 -3.31
N THR H 182 2.21 51.49 -3.11
CA THR H 182 3.21 51.42 -4.19
C THR H 182 2.80 50.34 -5.20
N PHE H 183 2.01 50.74 -6.19
CA PHE H 183 1.50 49.81 -7.19
C PHE H 183 2.63 49.13 -7.96
N PRO H 184 2.32 47.98 -8.57
CA PRO H 184 3.27 47.23 -9.41
C PRO H 184 3.58 48.00 -10.69
N ALA H 185 4.64 47.61 -11.38
CA ALA H 185 5.04 48.27 -12.62
C ALA H 185 4.41 47.57 -13.81
N VAL H 186 4.10 48.34 -14.85
CA VAL H 186 3.49 47.79 -16.06
C VAL H 186 4.22 48.24 -17.33
N LEU H 187 4.26 47.40 -18.34
CA LEU H 187 4.91 47.74 -19.61
C LEU H 187 3.97 48.54 -20.50
N GLN H 188 4.39 49.75 -20.88
CA GLN H 188 3.61 50.59 -21.77
C GLN H 188 3.56 49.97 -23.17
N SER H 189 2.88 50.65 -24.09
CA SER H 189 2.80 50.17 -25.46
C SER H 189 4.19 49.97 -26.05
N SER H 190 5.12 50.85 -25.69
CA SER H 190 6.49 50.76 -26.16
C SER H 190 7.27 49.63 -25.48
N GLY H 191 8.20 49.99 -24.61
CA GLY H 191 8.99 49.01 -23.90
C GLY H 191 9.41 49.49 -22.51
N LEU H 192 8.66 50.45 -21.97
CA LEU H 192 9.02 51.07 -20.69
C LEU H 192 8.17 50.57 -19.52
N TYR H 193 8.19 51.30 -18.42
CA TYR H 193 7.43 50.95 -17.23
C TYR H 193 6.69 52.15 -16.65
N SER H 194 5.72 51.88 -15.78
CA SER H 194 4.90 52.92 -15.18
C SER H 194 4.15 52.44 -13.94
N LEU H 195 4.53 52.97 -12.78
CA LEU H 195 3.83 52.67 -11.53
C LEU H 195 3.17 53.94 -10.99
N SER H 196 2.61 53.87 -9.79
CA SER H 196 1.89 55.02 -9.21
C SER H 196 1.89 55.02 -7.69
N SER H 197 3.01 55.40 -7.08
CA SER H 197 3.14 55.38 -5.63
C SER H 197 2.40 56.55 -4.96
N VAL H 198 1.23 56.27 -4.40
CA VAL H 198 0.43 57.30 -3.74
C VAL H 198 0.29 57.04 -2.23
N VAL H 199 -0.41 57.94 -1.55
CA VAL H 199 -0.60 57.85 -0.10
C VAL H 199 -1.72 58.78 0.37
N THR H 200 -2.44 58.38 1.42
CA THR H 200 -3.52 59.20 1.96
C THR H 200 -3.16 59.78 3.33
N VAL H 201 -3.27 61.10 3.46
CA VAL H 201 -2.97 61.82 4.70
C VAL H 201 -4.07 62.82 5.03
N PRO H 202 -4.16 63.26 6.29
CA PRO H 202 -5.15 64.26 6.73
C PRO H 202 -5.13 65.51 5.86
N SER H 203 -6.29 66.14 5.67
CA SER H 203 -6.39 67.34 4.82
C SER H 203 -5.75 68.56 5.48
N SER H 204 -5.08 68.34 6.61
CA SER H 204 -4.37 69.40 7.30
C SER H 204 -2.85 69.26 7.12
N SER H 205 -2.44 69.01 5.87
CA SER H 205 -1.02 68.88 5.55
C SER H 205 -0.64 69.78 4.36
N LEU H 206 -1.15 71.01 4.38
CA LEU H 206 -0.86 71.99 3.34
C LEU H 206 0.56 72.54 3.49
N GLY H 207 0.88 73.01 4.69
CA GLY H 207 2.19 73.58 4.97
C GLY H 207 2.73 73.27 6.35
N THR H 208 2.04 72.39 7.08
CA THR H 208 2.50 71.97 8.39
C THR H 208 3.53 70.84 8.26
N GLN H 209 3.37 70.03 7.22
CA GLN H 209 4.33 68.96 6.92
C GLN H 209 3.96 68.24 5.63
N THR H 210 4.95 68.04 4.77
CA THR H 210 4.74 67.32 3.51
C THR H 210 5.89 66.33 3.27
N TYR H 211 5.55 65.13 2.81
CA TYR H 211 6.53 64.09 2.59
C TYR H 211 7.14 64.17 1.18
N ILE H 212 8.33 63.60 1.03
CA ILE H 212 9.01 63.56 -0.26
C ILE H 212 9.15 62.11 -0.73
N CYS H 213 8.77 61.84 -1.97
CA CYS H 213 8.85 60.49 -2.52
C CYS H 213 10.22 60.21 -3.15
N ASN H 214 11.19 59.87 -2.31
CA ASN H 214 12.53 59.55 -2.78
C ASN H 214 12.58 58.31 -3.66
N VAL H 215 12.71 58.54 -4.96
CA VAL H 215 12.73 57.46 -5.94
C VAL H 215 14.17 57.10 -6.31
N ASN H 216 14.48 55.81 -6.27
CA ASN H 216 15.82 55.34 -6.60
C ASN H 216 15.81 54.47 -7.85
N HIS H 217 17.00 54.04 -8.27
CA HIS H 217 17.16 53.16 -9.42
C HIS H 217 18.62 52.79 -9.55
N LYS H 218 19.09 51.89 -8.68
CA LYS H 218 20.50 51.52 -8.62
C LYS H 218 21.11 51.04 -9.95
N PRO H 219 20.35 50.27 -10.76
CA PRO H 219 20.84 49.83 -12.08
C PRO H 219 21.33 50.97 -12.98
N SER H 220 20.78 52.17 -12.82
CA SER H 220 21.27 53.35 -13.53
C SER H 220 21.63 54.48 -12.58
N ASN H 221 21.71 54.14 -11.28
CA ASN H 221 22.05 55.07 -10.21
C ASN H 221 21.34 56.43 -10.22
N THR H 222 20.15 56.45 -10.79
CA THR H 222 19.33 57.66 -10.86
C THR H 222 18.58 57.86 -9.56
N LYS H 223 18.61 59.08 -9.03
CA LYS H 223 17.87 59.38 -7.81
C LYS H 223 17.00 60.61 -8.00
N VAL H 224 15.92 60.71 -7.23
CA VAL H 224 15.01 61.85 -7.31
C VAL H 224 14.47 62.25 -5.94
N ASP H 225 14.59 63.54 -5.63
CA ASP H 225 14.07 64.07 -4.37
C ASP H 225 12.88 64.99 -4.63
N LYS H 226 11.92 64.49 -5.40
CA LYS H 226 10.75 65.27 -5.79
C LYS H 226 9.83 65.56 -4.59
N LYS H 227 9.77 66.83 -4.20
CA LYS H 227 8.93 67.24 -3.08
C LYS H 227 7.49 67.42 -3.53
N VAL H 228 6.56 66.78 -2.82
CA VAL H 228 5.14 66.86 -3.16
C VAL H 228 4.60 68.26 -2.90
N GLU H 229 4.02 68.87 -3.93
CA GLU H 229 3.53 70.25 -3.85
C GLU H 229 2.04 70.36 -4.16
N PRO H 230 1.23 70.69 -3.15
CA PRO H 230 -0.23 70.79 -3.23
C PRO H 230 -0.73 71.98 -4.06
N LYS H 231 -2.04 72.02 -4.30
CA LYS H 231 -2.69 73.17 -4.92
C LYS H 231 -4.15 73.25 -4.47
#